data_7XJT
#
_entry.id   7XJT
#
_cell.length_a   130.061
_cell.length_b   130.061
_cell.length_c   329.326
_cell.angle_alpha   90.000
_cell.angle_beta   90.000
_cell.angle_gamma   120.000
#
_symmetry.space_group_name_H-M   'H 3'
#
loop_
_entity.id
_entity.type
_entity.pdbx_description
1 polymer 'Ornithine carbamoyltransferases'
2 non-polymer 'SULFATE ION'
3 water water
#
_entity_poly.entity_id   1
_entity_poly.type   'polypeptide(L)'
_entity_poly.pdbx_seq_one_letter_code
;MSFNLHNRDLLSLMHHSERELTYLLDMARDLKRAKYSGTEQKHLLGKNIALIFEKTSTRTRCAFEVAAYDQGANVTFIGP
NSSQIGYKESMKDTARVLSRMYDAIEYRGFGQEIVNELAEYADIPVFNGLTNEFHPTQMLADVMTMREHTDKSTHQIKYA
YFGDARNNMGRSLYLMGAKMGMDVRLCAPKDLWPEADFLATCADFAKESGARLTITDDVKTAAKDVDFVHTDVWVSMGEP
IESWAERIDALMAYQVNMDLIKATGNPRVKFMHCLPAFHNSDTEVGKKITEKYPQLADGIEVTEEVFESPYNIAFEQAEN
RMHTIKAVLVSALGNI
;
_entity_poly.pdbx_strand_id   A,B,C,D
#
loop_
_chem_comp.id
_chem_comp.type
_chem_comp.name
_chem_comp.formula
SO4 non-polymer 'SULFATE ION' 'O4 S -2'
#
# COMPACT_ATOMS: atom_id res chain seq x y z
N ARG A 8 9.89 2.03 50.65
CA ARG A 8 10.57 3.24 51.19
C ARG A 8 10.54 3.15 52.74
N ASP A 9 9.52 3.75 53.39
CA ASP A 9 9.31 3.74 54.86
C ASP A 9 8.52 2.47 55.24
N LEU A 10 9.10 1.28 54.98
CA LEU A 10 8.68 -0.01 55.58
C LEU A 10 9.86 -0.69 56.30
N LEU A 11 10.92 0.07 56.60
CA LEU A 11 12.00 -0.31 57.56
C LEU A 11 11.58 0.12 58.98
N SER A 12 10.48 0.89 59.10
CA SER A 12 9.77 1.24 60.37
C SER A 12 8.76 0.14 60.75
N LEU A 13 8.15 -0.46 59.72
CA LEU A 13 7.18 -1.58 59.78
C LEU A 13 7.91 -2.90 60.03
N MET A 14 9.24 -2.92 59.92
CA MET A 14 10.02 -4.16 60.07
C MET A 14 10.47 -4.31 61.53
N HIS A 15 10.72 -3.20 62.23
CA HIS A 15 11.23 -3.22 63.63
C HIS A 15 10.08 -3.49 64.60
N HIS A 16 8.83 -3.38 64.18
CA HIS A 16 7.65 -3.62 65.04
C HIS A 16 7.40 -5.12 65.13
N SER A 17 7.12 -5.67 66.31
CA SER A 17 6.72 -7.08 66.55
C SER A 17 5.23 -7.29 66.25
N GLU A 18 4.83 -8.54 66.01
CA GLU A 18 3.40 -8.91 65.94
C GLU A 18 2.62 -8.32 67.13
N ARG A 19 3.19 -8.36 68.34
CA ARG A 19 2.47 -7.95 69.58
C ARG A 19 2.33 -6.41 69.58
N GLU A 20 3.36 -5.64 69.21
CA GLU A 20 3.26 -4.18 69.03
C GLU A 20 2.19 -3.81 67.99
N LEU A 21 2.27 -4.34 66.78
CA LEU A 21 1.26 -4.05 65.74
C LEU A 21 -0.15 -4.42 66.21
N THR A 22 -0.28 -5.40 67.09
CA THR A 22 -1.61 -5.92 67.51
C THR A 22 -2.18 -4.92 68.53
N TYR A 23 -1.30 -4.25 69.26
CA TYR A 23 -1.68 -3.22 70.25
C TYR A 23 -2.37 -2.07 69.50
N LEU A 24 -1.78 -1.58 68.41
CA LEU A 24 -2.38 -0.51 67.57
C LEU A 24 -3.68 -1.01 66.93
N LEU A 25 -3.74 -2.27 66.48
CA LEU A 25 -4.96 -2.76 65.77
C LEU A 25 -6.10 -2.81 66.78
N ASP A 26 -5.79 -3.15 68.04
CA ASP A 26 -6.78 -3.21 69.15
C ASP A 26 -7.23 -1.79 69.49
N MET A 27 -6.30 -0.85 69.64
CA MET A 27 -6.65 0.56 69.96
C MET A 27 -7.54 1.13 68.83
N ALA A 28 -7.15 0.94 67.59
CA ALA A 28 -8.00 1.36 66.47
C ALA A 28 -9.35 0.64 66.59
N ARG A 29 -9.41 -0.65 66.87
CA ARG A 29 -10.72 -1.37 66.83
C ARG A 29 -11.62 -0.75 67.90
N ASP A 30 -11.09 -0.56 69.10
CA ASP A 30 -11.85 0.00 70.27
C ASP A 30 -12.18 1.48 70.02
N LEU A 31 -11.29 2.30 69.49
CA LEU A 31 -11.58 3.73 69.24
C LEU A 31 -12.73 3.84 68.27
N LYS A 32 -12.73 3.00 67.25
CA LYS A 32 -13.83 2.94 66.23
C LYS A 32 -15.11 2.52 66.92
N ARG A 33 -15.03 1.62 67.88
CA ARG A 33 -16.26 1.13 68.51
C ARG A 33 -16.84 2.23 69.42
N ALA A 34 -15.98 2.89 70.19
CA ALA A 34 -16.29 4.07 71.03
C ALA A 34 -16.97 5.18 70.19
N LYS A 35 -16.44 5.54 69.04
CA LYS A 35 -17.10 6.61 68.25
C LYS A 35 -18.49 6.15 67.82
N TYR A 36 -18.65 4.89 67.43
CA TYR A 36 -19.91 4.38 66.86
C TYR A 36 -20.93 4.33 68.01
N SER A 37 -20.53 3.97 69.23
CA SER A 37 -21.45 3.87 70.41
C SER A 37 -21.49 5.17 71.24
N GLY A 38 -20.87 6.26 70.77
CA GLY A 38 -20.69 7.53 71.50
C GLY A 38 -20.10 7.39 72.90
N THR A 39 -19.13 6.51 73.14
CA THR A 39 -18.37 6.39 74.42
C THR A 39 -16.94 6.97 74.31
N GLU A 40 -16.63 7.72 73.26
CA GLU A 40 -15.25 8.19 72.95
C GLU A 40 -14.93 9.35 73.90
N GLN A 41 -13.96 9.16 74.79
CA GLN A 41 -13.37 10.21 75.64
C GLN A 41 -12.30 10.90 74.81
N LYS A 42 -12.26 12.23 74.92
CA LYS A 42 -11.21 13.09 74.34
C LYS A 42 -9.96 12.97 75.22
N HIS A 43 -8.85 12.51 74.67
CA HIS A 43 -7.53 12.45 75.37
C HIS A 43 -6.55 13.46 74.80
N LEU A 44 -6.87 14.18 73.72
CA LEU A 44 -5.97 15.20 73.13
C LEU A 44 -6.58 16.59 73.34
N LEU A 45 -7.46 16.74 74.32
CA LEU A 45 -8.11 18.02 74.69
C LEU A 45 -7.03 19.09 74.87
N GLY A 46 -7.09 20.19 74.10
CA GLY A 46 -6.22 21.36 74.31
C GLY A 46 -4.86 21.25 73.61
N LYS A 47 -4.56 20.11 73.00
CA LYS A 47 -3.37 19.89 72.18
C LYS A 47 -3.54 20.60 70.86
N ASN A 48 -2.46 21.19 70.37
CA ASN A 48 -2.41 21.83 69.05
C ASN A 48 -1.45 21.00 68.20
N ILE A 49 -1.83 20.71 66.96
CA ILE A 49 -1.12 19.83 66.00
C ILE A 49 -0.98 20.58 64.68
N ALA A 50 0.21 20.62 64.10
CA ALA A 50 0.46 21.25 62.80
C ALA A 50 0.47 20.15 61.76
N LEU A 51 -0.16 20.42 60.64
CA LEU A 51 -0.33 19.43 59.58
C LEU A 51 0.31 20.11 58.39
N ILE A 52 1.54 19.72 58.05
CA ILE A 52 2.39 20.45 57.06
C ILE A 52 2.61 19.53 55.86
N PHE A 53 2.00 19.90 54.75
CA PHE A 53 1.87 19.07 53.52
C PHE A 53 2.58 19.81 52.37
N GLU A 54 3.51 19.14 51.67
CA GLU A 54 4.21 19.60 50.43
C GLU A 54 3.24 19.58 49.23
N LYS A 55 2.41 18.52 49.10
CA LYS A 55 1.37 18.35 48.05
C LYS A 55 -0.03 18.39 48.68
N THR A 56 -1.06 18.78 47.93
CA THR A 56 -2.47 18.72 48.37
C THR A 56 -2.85 17.25 48.34
N SER A 57 -3.67 16.80 49.29
CA SER A 57 -3.96 15.37 49.55
C SER A 57 -5.15 15.27 50.49
N THR A 58 -6.33 15.60 49.97
CA THR A 58 -7.47 15.97 50.80
C THR A 58 -8.02 14.76 51.58
N ARG A 59 -7.80 13.53 51.13
CA ARG A 59 -8.35 12.31 51.80
C ARG A 59 -7.59 12.02 53.09
N THR A 60 -6.27 12.11 53.07
CA THR A 60 -5.48 11.77 54.29
C THR A 60 -5.36 13.01 55.18
N ARG A 61 -5.44 14.22 54.62
CA ARG A 61 -5.62 15.43 55.46
C ARG A 61 -6.89 15.27 56.31
N CYS A 62 -8.01 14.91 55.68
CA CYS A 62 -9.28 14.86 56.38
C CYS A 62 -9.21 13.79 57.42
N ALA A 63 -8.64 12.66 57.07
CA ALA A 63 -8.54 11.53 58.03
C ALA A 63 -7.80 12.04 59.27
N PHE A 64 -6.76 12.81 59.08
CA PHE A 64 -5.96 13.35 60.20
C PHE A 64 -6.81 14.35 60.98
N GLU A 65 -7.43 15.32 60.30
CA GLU A 65 -8.21 16.37 61.01
C GLU A 65 -9.28 15.74 61.87
N VAL A 66 -10.00 14.75 61.33
CA VAL A 66 -11.17 14.16 62.02
C VAL A 66 -10.65 13.34 63.21
N ALA A 67 -9.61 12.58 63.01
CA ALA A 67 -9.02 11.88 64.18
C ALA A 67 -8.76 12.90 65.29
N ALA A 68 -8.05 13.98 64.99
CA ALA A 68 -7.64 15.04 65.93
C ALA A 68 -8.87 15.72 66.58
N TYR A 69 -9.87 16.11 65.81
CA TYR A 69 -11.07 16.80 66.37
C TYR A 69 -11.90 15.85 67.25
N ASP A 70 -12.16 14.62 66.84
CA ASP A 70 -12.84 13.66 67.75
C ASP A 70 -12.10 13.56 69.08
N GLN A 71 -10.77 13.69 69.09
CA GLN A 71 -10.00 13.53 70.35
C GLN A 71 -9.76 14.88 71.06
N GLY A 72 -10.33 15.98 70.57
CA GLY A 72 -10.43 17.24 71.32
C GLY A 72 -9.31 18.21 70.95
N ALA A 73 -8.57 17.93 69.89
CA ALA A 73 -7.34 18.65 69.52
C ALA A 73 -7.72 19.77 68.57
N ASN A 74 -6.80 20.72 68.35
CA ASN A 74 -6.92 21.75 67.31
C ASN A 74 -5.93 21.44 66.21
N VAL A 75 -6.12 21.99 65.03
CA VAL A 75 -5.25 21.68 63.87
C VAL A 75 -4.96 22.95 63.09
N THR A 76 -3.72 23.12 62.66
CA THR A 76 -3.32 24.13 61.68
C THR A 76 -2.86 23.41 60.42
N PHE A 77 -3.66 23.40 59.37
CA PHE A 77 -3.26 22.83 58.09
C PHE A 77 -2.39 23.85 57.33
N ILE A 78 -1.20 23.45 56.92
CA ILE A 78 -0.32 24.27 56.03
C ILE A 78 -0.07 23.49 54.73
N GLY A 79 -0.70 23.90 53.64
CA GLY A 79 -0.52 23.26 52.33
C GLY A 79 0.44 24.05 51.47
N PRO A 80 0.78 23.58 50.24
CA PRO A 80 1.60 24.38 49.31
C PRO A 80 0.94 25.72 48.94
N ASN A 81 -0.38 25.71 48.83
CA ASN A 81 -1.33 26.86 48.76
C ASN A 81 -0.93 28.02 49.70
N SER A 82 -0.63 27.73 50.97
CA SER A 82 -0.68 28.65 52.14
C SER A 82 0.71 28.95 52.72
N SER A 83 1.76 28.36 52.14
CA SER A 83 3.17 28.33 52.62
C SER A 83 4.13 28.52 51.44
N GLN A 84 5.37 28.89 51.73
CA GLN A 84 6.51 28.82 50.78
C GLN A 84 7.71 28.24 51.53
N ILE A 85 7.47 27.15 52.26
CA ILE A 85 8.47 26.46 53.11
C ILE A 85 9.63 26.00 52.21
N GLY A 86 10.86 26.40 52.54
CA GLY A 86 12.06 26.03 51.77
C GLY A 86 12.52 27.12 50.81
N TYR A 87 11.75 28.23 50.66
CA TYR A 87 12.00 29.39 49.76
C TYR A 87 13.01 30.40 50.37
N LYS A 88 12.61 31.28 51.30
CA LYS A 88 13.48 32.21 52.08
C LYS A 88 13.91 31.57 53.41
N GLU A 89 13.13 30.61 53.95
CA GLU A 89 13.39 30.04 55.30
C GLU A 89 13.60 28.54 55.19
N SER A 90 14.65 28.00 55.81
CA SER A 90 14.94 26.55 55.77
C SER A 90 13.71 25.79 56.27
N MET A 91 13.50 24.57 55.84
CA MET A 91 12.46 23.73 56.50
C MET A 91 12.93 23.48 57.93
N LYS A 92 14.25 23.30 58.07
CA LYS A 92 14.90 23.10 59.38
C LYS A 92 14.49 24.24 60.35
N ASP A 93 14.54 25.50 59.91
CA ASP A 93 14.32 26.67 60.80
C ASP A 93 12.83 26.67 61.20
N THR A 94 11.93 26.45 60.24
CA THR A 94 10.46 26.64 60.39
C THR A 94 9.97 25.58 61.39
N ALA A 95 10.38 24.32 61.20
CA ALA A 95 10.11 23.20 62.12
C ALA A 95 10.55 23.52 63.54
N ARG A 96 11.70 24.17 63.71
CA ARG A 96 12.28 24.39 65.06
C ARG A 96 11.48 25.46 65.77
N VAL A 97 10.95 26.45 65.04
CA VAL A 97 9.95 27.41 65.59
C VAL A 97 8.63 26.66 65.91
N LEU A 98 8.08 25.89 64.96
CA LEU A 98 6.73 25.31 65.17
C LEU A 98 6.81 24.26 66.29
N SER A 99 7.91 23.54 66.41
CA SER A 99 8.07 22.52 67.47
C SER A 99 7.99 23.20 68.83
N ARG A 100 8.16 24.51 68.95
CA ARG A 100 8.04 25.11 70.31
C ARG A 100 6.62 25.61 70.59
N MET A 101 5.80 25.73 69.55
CA MET A 101 4.41 26.19 69.65
C MET A 101 3.45 25.00 69.67
N TYR A 102 3.62 23.96 68.82
CA TYR A 102 2.70 22.81 68.67
C TYR A 102 3.16 21.60 69.50
N ASP A 103 2.20 20.76 69.87
CA ASP A 103 2.38 19.56 70.74
C ASP A 103 2.75 18.39 69.89
N ALA A 104 2.54 18.49 68.58
CA ALA A 104 2.87 17.46 67.58
C ALA A 104 2.89 18.10 66.21
N ILE A 105 3.73 17.60 65.30
CA ILE A 105 3.79 18.11 63.92
C ILE A 105 3.76 16.90 63.00
N GLU A 106 3.20 17.07 61.81
CA GLU A 106 3.07 15.97 60.86
C GLU A 106 3.49 16.49 59.51
N TYR A 107 4.55 15.88 58.98
CA TYR A 107 5.23 16.22 57.70
C TYR A 107 4.91 15.14 56.69
N ARG A 108 4.16 15.50 55.64
CA ARG A 108 3.89 14.60 54.51
C ARG A 108 4.46 15.22 53.24
N GLY A 109 5.31 14.44 52.54
CA GLY A 109 6.19 14.87 51.43
C GLY A 109 7.54 15.29 51.97
N PHE A 110 8.36 15.99 51.17
CA PHE A 110 9.64 16.62 51.57
C PHE A 110 10.83 15.62 51.52
N GLY A 111 10.56 14.33 51.22
CA GLY A 111 11.57 13.25 51.29
C GLY A 111 11.84 12.81 52.72
N GLN A 112 12.18 11.53 52.92
CA GLN A 112 12.32 10.87 54.25
C GLN A 112 13.55 11.39 55.02
N GLU A 113 14.42 12.18 54.37
CA GLU A 113 15.81 12.48 54.85
C GLU A 113 15.78 13.56 55.94
N ILE A 114 15.15 14.72 55.67
CA ILE A 114 15.22 15.94 56.52
C ILE A 114 14.25 15.79 57.70
N VAL A 115 13.07 15.19 57.49
CA VAL A 115 12.03 14.96 58.53
C VAL A 115 12.69 14.32 59.76
N ASN A 116 13.65 13.42 59.53
CA ASN A 116 14.48 12.72 60.55
C ASN A 116 15.31 13.76 61.32
N GLU A 117 15.92 14.70 60.59
CA GLU A 117 16.86 15.75 61.10
C GLU A 117 16.15 16.54 62.21
N LEU A 118 15.03 17.18 61.86
CA LEU A 118 14.23 18.15 62.69
C LEU A 118 13.39 17.40 63.74
N ALA A 119 13.48 16.07 63.77
CA ALA A 119 12.73 15.15 64.66
C ALA A 119 13.45 15.01 66.01
N GLU A 120 14.77 14.82 66.01
CA GLU A 120 15.56 14.56 67.24
C GLU A 120 15.69 15.87 68.04
N TYR A 121 15.86 17.02 67.36
CA TYR A 121 15.75 18.37 67.99
C TYR A 121 14.46 18.43 68.82
N ALA A 122 13.37 17.97 68.21
CA ALA A 122 11.97 18.21 68.63
C ALA A 122 11.72 17.74 70.07
N ASP A 123 11.31 18.70 70.91
CA ASP A 123 10.84 18.57 72.32
C ASP A 123 9.45 17.88 72.36
N ILE A 124 9.04 17.20 71.27
CA ILE A 124 7.62 16.82 70.97
C ILE A 124 7.59 15.76 69.85
N PRO A 125 6.51 14.96 69.75
CA PRO A 125 6.33 14.02 68.63
C PRO A 125 6.33 14.68 67.24
N VAL A 126 7.09 14.08 66.32
CA VAL A 126 7.18 14.50 64.90
C VAL A 126 6.94 13.25 64.05
N PHE A 127 5.75 13.12 63.47
CA PHE A 127 5.34 11.92 62.71
C PHE A 127 6.01 11.98 61.33
N ASN A 128 6.73 10.90 61.00
CA ASN A 128 7.49 10.74 59.73
C ASN A 128 6.51 10.22 58.67
N GLY A 129 5.80 11.15 57.99
CA GLY A 129 4.88 10.89 56.87
C GLY A 129 3.69 10.02 57.26
N LEU A 130 3.10 10.22 58.44
CA LEU A 130 1.92 9.49 59.02
C LEU A 130 0.69 9.55 58.08
N THR A 131 0.74 10.36 57.03
CA THR A 131 -0.39 10.60 56.11
C THR A 131 0.06 10.25 54.68
N ASN A 132 -0.89 9.91 53.80
CA ASN A 132 -0.75 9.58 52.34
C ASN A 132 0.31 8.49 52.08
N GLU A 133 1.54 8.70 52.57
CA GLU A 133 2.64 7.70 52.60
C GLU A 133 2.06 6.28 52.69
N PHE A 134 2.50 5.37 51.80
CA PHE A 134 2.20 3.91 51.83
C PHE A 134 2.64 3.36 53.20
N HIS A 135 2.20 4.06 54.25
CA HIS A 135 2.71 4.11 55.66
C HIS A 135 2.44 2.76 56.33
N PRO A 136 3.08 2.47 57.50
CA PRO A 136 2.59 1.41 58.39
C PRO A 136 1.11 1.61 58.72
N THR A 137 0.68 2.86 58.87
CA THR A 137 -0.74 3.18 59.18
C THR A 137 -1.59 2.61 58.06
N GLN A 138 -1.19 2.70 56.79
CA GLN A 138 -1.97 2.07 55.69
C GLN A 138 -2.11 0.55 55.92
N MET A 139 -1.03 -0.12 56.32
CA MET A 139 -1.09 -1.58 56.59
C MET A 139 -1.99 -1.89 57.77
N LEU A 140 -1.97 -1.06 58.80
CA LEU A 140 -2.81 -1.29 59.99
C LEU A 140 -4.28 -1.15 59.58
N ALA A 141 -4.63 -0.14 58.79
CA ALA A 141 -6.01 0.06 58.32
C ALA A 141 -6.48 -1.19 57.58
N ASP A 142 -5.69 -1.65 56.62
CA ASP A 142 -5.99 -2.82 55.75
C ASP A 142 -6.17 -4.05 56.62
N VAL A 143 -5.25 -4.33 57.55
CA VAL A 143 -5.35 -5.54 58.41
C VAL A 143 -6.59 -5.44 59.29
N MET A 144 -6.89 -4.22 59.78
CA MET A 144 -8.03 -3.90 60.69
C MET A 144 -9.31 -4.07 59.88
N THR A 145 -9.27 -3.65 58.62
CA THR A 145 -10.43 -3.84 57.72
C THR A 145 -10.68 -5.34 57.54
N MET A 146 -9.64 -6.15 57.32
CA MET A 146 -9.84 -7.59 56.96
C MET A 146 -10.29 -8.33 58.21
N ARG A 147 -9.66 -7.99 59.34
CA ARG A 147 -9.94 -8.57 60.67
C ARG A 147 -11.39 -8.32 61.00
N GLU A 148 -11.90 -7.13 60.66
CA GLU A 148 -13.27 -6.67 61.02
C GLU A 148 -14.28 -7.46 60.20
N HIS A 149 -13.97 -7.76 58.93
CA HIS A 149 -14.97 -8.30 57.98
C HIS A 149 -15.08 -9.83 58.04
N THR A 150 -14.02 -10.55 58.47
CA THR A 150 -13.99 -12.03 58.56
C THR A 150 -14.32 -12.51 59.97
N ASP A 151 -14.21 -11.62 60.96
CA ASP A 151 -14.56 -11.84 62.40
C ASP A 151 -13.82 -13.11 62.88
N LYS A 152 -12.70 -13.43 62.26
CA LYS A 152 -11.90 -14.64 62.60
C LYS A 152 -10.44 -14.20 62.86
N SER A 153 -9.66 -15.06 63.49
CA SER A 153 -8.28 -14.78 63.97
C SER A 153 -7.46 -14.18 62.82
N THR A 154 -6.53 -13.28 63.10
CA THR A 154 -5.82 -12.55 62.02
C THR A 154 -5.07 -13.59 61.17
N HIS A 155 -4.39 -14.53 61.83
CA HIS A 155 -3.38 -15.44 61.21
C HIS A 155 -4.09 -16.37 60.22
N GLN A 156 -5.40 -16.56 60.37
CA GLN A 156 -6.28 -17.40 59.51
C GLN A 156 -6.74 -16.66 58.24
N ILE A 157 -6.39 -15.38 58.07
CA ILE A 157 -6.98 -14.52 57.00
C ILE A 157 -6.21 -14.75 55.69
N LYS A 158 -6.94 -14.95 54.59
CA LYS A 158 -6.31 -15.19 53.26
C LYS A 158 -6.57 -13.98 52.37
N TYR A 159 -5.52 -13.40 51.80
CA TYR A 159 -5.64 -12.28 50.83
C TYR A 159 -4.57 -12.38 49.75
N ALA A 160 -4.82 -11.71 48.62
CA ALA A 160 -3.84 -11.50 47.51
C ALA A 160 -3.84 -10.05 46.99
N TYR A 161 -2.66 -9.58 46.60
CA TYR A 161 -2.39 -8.36 45.79
C TYR A 161 -2.17 -8.77 44.32
N PHE A 162 -2.89 -8.12 43.40
CA PHE A 162 -2.71 -8.22 41.93
C PHE A 162 -2.19 -6.90 41.34
N GLY A 163 -1.06 -6.96 40.61
CA GLY A 163 -0.58 -5.93 39.68
C GLY A 163 0.94 -5.87 39.72
N ASP A 164 1.53 -4.73 40.08
CA ASP A 164 2.99 -4.58 40.11
C ASP A 164 3.46 -4.91 41.53
N ALA A 165 3.78 -6.16 41.76
CA ALA A 165 4.23 -6.63 43.10
C ALA A 165 5.41 -5.81 43.60
N ARG A 166 6.12 -5.06 42.76
CA ARG A 166 7.34 -4.30 43.16
C ARG A 166 6.96 -2.97 43.84
N ASN A 167 5.70 -2.53 43.75
CA ASN A 167 5.35 -1.18 44.26
C ASN A 167 4.97 -1.27 45.74
N ASN A 168 4.90 -0.12 46.41
CA ASN A 168 4.91 -0.02 47.90
C ASN A 168 3.73 -0.83 48.49
N MET A 169 2.55 -0.79 47.92
CA MET A 169 1.42 -1.52 48.52
C MET A 169 1.71 -3.02 48.51
N GLY A 170 2.28 -3.51 47.41
CA GLY A 170 2.60 -4.94 47.23
C GLY A 170 3.63 -5.35 48.26
N ARG A 171 4.83 -4.77 48.20
CA ARG A 171 5.87 -5.04 49.23
C ARG A 171 5.25 -4.97 50.65
N SER A 172 4.48 -3.91 50.95
CA SER A 172 3.94 -3.62 52.31
C SER A 172 2.92 -4.69 52.67
N LEU A 173 2.01 -5.06 51.77
CA LEU A 173 0.96 -6.03 52.12
C LEU A 173 1.56 -7.43 52.37
N TYR A 174 2.74 -7.70 51.80
CA TYR A 174 3.48 -9.00 51.87
C TYR A 174 4.24 -9.03 53.20
N LEU A 175 5.00 -7.97 53.46
CA LEU A 175 5.77 -7.84 54.74
C LEU A 175 4.78 -7.89 55.91
N MET A 176 3.64 -7.24 55.76
CA MET A 176 2.61 -7.19 56.82
C MET A 176 2.11 -8.61 57.03
N GLY A 177 1.63 -9.29 55.97
CA GLY A 177 1.23 -10.72 56.03
C GLY A 177 2.27 -11.58 56.76
N ALA A 178 3.55 -11.40 56.43
CA ALA A 178 4.67 -12.17 57.04
C ALA A 178 4.79 -11.88 58.56
N LYS A 179 4.58 -10.63 58.98
CA LYS A 179 4.66 -10.20 60.41
C LYS A 179 3.48 -10.77 61.21
N MET A 180 2.29 -10.74 60.63
CA MET A 180 1.04 -11.12 61.36
C MET A 180 0.74 -12.61 61.24
N GLY A 181 1.57 -13.39 60.55
CA GLY A 181 1.28 -14.82 60.24
C GLY A 181 0.02 -15.02 59.39
N MET A 182 -0.21 -14.20 58.36
CA MET A 182 -1.42 -14.38 57.51
C MET A 182 -1.05 -15.17 56.24
N ASP A 183 -2.06 -15.59 55.49
CA ASP A 183 -1.91 -16.23 54.16
C ASP A 183 -2.04 -15.17 53.07
N VAL A 184 -0.89 -14.66 52.62
CA VAL A 184 -0.84 -13.59 51.57
C VAL A 184 -0.17 -14.12 50.30
N ARG A 185 -0.74 -13.82 49.11
CA ARG A 185 -0.16 -14.09 47.76
C ARG A 185 0.10 -12.80 46.95
N LEU A 186 1.36 -12.47 46.61
CA LEU A 186 1.66 -11.48 45.54
C LEU A 186 1.54 -12.16 44.17
N CYS A 187 0.68 -11.65 43.29
CA CYS A 187 0.43 -12.18 41.94
C CYS A 187 0.79 -11.13 40.89
N ALA A 188 1.94 -11.28 40.23
CA ALA A 188 2.39 -10.36 39.15
C ALA A 188 3.28 -11.04 38.09
N PRO A 189 3.41 -10.41 36.91
CA PRO A 189 4.50 -10.71 36.00
C PRO A 189 5.79 -10.98 36.77
N LYS A 190 6.59 -11.94 36.29
CA LYS A 190 7.77 -12.51 37.00
C LYS A 190 8.91 -11.48 37.06
N ASP A 191 8.87 -10.46 36.20
CA ASP A 191 9.92 -9.40 36.06
C ASP A 191 9.55 -8.21 36.93
N LEU A 192 8.29 -8.17 37.41
CA LEU A 192 7.75 -7.19 38.39
C LEU A 192 7.52 -7.90 39.72
N TRP A 193 8.56 -8.54 40.27
CA TRP A 193 8.56 -9.22 41.60
C TRP A 193 9.57 -8.51 42.47
N PRO A 194 9.41 -8.48 43.81
CA PRO A 194 10.36 -7.76 44.67
C PRO A 194 11.78 -8.32 44.50
N GLU A 195 12.80 -7.51 44.75
CA GLU A 195 14.22 -7.98 44.71
C GLU A 195 14.39 -9.01 45.83
N ALA A 196 14.82 -10.21 45.45
CA ALA A 196 14.67 -11.51 46.15
C ALA A 196 15.32 -11.51 47.54
N ASP A 197 16.16 -10.52 47.84
CA ASP A 197 16.76 -10.36 49.19
C ASP A 197 15.67 -9.84 50.16
N PHE A 198 14.80 -8.95 49.68
CA PHE A 198 13.56 -8.54 50.41
C PHE A 198 12.69 -9.78 50.60
N LEU A 199 12.50 -10.58 49.56
CA LEU A 199 11.64 -11.79 49.63
C LEU A 199 12.18 -12.79 50.67
N ALA A 200 13.44 -12.63 51.10
CA ALA A 200 14.10 -13.52 52.08
C ALA A 200 13.81 -13.01 53.50
N THR A 201 13.96 -11.70 53.73
CA THR A 201 13.67 -11.04 55.03
C THR A 201 12.22 -11.36 55.42
N CYS A 202 11.27 -11.36 54.47
CA CYS A 202 9.86 -11.74 54.70
C CYS A 202 9.72 -13.25 54.96
N ALA A 203 10.45 -14.10 54.23
CA ALA A 203 10.43 -15.58 54.44
C ALA A 203 10.92 -15.98 55.84
N ASP A 204 11.91 -15.26 56.43
CA ASP A 204 12.35 -15.38 57.85
C ASP A 204 11.16 -15.19 58.81
N PHE A 205 10.62 -13.96 58.91
CA PHE A 205 9.47 -13.56 59.78
C PHE A 205 8.36 -14.59 59.67
N ALA A 206 8.10 -15.07 58.45
CA ALA A 206 6.96 -15.97 58.15
C ALA A 206 7.18 -17.34 58.80
N LYS A 207 8.43 -17.77 58.96
CA LYS A 207 8.71 -19.10 59.58
C LYS A 207 8.31 -19.02 61.06
N GLU A 208 8.77 -17.94 61.74
CA GLU A 208 8.69 -17.73 63.21
C GLU A 208 7.31 -17.21 63.62
N SER A 209 6.55 -16.67 62.67
CA SER A 209 5.15 -16.21 62.83
C SER A 209 4.18 -17.19 62.14
N GLY A 210 4.69 -18.04 61.25
CA GLY A 210 3.89 -19.11 60.63
C GLY A 210 3.02 -18.61 59.51
N ALA A 211 3.48 -17.59 58.78
CA ALA A 211 2.74 -17.02 57.63
C ALA A 211 3.03 -17.84 56.35
N ARG A 212 1.97 -18.20 55.63
CA ARG A 212 1.98 -18.68 54.23
C ARG A 212 2.26 -17.51 53.25
N LEU A 213 3.52 -17.32 52.85
CA LEU A 213 3.91 -16.52 51.66
C LEU A 213 3.80 -17.37 50.39
N THR A 214 3.55 -16.74 49.24
CA THR A 214 3.29 -17.43 47.96
C THR A 214 3.22 -16.40 46.83
N ILE A 215 4.33 -16.18 46.09
CA ILE A 215 4.42 -15.19 44.98
C ILE A 215 4.39 -15.87 43.60
N THR A 216 3.22 -15.93 42.95
CA THR A 216 2.96 -16.56 41.62
C THR A 216 2.88 -15.48 40.55
N ASP A 217 2.65 -15.88 39.28
CA ASP A 217 2.29 -14.98 38.15
C ASP A 217 0.98 -15.47 37.52
N ASP A 218 0.38 -16.51 38.10
CA ASP A 218 -0.87 -17.15 37.60
C ASP A 218 -1.98 -16.66 38.50
N VAL A 219 -2.92 -15.96 37.90
CA VAL A 219 -4.08 -15.38 38.58
C VAL A 219 -4.78 -16.49 39.36
N LYS A 220 -5.27 -17.53 38.69
CA LYS A 220 -6.23 -18.47 39.34
C LYS A 220 -5.54 -19.09 40.56
N THR A 221 -4.21 -19.23 40.57
CA THR A 221 -3.46 -19.81 41.72
C THR A 221 -3.73 -18.94 42.95
N ALA A 222 -3.33 -17.66 42.86
CA ALA A 222 -3.33 -16.63 43.93
C ALA A 222 -4.76 -16.35 44.42
N ALA A 223 -5.73 -16.26 43.53
CA ALA A 223 -7.13 -15.92 43.84
C ALA A 223 -7.88 -17.07 44.52
N LYS A 224 -7.21 -18.01 45.19
CA LYS A 224 -7.79 -19.36 45.44
C LYS A 224 -8.98 -19.20 46.41
N ASP A 225 -8.78 -19.39 47.72
CA ASP A 225 -9.91 -19.28 48.68
C ASP A 225 -9.74 -18.02 49.55
N VAL A 226 -9.26 -16.93 48.95
CA VAL A 226 -8.86 -15.68 49.65
C VAL A 226 -10.12 -14.97 50.14
N ASP A 227 -10.02 -14.37 51.32
CA ASP A 227 -11.08 -13.49 51.84
C ASP A 227 -11.04 -12.12 51.17
N PHE A 228 -9.82 -11.69 50.75
CA PHE A 228 -9.57 -10.33 50.21
C PHE A 228 -8.66 -10.35 48.96
N VAL A 229 -9.16 -9.63 47.96
CA VAL A 229 -8.43 -9.28 46.71
C VAL A 229 -8.11 -7.78 46.77
N HIS A 230 -6.82 -7.46 46.68
CA HIS A 230 -6.22 -6.12 46.73
C HIS A 230 -5.53 -5.83 45.41
N THR A 231 -5.58 -4.58 44.94
CA THR A 231 -4.68 -4.05 43.89
C THR A 231 -4.39 -2.59 44.21
N ASP A 232 -3.39 -2.02 43.54
CA ASP A 232 -3.06 -0.58 43.53
C ASP A 232 -2.76 -0.19 42.07
N VAL A 233 -2.98 1.08 41.73
CA VAL A 233 -2.60 1.73 40.44
C VAL A 233 -1.19 1.28 40.05
N TRP A 234 -1.03 0.76 38.80
CA TRP A 234 0.28 0.26 38.27
C TRP A 234 0.74 1.04 37.04
N VAL A 235 -0.11 1.87 36.43
CA VAL A 235 0.33 2.83 35.38
C VAL A 235 1.35 3.82 35.97
N SER A 236 2.34 4.27 35.19
CA SER A 236 3.43 5.19 35.62
C SER A 236 3.02 6.64 35.31
N MET A 237 2.68 7.38 36.36
CA MET A 237 2.14 8.76 36.24
C MET A 237 3.31 9.69 35.96
N GLY A 238 4.51 9.23 36.32
CA GLY A 238 5.80 9.90 36.03
C GLY A 238 6.06 10.06 34.54
N GLU A 239 5.58 9.13 33.71
CA GLU A 239 5.93 9.02 32.26
C GLU A 239 4.72 9.43 31.41
N PRO A 240 4.95 9.88 30.16
CA PRO A 240 3.85 10.35 29.31
C PRO A 240 2.95 9.17 28.89
N ILE A 241 1.67 9.48 28.65
CA ILE A 241 0.60 8.48 28.40
C ILE A 241 0.91 7.68 27.11
N GLU A 242 1.32 8.38 26.05
CA GLU A 242 1.88 7.87 24.76
C GLU A 242 2.65 6.56 24.94
N SER A 243 3.48 6.41 25.98
CA SER A 243 4.42 5.26 26.14
C SER A 243 3.90 4.16 27.08
N TRP A 244 2.62 4.12 27.45
CA TRP A 244 2.11 3.14 28.46
C TRP A 244 1.82 1.76 27.85
N ALA A 245 1.52 1.70 26.54
CA ALA A 245 1.17 0.49 25.77
C ALA A 245 1.85 -0.78 26.32
N GLU A 246 3.18 -0.82 26.35
CA GLU A 246 3.99 -1.97 26.82
C GLU A 246 3.53 -2.38 28.22
N ARG A 247 3.35 -1.40 29.12
CA ARG A 247 2.99 -1.60 30.55
C ARG A 247 1.61 -2.23 30.65
N ILE A 248 0.66 -1.66 29.93
CA ILE A 248 -0.77 -2.06 29.97
C ILE A 248 -0.86 -3.53 29.53
N ASP A 249 -0.07 -3.91 28.51
CA ASP A 249 0.02 -5.28 27.90
C ASP A 249 0.50 -6.27 28.97
N ALA A 250 1.62 -5.95 29.63
CA ALA A 250 2.16 -6.75 30.74
C ALA A 250 1.06 -6.98 31.80
N LEU A 251 0.27 -5.97 32.22
CA LEU A 251 -0.52 -6.12 33.48
C LEU A 251 -2.03 -6.33 33.25
N MET A 252 -2.62 -6.00 32.10
CA MET A 252 -4.10 -6.12 31.94
C MET A 252 -4.61 -7.52 32.29
N ALA A 253 -3.76 -8.55 32.27
CA ALA A 253 -4.07 -9.91 32.77
C ALA A 253 -4.54 -9.82 34.23
N TYR A 254 -3.76 -9.07 35.02
CA TYR A 254 -3.85 -8.91 36.48
C TYR A 254 -4.91 -7.88 36.89
N GLN A 255 -5.63 -7.27 35.96
CA GLN A 255 -6.77 -6.40 36.31
C GLN A 255 -7.68 -7.20 37.26
N VAL A 256 -8.27 -6.54 38.25
CA VAL A 256 -9.36 -7.13 39.08
C VAL A 256 -10.67 -6.89 38.33
N ASN A 257 -11.18 -7.92 37.64
CA ASN A 257 -12.50 -7.82 36.94
C ASN A 257 -13.44 -8.79 37.65
N MET A 258 -14.72 -8.75 37.31
CA MET A 258 -15.69 -9.69 37.92
C MET A 258 -15.16 -11.14 37.84
N ASP A 259 -14.48 -11.51 36.76
CA ASP A 259 -14.02 -12.90 36.53
C ASP A 259 -13.02 -13.30 37.62
N LEU A 260 -12.12 -12.38 38.02
CA LEU A 260 -11.07 -12.64 39.05
C LEU A 260 -11.73 -12.79 40.42
N ILE A 261 -12.81 -12.05 40.67
CA ILE A 261 -13.64 -12.24 41.91
C ILE A 261 -14.19 -13.67 41.90
N LYS A 262 -14.82 -14.11 40.79
CA LYS A 262 -15.48 -15.44 40.67
C LYS A 262 -14.40 -16.53 40.76
N ALA A 263 -13.33 -16.39 40.00
CA ALA A 263 -12.12 -17.25 40.07
C ALA A 263 -11.78 -17.68 41.51
N THR A 264 -12.15 -16.91 42.54
CA THR A 264 -11.87 -17.23 43.97
C THR A 264 -12.80 -18.34 44.44
N GLY A 265 -13.96 -18.44 43.80
CA GLY A 265 -15.10 -19.24 44.25
C GLY A 265 -15.23 -19.12 45.75
N ASN A 266 -15.38 -17.88 46.21
CA ASN A 266 -15.82 -17.51 47.57
C ASN A 266 -16.80 -16.38 47.37
N PRO A 267 -18.10 -16.60 47.58
CA PRO A 267 -19.11 -15.60 47.21
C PRO A 267 -19.16 -14.50 48.28
N ARG A 268 -18.29 -14.61 49.30
CA ARG A 268 -18.15 -13.68 50.46
C ARG A 268 -16.99 -12.70 50.25
N VAL A 269 -15.89 -13.13 49.63
CA VAL A 269 -14.70 -12.33 49.17
C VAL A 269 -15.02 -10.83 49.08
N LYS A 270 -14.00 -10.04 49.39
CA LYS A 270 -14.11 -8.56 49.36
C LYS A 270 -12.90 -7.98 48.59
N PHE A 271 -13.17 -6.91 47.87
CA PHE A 271 -12.14 -6.12 47.18
C PHE A 271 -11.77 -4.86 47.98
N MET A 272 -10.47 -4.63 48.09
CA MET A 272 -9.81 -3.51 48.79
C MET A 272 -8.80 -2.85 47.85
N HIS A 273 -8.53 -1.56 48.08
CA HIS A 273 -7.83 -0.62 47.18
C HIS A 273 -7.54 0.64 47.99
N CYS A 274 -6.27 0.99 48.12
CA CYS A 274 -5.80 2.05 49.04
C CYS A 274 -6.25 3.43 48.51
N LEU A 275 -6.53 3.55 47.23
CA LEU A 275 -7.10 4.73 46.55
C LEU A 275 -5.97 5.74 46.39
N PRO A 276 -6.05 6.67 45.41
CA PRO A 276 -7.14 6.72 44.43
C PRO A 276 -7.04 5.53 43.44
N ALA A 277 -8.14 5.24 42.74
CA ALA A 277 -8.34 4.08 41.85
C ALA A 277 -8.89 4.53 40.51
N PHE A 278 -8.14 4.36 39.43
CA PHE A 278 -8.63 4.45 38.02
C PHE A 278 -9.57 3.28 37.71
N HIS A 279 -10.87 3.53 37.80
CA HIS A 279 -11.93 2.53 37.59
C HIS A 279 -12.92 3.02 36.53
N ASN A 280 -12.69 4.20 35.95
CA ASN A 280 -13.60 4.78 34.95
C ASN A 280 -13.04 6.11 34.41
N SER A 281 -13.86 6.91 33.73
CA SER A 281 -13.38 8.13 33.01
C SER A 281 -13.91 9.41 33.67
N ASP A 282 -14.52 9.33 34.85
CA ASP A 282 -15.05 10.52 35.56
C ASP A 282 -13.94 11.56 35.75
N THR A 283 -12.72 11.13 36.06
CA THR A 283 -11.57 12.03 36.33
C THR A 283 -11.01 12.67 35.05
N GLU A 284 -10.22 13.73 35.19
CA GLU A 284 -9.64 14.52 34.08
C GLU A 284 -8.57 13.69 33.41
N VAL A 285 -7.84 12.93 34.22
CA VAL A 285 -6.70 12.03 33.82
C VAL A 285 -7.30 10.74 33.26
N GLY A 286 -8.43 10.30 33.79
CA GLY A 286 -9.28 9.28 33.16
C GLY A 286 -9.49 9.63 31.69
N LYS A 287 -10.16 10.75 31.38
CA LYS A 287 -10.40 11.21 30.00
C LYS A 287 -9.08 11.15 29.23
N LYS A 288 -8.00 11.66 29.79
CA LYS A 288 -6.75 11.77 28.99
C LYS A 288 -6.34 10.34 28.61
N ILE A 289 -6.36 9.41 29.56
CA ILE A 289 -5.95 7.99 29.35
C ILE A 289 -6.86 7.32 28.32
N THR A 290 -8.18 7.44 28.51
CA THR A 290 -9.23 6.74 27.74
C THR A 290 -9.33 7.29 26.31
N GLU A 291 -8.69 8.42 26.03
CA GLU A 291 -8.73 9.10 24.71
C GLU A 291 -7.70 8.42 23.81
N LYS A 292 -6.51 8.16 24.36
CA LYS A 292 -5.45 7.27 23.82
C LYS A 292 -5.80 5.79 23.90
N TYR A 293 -6.58 5.34 24.90
CA TYR A 293 -6.74 3.90 25.24
C TYR A 293 -8.21 3.56 25.53
N PRO A 294 -9.10 3.55 24.51
CA PRO A 294 -10.53 3.35 24.72
C PRO A 294 -10.99 2.03 25.38
N GLN A 295 -10.14 1.01 25.33
CA GLN A 295 -10.33 -0.26 26.09
C GLN A 295 -10.50 0.10 27.61
N LEU A 296 -9.84 1.16 28.10
CA LEU A 296 -9.75 1.52 29.55
C LEU A 296 -10.92 2.44 29.99
N ALA A 297 -11.91 2.72 29.13
CA ALA A 297 -13.11 3.49 29.54
C ALA A 297 -13.69 2.94 30.85
N ASP A 298 -13.54 1.65 31.09
CA ASP A 298 -14.27 0.93 32.16
C ASP A 298 -13.29 0.58 33.29
N GLY A 299 -12.06 1.10 33.28
CA GLY A 299 -11.16 0.90 34.43
C GLY A 299 -9.87 0.25 34.03
N ILE A 300 -8.88 0.28 34.92
CA ILE A 300 -7.48 -0.13 34.61
C ILE A 300 -7.16 -1.28 35.56
N GLU A 301 -6.52 -1.00 36.70
CA GLU A 301 -6.19 -2.01 37.73
C GLU A 301 -7.44 -2.73 38.18
N VAL A 302 -8.64 -2.11 38.05
CA VAL A 302 -9.94 -2.66 38.51
C VAL A 302 -11.08 -2.04 37.70
N THR A 303 -12.20 -2.75 37.56
CA THR A 303 -13.30 -2.36 36.64
C THR A 303 -14.41 -1.59 37.35
N GLU A 304 -15.16 -0.78 36.61
CA GLU A 304 -16.38 -0.11 37.13
C GLU A 304 -17.32 -1.18 37.69
N GLU A 305 -17.30 -2.38 37.13
CA GLU A 305 -18.24 -3.47 37.51
C GLU A 305 -17.97 -3.81 38.98
N VAL A 306 -16.71 -4.10 39.31
CA VAL A 306 -16.28 -4.50 40.69
C VAL A 306 -16.35 -3.27 41.62
N PHE A 307 -15.86 -2.11 41.19
CA PHE A 307 -15.79 -0.90 42.03
C PHE A 307 -17.17 -0.46 42.46
N GLU A 308 -18.15 -0.47 41.56
CA GLU A 308 -19.53 -0.08 41.93
C GLU A 308 -20.32 -1.33 42.28
N SER A 309 -19.70 -2.35 42.90
CA SER A 309 -20.37 -3.58 43.37
C SER A 309 -20.20 -3.82 44.87
N PRO A 310 -21.11 -4.59 45.51
CA PRO A 310 -20.95 -4.92 46.93
C PRO A 310 -19.65 -5.65 47.35
N TYR A 311 -18.85 -6.13 46.41
CA TYR A 311 -17.55 -6.77 46.76
C TYR A 311 -16.59 -5.67 47.25
N ASN A 312 -16.97 -4.41 46.99
CA ASN A 312 -16.06 -3.25 47.16
C ASN A 312 -16.19 -2.70 48.58
N ILE A 313 -15.11 -2.74 49.37
CA ILE A 313 -15.08 -2.14 50.73
C ILE A 313 -13.92 -1.17 50.88
N ALA A 314 -13.49 -0.50 49.81
CA ALA A 314 -12.34 0.43 49.81
C ALA A 314 -12.65 1.66 50.68
N PHE A 315 -13.88 2.14 50.65
CA PHE A 315 -14.39 3.30 51.44
C PHE A 315 -14.41 3.01 52.94
N GLU A 316 -14.91 1.85 53.36
CA GLU A 316 -14.75 1.37 54.78
C GLU A 316 -13.25 1.37 55.14
N GLN A 317 -12.38 1.02 54.20
CA GLN A 317 -10.93 0.84 54.43
C GLN A 317 -10.30 2.23 54.55
N ALA A 318 -10.80 3.20 53.79
CA ALA A 318 -10.30 4.59 53.84
C ALA A 318 -10.70 5.16 55.21
N GLU A 319 -11.94 4.98 55.60
CA GLU A 319 -12.40 5.27 56.97
C GLU A 319 -11.41 4.70 57.97
N ASN A 320 -10.91 3.47 57.77
CA ASN A 320 -10.11 2.83 58.86
C ASN A 320 -8.76 3.54 58.96
N ARG A 321 -8.34 4.33 57.99
CA ARG A 321 -7.09 5.16 58.08
C ARG A 321 -7.28 6.25 59.16
N MET A 322 -8.48 6.81 59.25
CA MET A 322 -8.86 7.79 60.29
C MET A 322 -8.75 7.14 61.71
N HIS A 323 -9.28 5.95 61.94
CA HIS A 323 -9.22 5.29 63.26
C HIS A 323 -7.80 4.81 63.56
N THR A 324 -7.07 4.45 62.54
CA THR A 324 -5.64 4.04 62.68
C THR A 324 -4.79 5.26 62.99
N ILE A 325 -4.97 6.34 62.23
CA ILE A 325 -4.28 7.61 62.55
C ILE A 325 -4.61 8.03 63.99
N LYS A 326 -5.87 7.98 64.38
CA LYS A 326 -6.29 8.39 65.74
C LYS A 326 -5.55 7.52 66.76
N ALA A 327 -5.50 6.20 66.56
CA ALA A 327 -4.83 5.27 67.51
C ALA A 327 -3.35 5.65 67.65
N VAL A 328 -2.65 5.94 66.56
CA VAL A 328 -1.28 6.51 66.65
C VAL A 328 -1.31 7.81 67.49
N LEU A 329 -2.10 8.85 67.10
CA LEU A 329 -2.15 10.17 67.82
C LEU A 329 -2.43 9.95 69.31
N VAL A 330 -3.39 9.12 69.68
CA VAL A 330 -3.73 8.87 71.10
C VAL A 330 -2.57 8.15 71.82
N SER A 331 -1.89 7.20 71.17
CA SER A 331 -0.71 6.43 71.68
C SER A 331 0.47 7.34 71.99
N ALA A 332 0.63 8.38 71.19
CA ALA A 332 1.82 9.26 71.20
C ALA A 332 1.57 10.59 71.91
N LEU A 333 0.35 10.93 72.34
CA LEU A 333 0.08 12.29 72.90
C LEU A 333 -0.97 12.27 74.00
N GLY A 334 -1.69 11.17 74.20
CA GLY A 334 -2.89 11.13 75.05
C GLY A 334 -2.57 10.88 76.51
N ASN A 335 -1.37 10.36 76.76
CA ASN A 335 -1.02 9.92 78.13
C ASN A 335 -2.08 8.92 78.60
N ILE A 336 -2.28 7.81 77.85
CA ILE A 336 -3.09 6.61 78.28
C ILE A 336 -4.56 6.84 77.92
N ASN B 7 -25.17 -8.31 -0.15
CA ASN B 7 -26.45 -8.82 -0.73
C ASN B 7 -26.24 -9.24 -2.20
N ARG B 8 -25.23 -8.67 -2.89
CA ARG B 8 -24.89 -8.91 -4.33
C ARG B 8 -23.44 -9.37 -4.50
N ASP B 9 -22.58 -9.21 -3.48
CA ASP B 9 -21.24 -9.87 -3.36
C ASP B 9 -21.41 -11.20 -2.59
N LEU B 10 -22.67 -11.54 -2.26
CA LEU B 10 -23.16 -12.90 -1.87
C LEU B 10 -24.63 -13.05 -2.29
N LEU B 11 -24.86 -13.28 -3.59
CA LEU B 11 -26.16 -13.70 -4.21
C LEU B 11 -25.82 -14.76 -5.26
N SER B 12 -24.95 -14.42 -6.22
CA SER B 12 -24.10 -15.37 -7.00
C SER B 12 -23.74 -16.56 -6.10
N LEU B 13 -23.44 -16.28 -4.83
CA LEU B 13 -23.06 -17.29 -3.81
C LEU B 13 -24.29 -18.09 -3.39
N MET B 14 -25.39 -17.42 -3.10
CA MET B 14 -26.65 -18.08 -2.66
C MET B 14 -27.21 -19.02 -3.73
N HIS B 15 -27.04 -18.74 -5.02
CA HIS B 15 -27.75 -19.48 -6.09
C HIS B 15 -27.01 -20.78 -6.38
N HIS B 16 -25.73 -20.88 -6.00
CA HIS B 16 -24.82 -21.99 -6.39
C HIS B 16 -25.01 -23.19 -5.46
N SER B 17 -25.21 -24.39 -6.00
CA SER B 17 -25.31 -25.64 -5.20
C SER B 17 -23.95 -25.97 -4.57
N GLU B 18 -23.95 -26.86 -3.58
CA GLU B 18 -22.71 -27.51 -3.09
C GLU B 18 -21.96 -28.10 -4.31
N ARG B 19 -22.62 -28.84 -5.21
CA ARG B 19 -21.85 -29.58 -6.25
C ARG B 19 -21.25 -28.54 -7.19
N GLU B 20 -21.95 -27.45 -7.47
CA GLU B 20 -21.42 -26.40 -8.36
C GLU B 20 -20.14 -25.83 -7.74
N LEU B 21 -20.16 -25.40 -6.48
CA LEU B 21 -18.98 -24.80 -5.78
C LEU B 21 -17.82 -25.79 -5.70
N THR B 22 -18.12 -27.08 -5.51
CA THR B 22 -17.14 -28.19 -5.38
C THR B 22 -16.48 -28.41 -6.75
N TYR B 23 -17.25 -28.35 -7.83
CA TYR B 23 -16.72 -28.34 -9.22
C TYR B 23 -15.57 -27.33 -9.32
N LEU B 24 -15.81 -26.04 -9.01
CA LEU B 24 -14.78 -24.96 -9.04
C LEU B 24 -13.65 -25.27 -8.05
N LEU B 25 -13.94 -25.68 -6.83
CA LEU B 25 -12.85 -25.98 -5.84
C LEU B 25 -11.91 -27.06 -6.40
N ASP B 26 -12.48 -28.12 -7.00
CA ASP B 26 -11.78 -29.25 -7.63
C ASP B 26 -10.95 -28.73 -8.82
N MET B 27 -11.44 -27.78 -9.62
CA MET B 27 -10.62 -27.25 -10.73
C MET B 27 -9.42 -26.45 -10.17
N ALA B 28 -9.65 -25.44 -9.35
CA ALA B 28 -8.61 -24.66 -8.66
C ALA B 28 -7.55 -25.58 -8.02
N ARG B 29 -7.95 -26.67 -7.39
CA ARG B 29 -6.99 -27.60 -6.72
C ARG B 29 -6.15 -28.28 -7.82
N ASP B 30 -6.80 -28.68 -8.91
CA ASP B 30 -6.14 -29.44 -10.00
C ASP B 30 -5.18 -28.51 -10.74
N LEU B 31 -5.54 -27.25 -10.98
CA LEU B 31 -4.69 -26.29 -11.72
C LEU B 31 -3.50 -25.94 -10.85
N LYS B 32 -3.69 -25.81 -9.54
CA LYS B 32 -2.53 -25.50 -8.66
C LYS B 32 -1.63 -26.71 -8.68
N ARG B 33 -2.18 -27.92 -8.63
CA ARG B 33 -1.30 -29.14 -8.65
C ARG B 33 -0.55 -29.20 -9.97
N ALA B 34 -1.17 -28.78 -11.06
CA ALA B 34 -0.58 -28.80 -12.42
C ALA B 34 0.49 -27.71 -12.58
N LYS B 35 0.28 -26.52 -12.03
CA LYS B 35 1.30 -25.44 -12.16
C LYS B 35 2.56 -25.95 -11.46
N TYR B 36 2.40 -26.44 -10.24
CA TYR B 36 3.47 -26.87 -9.31
C TYR B 36 4.29 -28.05 -9.87
N SER B 37 3.71 -28.92 -10.69
CA SER B 37 4.40 -30.15 -11.17
C SER B 37 4.70 -30.06 -12.68
N GLY B 38 4.54 -28.86 -13.25
CA GLY B 38 4.83 -28.50 -14.65
C GLY B 38 3.93 -29.15 -15.71
N THR B 39 2.85 -29.83 -15.32
CA THR B 39 1.82 -30.45 -16.21
C THR B 39 0.75 -29.44 -16.69
N GLU B 40 0.85 -28.15 -16.45
CA GLU B 40 -0.27 -27.22 -16.75
C GLU B 40 -0.36 -27.03 -18.26
N GLN B 41 -1.55 -27.15 -18.85
CA GLN B 41 -1.79 -26.86 -20.29
C GLN B 41 -2.41 -25.48 -20.43
N LYS B 42 -1.98 -24.74 -21.44
CA LYS B 42 -2.55 -23.39 -21.76
C LYS B 42 -3.88 -23.51 -22.54
N HIS B 43 -5.02 -23.32 -21.90
CA HIS B 43 -6.34 -23.26 -22.59
C HIS B 43 -6.83 -21.86 -22.96
N LEU B 44 -6.14 -20.76 -22.62
CA LEU B 44 -6.62 -19.41 -23.03
C LEU B 44 -5.67 -18.84 -24.08
N LEU B 45 -4.88 -19.71 -24.71
CA LEU B 45 -3.88 -19.39 -25.76
C LEU B 45 -4.52 -18.48 -26.78
N GLY B 46 -3.96 -17.26 -26.93
CA GLY B 46 -4.43 -16.28 -27.92
C GLY B 46 -5.63 -15.47 -27.46
N LYS B 47 -6.24 -15.78 -26.32
CA LYS B 47 -7.32 -14.95 -25.77
C LYS B 47 -6.75 -13.64 -25.28
N ASN B 48 -7.56 -12.59 -25.38
CA ASN B 48 -7.22 -11.21 -24.98
C ASN B 48 -8.18 -10.75 -23.89
N ILE B 49 -7.62 -10.32 -22.75
CA ILE B 49 -8.38 -9.94 -21.53
C ILE B 49 -8.03 -8.51 -21.11
N ALA B 50 -9.06 -7.68 -20.94
CA ALA B 50 -9.01 -6.28 -20.44
C ALA B 50 -9.30 -6.28 -18.94
N LEU B 51 -8.39 -5.70 -18.15
CA LEU B 51 -8.55 -5.39 -16.71
C LEU B 51 -8.79 -3.90 -16.54
N ILE B 52 -10.03 -3.47 -16.33
CA ILE B 52 -10.33 -2.02 -16.09
C ILE B 52 -10.56 -1.80 -14.60
N PHE B 53 -9.56 -1.26 -13.91
CA PHE B 53 -9.57 -1.00 -12.44
C PHE B 53 -9.84 0.49 -12.21
N GLU B 54 -10.85 0.80 -11.38
CA GLU B 54 -11.27 2.18 -11.02
C GLU B 54 -10.26 2.81 -10.05
N LYS B 55 -9.80 2.05 -9.07
CA LYS B 55 -8.72 2.44 -8.12
C LYS B 55 -7.55 1.48 -8.34
N THR B 56 -6.48 1.58 -7.54
CA THR B 56 -5.34 0.62 -7.54
C THR B 56 -5.79 -0.64 -6.77
N SER B 57 -5.16 -1.80 -7.02
CA SER B 57 -5.08 -2.97 -6.10
C SER B 57 -4.09 -3.99 -6.65
N THR B 58 -2.82 -3.74 -6.37
CA THR B 58 -1.68 -4.55 -6.83
C THR B 58 -1.93 -6.06 -6.59
N ARG B 59 -2.23 -6.47 -5.36
CA ARG B 59 -2.43 -7.89 -5.00
C ARG B 59 -3.37 -8.56 -6.01
N THR B 60 -4.54 -8.00 -6.28
CA THR B 60 -5.60 -8.74 -7.01
C THR B 60 -5.42 -8.59 -8.52
N ARG B 61 -4.83 -7.49 -8.97
CA ARG B 61 -4.39 -7.26 -10.36
C ARG B 61 -3.37 -8.34 -10.77
N CYS B 62 -2.29 -8.49 -9.99
CA CYS B 62 -1.27 -9.54 -10.19
C CYS B 62 -1.91 -10.92 -10.16
N ALA B 63 -2.74 -11.25 -9.17
CA ALA B 63 -3.49 -12.53 -9.15
C ALA B 63 -4.15 -12.78 -10.53
N PHE B 64 -4.68 -11.74 -11.15
CA PHE B 64 -5.44 -11.86 -12.41
C PHE B 64 -4.45 -12.06 -13.58
N GLU B 65 -3.37 -11.28 -13.62
CA GLU B 65 -2.37 -11.35 -14.69
C GLU B 65 -1.73 -12.73 -14.72
N VAL B 66 -1.24 -13.20 -13.59
CA VAL B 66 -0.54 -14.49 -13.52
C VAL B 66 -1.53 -15.58 -13.92
N ALA B 67 -2.76 -15.58 -13.40
CA ALA B 67 -3.72 -16.62 -13.82
C ALA B 67 -3.78 -16.66 -15.35
N ALA B 68 -3.92 -15.49 -15.98
CA ALA B 68 -4.06 -15.29 -17.45
C ALA B 68 -2.77 -15.62 -18.20
N TYR B 69 -1.62 -15.20 -17.76
CA TYR B 69 -0.36 -15.54 -18.47
C TYR B 69 -0.14 -17.07 -18.43
N ASP B 70 -0.28 -17.70 -17.26
CA ASP B 70 -0.12 -19.17 -17.11
C ASP B 70 -0.97 -19.88 -18.17
N GLN B 71 -2.14 -19.32 -18.51
CA GLN B 71 -3.08 -19.96 -19.46
C GLN B 71 -2.92 -19.38 -20.88
N GLY B 72 -1.81 -18.70 -21.13
CA GLY B 72 -1.48 -18.27 -22.50
C GLY B 72 -2.34 -17.12 -22.98
N ALA B 73 -2.99 -16.37 -22.09
CA ALA B 73 -3.81 -15.19 -22.46
C ALA B 73 -2.91 -13.96 -22.49
N ASN B 74 -3.37 -12.87 -23.11
CA ASN B 74 -2.73 -11.54 -22.99
C ASN B 74 -3.66 -10.59 -22.21
N VAL B 75 -3.08 -9.57 -21.58
CA VAL B 75 -3.85 -8.65 -20.70
C VAL B 75 -3.56 -7.19 -21.01
N THR B 76 -4.59 -6.40 -21.16
CA THR B 76 -4.47 -4.91 -21.10
C THR B 76 -4.91 -4.43 -19.71
N PHE B 77 -3.96 -4.03 -18.86
CA PHE B 77 -4.27 -3.32 -17.59
C PHE B 77 -4.61 -1.87 -17.89
N ILE B 78 -5.88 -1.47 -17.63
CA ILE B 78 -6.36 -0.06 -17.66
C ILE B 78 -6.60 0.49 -16.22
N GLY B 79 -5.63 1.21 -15.66
CA GLY B 79 -5.70 1.76 -14.30
C GLY B 79 -6.57 3.01 -14.21
N PRO B 80 -6.68 3.66 -13.03
CA PRO B 80 -7.22 5.03 -12.94
C PRO B 80 -6.31 6.07 -13.62
N ASN B 81 -5.00 5.87 -13.39
CA ASN B 81 -3.78 6.57 -13.88
C ASN B 81 -3.74 6.80 -15.40
N SER B 82 -4.41 5.97 -16.22
CA SER B 82 -4.40 6.04 -17.71
C SER B 82 -5.79 5.80 -18.29
N SER B 83 -6.84 6.13 -17.52
CA SER B 83 -8.28 5.99 -17.88
C SER B 83 -9.10 7.10 -17.20
N GLN B 84 -9.59 8.06 -18.00
CA GLN B 84 -10.66 9.01 -17.63
C GLN B 84 -12.00 8.42 -18.09
N ILE B 85 -12.30 7.19 -17.66
CA ILE B 85 -13.48 6.41 -18.16
C ILE B 85 -14.79 7.08 -17.69
N GLY B 86 -14.72 7.90 -16.63
CA GLY B 86 -15.84 8.71 -16.12
C GLY B 86 -16.10 9.96 -16.95
N TYR B 87 -15.02 10.65 -17.41
CA TYR B 87 -15.01 12.07 -17.88
C TYR B 87 -15.81 12.25 -19.18
N LYS B 88 -15.19 12.30 -20.37
CA LYS B 88 -15.95 12.60 -21.64
C LYS B 88 -16.46 11.31 -22.27
N GLU B 89 -15.77 10.19 -22.03
CA GLU B 89 -16.09 8.87 -22.65
C GLU B 89 -17.08 8.16 -21.71
N SER B 90 -18.35 8.06 -22.13
CA SER B 90 -19.43 7.30 -21.43
C SER B 90 -18.97 5.84 -21.28
N MET B 91 -19.03 5.27 -20.07
CA MET B 91 -18.48 3.91 -19.79
C MET B 91 -19.26 2.84 -20.56
N LYS B 92 -20.58 2.99 -20.64
CA LYS B 92 -21.47 2.10 -21.43
C LYS B 92 -21.03 2.10 -22.91
N ASP B 93 -20.32 3.17 -23.34
CA ASP B 93 -19.75 3.36 -24.70
C ASP B 93 -18.42 2.58 -24.80
N THR B 94 -17.41 2.94 -24.01
CA THR B 94 -16.11 2.22 -23.91
C THR B 94 -16.31 0.69 -23.83
N ALA B 95 -17.19 0.23 -22.96
CA ALA B 95 -17.49 -1.20 -22.73
C ALA B 95 -17.93 -1.85 -24.02
N ARG B 96 -18.70 -1.13 -24.81
CA ARG B 96 -19.37 -1.69 -26.02
C ARG B 96 -18.34 -1.75 -27.14
N VAL B 97 -17.32 -0.88 -27.11
CA VAL B 97 -16.19 -0.91 -28.08
C VAL B 97 -15.27 -2.08 -27.69
N LEU B 98 -14.67 -1.99 -26.49
CA LEU B 98 -13.68 -2.97 -25.95
C LEU B 98 -14.24 -4.41 -26.04
N SER B 99 -15.54 -4.60 -25.91
CA SER B 99 -16.12 -5.97 -25.91
C SER B 99 -16.23 -6.51 -27.33
N ARG B 100 -15.93 -5.68 -28.33
CA ARG B 100 -15.91 -6.10 -29.76
C ARG B 100 -14.47 -6.45 -30.17
N MET B 101 -13.48 -6.24 -29.29
CA MET B 101 -12.03 -6.47 -29.51
C MET B 101 -11.45 -7.52 -28.54
N TYR B 102 -11.79 -7.47 -27.26
CA TYR B 102 -11.32 -8.43 -26.24
C TYR B 102 -12.27 -9.61 -26.18
N ASP B 103 -11.77 -10.72 -25.63
CA ASP B 103 -12.51 -12.00 -25.41
C ASP B 103 -13.15 -11.99 -24.02
N ALA B 104 -12.66 -11.16 -23.09
CA ALA B 104 -13.24 -10.99 -21.74
C ALA B 104 -12.86 -9.62 -21.17
N ILE B 105 -13.75 -9.06 -20.35
CA ILE B 105 -13.46 -7.84 -19.57
C ILE B 105 -13.71 -8.13 -18.09
N GLU B 106 -12.77 -7.71 -17.23
CA GLU B 106 -12.95 -7.61 -15.77
C GLU B 106 -12.99 -6.13 -15.39
N TYR B 107 -14.10 -5.73 -14.77
CA TYR B 107 -14.37 -4.41 -14.15
C TYR B 107 -14.24 -4.52 -12.63
N ARG B 108 -13.41 -3.70 -12.01
CA ARG B 108 -13.27 -3.65 -10.53
C ARG B 108 -13.65 -2.27 -10.02
N GLY B 109 -14.81 -2.20 -9.33
CA GLY B 109 -15.23 -1.14 -8.41
C GLY B 109 -15.81 0.08 -9.11
N PHE B 110 -17.00 -0.03 -9.70
CA PHE B 110 -17.66 1.08 -10.45
C PHE B 110 -19.12 1.27 -10.00
N GLY B 111 -19.51 0.66 -8.87
CA GLY B 111 -20.92 0.38 -8.55
C GLY B 111 -21.46 -0.67 -9.51
N GLN B 112 -22.08 -1.72 -8.96
CA GLN B 112 -22.47 -2.98 -9.68
C GLN B 112 -23.65 -2.74 -10.66
N GLU B 113 -24.33 -1.59 -10.55
CA GLU B 113 -25.56 -1.26 -11.33
C GLU B 113 -25.23 -1.19 -12.83
N ILE B 114 -24.19 -0.43 -13.23
CA ILE B 114 -23.81 -0.18 -14.65
C ILE B 114 -23.14 -1.44 -15.25
N VAL B 115 -22.21 -2.04 -14.48
CA VAL B 115 -21.38 -3.23 -14.89
C VAL B 115 -22.30 -4.36 -15.35
N ASN B 116 -23.44 -4.52 -14.64
CA ASN B 116 -24.47 -5.57 -14.90
C ASN B 116 -25.15 -5.31 -16.24
N GLU B 117 -26.23 -6.07 -16.52
CA GLU B 117 -26.88 -6.24 -17.85
C GLU B 117 -25.94 -7.09 -18.73
N LEU B 118 -25.04 -7.86 -18.07
CA LEU B 118 -23.84 -8.52 -18.67
C LEU B 118 -23.06 -7.45 -19.46
N ALA B 119 -22.93 -6.25 -18.88
CA ALA B 119 -22.52 -4.97 -19.51
C ALA B 119 -23.36 -4.69 -20.76
N GLU B 120 -24.67 -4.97 -20.70
CA GLU B 120 -25.66 -4.88 -21.81
C GLU B 120 -25.27 -5.89 -22.92
N TYR B 121 -25.98 -7.00 -23.02
CA TYR B 121 -25.74 -8.11 -23.99
C TYR B 121 -24.33 -8.66 -23.80
N ALA B 122 -23.35 -8.10 -24.54
CA ALA B 122 -21.96 -8.58 -24.69
C ALA B 122 -21.94 -9.99 -25.30
N ASP B 123 -21.33 -10.13 -26.47
CA ASP B 123 -20.94 -11.43 -27.12
C ASP B 123 -20.08 -12.26 -26.16
N ILE B 124 -19.48 -11.62 -25.15
CA ILE B 124 -18.26 -12.07 -24.40
C ILE B 124 -18.58 -12.22 -22.92
N PRO B 125 -17.78 -13.03 -22.17
CA PRO B 125 -17.80 -12.99 -20.71
C PRO B 125 -17.33 -11.65 -20.18
N VAL B 126 -17.84 -11.27 -19.00
CA VAL B 126 -17.82 -9.91 -18.40
C VAL B 126 -17.88 -10.09 -16.87
N PHE B 127 -16.82 -9.76 -16.14
CA PHE B 127 -16.68 -10.15 -14.71
C PHE B 127 -17.07 -8.96 -13.82
N ASN B 128 -18.25 -9.14 -13.19
CA ASN B 128 -18.75 -8.54 -11.93
C ASN B 128 -17.63 -7.66 -11.32
N GLY B 129 -16.76 -8.25 -10.52
CA GLY B 129 -15.66 -7.56 -9.84
C GLY B 129 -14.76 -8.57 -9.17
N LEU B 130 -14.18 -9.48 -9.97
CA LEU B 130 -13.32 -10.63 -9.53
C LEU B 130 -12.21 -10.16 -8.57
N THR B 131 -12.03 -8.84 -8.39
CA THR B 131 -10.83 -8.21 -7.74
C THR B 131 -11.21 -7.32 -6.52
N ASN B 132 -10.46 -7.51 -5.40
CA ASN B 132 -10.47 -6.87 -4.05
C ASN B 132 -11.89 -6.73 -3.44
N GLU B 133 -12.96 -6.72 -4.25
CA GLU B 133 -14.38 -6.80 -3.77
C GLU B 133 -14.64 -8.22 -3.25
N PHE B 134 -15.03 -8.31 -1.97
CA PHE B 134 -15.17 -9.56 -1.16
C PHE B 134 -16.06 -10.55 -1.94
N HIS B 135 -15.47 -11.05 -3.04
CA HIS B 135 -16.10 -11.84 -4.12
C HIS B 135 -16.45 -13.25 -3.62
N PRO B 136 -17.40 -13.98 -4.26
CA PRO B 136 -17.46 -15.44 -4.14
C PRO B 136 -16.08 -16.11 -4.32
N THR B 137 -15.37 -15.69 -5.36
CA THR B 137 -13.95 -15.94 -5.61
C THR B 137 -13.21 -16.08 -4.27
N GLN B 138 -13.31 -15.09 -3.38
CA GLN B 138 -12.60 -15.12 -2.07
C GLN B 138 -12.95 -16.38 -1.27
N MET B 139 -14.22 -16.76 -1.22
CA MET B 139 -14.68 -17.92 -0.42
C MET B 139 -14.21 -19.23 -1.03
N LEU B 140 -14.11 -19.29 -2.35
CA LEU B 140 -13.58 -20.52 -2.99
C LEU B 140 -12.10 -20.56 -2.57
N ALA B 141 -11.40 -19.42 -2.63
CA ALA B 141 -9.98 -19.42 -2.25
C ALA B 141 -9.83 -19.80 -0.78
N ASP B 142 -10.75 -19.38 0.10
CA ASP B 142 -10.57 -19.61 1.56
C ASP B 142 -10.86 -21.06 1.87
N VAL B 143 -11.91 -21.61 1.28
CA VAL B 143 -12.26 -23.04 1.46
C VAL B 143 -11.19 -23.90 0.80
N MET B 144 -10.75 -23.55 -0.41
CA MET B 144 -9.62 -24.23 -1.08
C MET B 144 -8.46 -24.38 -0.10
N THR B 145 -8.12 -23.27 0.56
CA THR B 145 -6.98 -23.18 1.49
C THR B 145 -7.16 -24.14 2.68
N MET B 146 -8.37 -24.20 3.22
CA MET B 146 -8.69 -24.94 4.45
C MET B 146 -8.71 -26.44 4.12
N ARG B 147 -9.27 -26.81 2.98
CA ARG B 147 -9.26 -28.17 2.40
C ARG B 147 -7.82 -28.66 2.28
N GLU B 148 -6.94 -27.91 1.60
CA GLU B 148 -5.56 -28.40 1.34
C GLU B 148 -4.77 -28.57 2.64
N HIS B 149 -5.00 -27.74 3.65
CA HIS B 149 -4.24 -27.79 4.93
C HIS B 149 -4.71 -28.92 5.84
N THR B 150 -6.03 -29.12 5.97
CA THR B 150 -6.57 -30.15 6.88
C THR B 150 -6.40 -31.52 6.26
N ASP B 151 -6.47 -31.64 4.92
CA ASP B 151 -6.39 -32.92 4.17
C ASP B 151 -7.54 -33.84 4.63
N LYS B 152 -8.71 -33.25 4.86
CA LYS B 152 -9.92 -34.01 5.27
C LYS B 152 -11.11 -33.39 4.58
N SER B 153 -12.25 -34.04 4.72
CA SER B 153 -13.48 -33.72 3.97
C SER B 153 -13.91 -32.32 4.37
N THR B 154 -14.26 -31.47 3.41
CA THR B 154 -14.68 -30.07 3.64
C THR B 154 -15.65 -29.94 4.82
N HIS B 155 -16.61 -30.85 4.93
CA HIS B 155 -17.83 -30.67 5.76
C HIS B 155 -17.51 -30.87 7.23
N GLN B 156 -16.31 -31.37 7.55
CA GLN B 156 -15.81 -31.65 8.93
C GLN B 156 -14.84 -30.55 9.37
N ILE B 157 -14.65 -29.55 8.52
CA ILE B 157 -13.69 -28.47 8.81
C ILE B 157 -14.43 -27.50 9.72
N LYS B 158 -13.81 -27.17 10.84
CA LYS B 158 -14.30 -26.21 11.84
C LYS B 158 -13.52 -24.92 11.70
N TYR B 159 -14.21 -23.80 11.55
CA TYR B 159 -13.55 -22.49 11.52
C TYR B 159 -14.41 -21.39 12.14
N ALA B 160 -13.77 -20.32 12.61
CA ALA B 160 -14.40 -19.17 13.32
C ALA B 160 -13.96 -17.85 12.69
N TYR B 161 -14.87 -16.90 12.55
CA TYR B 161 -14.59 -15.48 12.18
C TYR B 161 -14.74 -14.61 13.42
N PHE B 162 -13.73 -13.79 13.72
CA PHE B 162 -13.67 -12.81 14.84
C PHE B 162 -13.61 -11.37 14.32
N GLY B 163 -14.57 -10.58 14.80
CA GLY B 163 -14.64 -9.12 14.60
C GLY B 163 -16.07 -8.68 14.38
N ASP B 164 -16.31 -7.90 13.32
CA ASP B 164 -17.63 -7.38 12.90
C ASP B 164 -18.35 -8.38 11.96
N ALA B 165 -19.10 -9.32 12.51
CA ALA B 165 -19.87 -10.33 11.76
C ALA B 165 -20.73 -9.69 10.67
N ARG B 166 -20.97 -8.38 10.70
CA ARG B 166 -21.89 -7.73 9.73
C ARG B 166 -21.15 -7.47 8.42
N ASN B 167 -19.82 -7.35 8.44
CA ASN B 167 -19.04 -7.01 7.24
C ASN B 167 -18.94 -8.25 6.33
N ASN B 168 -18.57 -8.03 5.06
CA ASN B 168 -18.77 -8.99 3.95
C ASN B 168 -18.05 -10.32 4.22
N MET B 169 -16.83 -10.28 4.74
CA MET B 169 -16.07 -11.50 5.07
C MET B 169 -16.85 -12.36 6.07
N GLY B 170 -17.38 -11.77 7.14
CA GLY B 170 -18.18 -12.53 8.11
C GLY B 170 -19.41 -13.16 7.46
N ARG B 171 -20.16 -12.41 6.66
CA ARG B 171 -21.42 -12.96 6.09
C ARG B 171 -21.07 -13.95 4.99
N SER B 172 -19.98 -13.69 4.24
CA SER B 172 -19.44 -14.61 3.20
C SER B 172 -19.00 -15.92 3.89
N LEU B 173 -18.18 -15.82 4.92
CA LEU B 173 -17.62 -17.03 5.58
C LEU B 173 -18.75 -17.89 6.16
N TYR B 174 -19.74 -17.24 6.77
CA TYR B 174 -20.94 -17.90 7.34
C TYR B 174 -21.75 -18.60 6.24
N LEU B 175 -22.04 -17.89 5.15
CA LEU B 175 -22.93 -18.42 4.09
C LEU B 175 -22.22 -19.58 3.37
N MET B 176 -20.93 -19.41 3.13
CA MET B 176 -20.09 -20.47 2.51
C MET B 176 -20.14 -21.73 3.38
N GLY B 177 -19.89 -21.61 4.68
CA GLY B 177 -20.00 -22.75 5.62
C GLY B 177 -21.34 -23.46 5.49
N ALA B 178 -22.41 -22.67 5.48
CA ALA B 178 -23.80 -23.17 5.44
C ALA B 178 -24.03 -24.00 4.16
N LYS B 179 -23.45 -23.57 3.05
CA LYS B 179 -23.62 -24.24 1.74
C LYS B 179 -22.71 -25.48 1.64
N MET B 180 -21.51 -25.45 2.23
CA MET B 180 -20.50 -26.54 2.06
C MET B 180 -20.65 -27.58 3.16
N GLY B 181 -21.65 -27.43 4.02
CA GLY B 181 -21.87 -28.32 5.18
C GLY B 181 -20.82 -28.15 6.27
N MET B 182 -20.15 -27.02 6.38
CA MET B 182 -18.99 -26.93 7.32
C MET B 182 -19.46 -26.57 8.73
N ASP B 183 -18.53 -26.54 9.69
CA ASP B 183 -18.80 -26.09 11.09
C ASP B 183 -18.24 -24.67 11.26
N VAL B 184 -19.10 -23.66 11.14
CA VAL B 184 -18.65 -22.24 11.13
C VAL B 184 -19.19 -21.52 12.36
N ARG B 185 -18.34 -20.69 12.98
CA ARG B 185 -18.67 -19.87 14.17
C ARG B 185 -18.43 -18.40 13.85
N LEU B 186 -19.48 -17.56 13.83
CA LEU B 186 -19.32 -16.08 13.84
C LEU B 186 -19.17 -15.61 15.29
N CYS B 187 -18.11 -14.86 15.62
CA CYS B 187 -17.85 -14.36 16.99
C CYS B 187 -17.74 -12.86 16.95
N ALA B 188 -18.71 -12.15 17.56
CA ALA B 188 -18.80 -10.67 17.56
C ALA B 188 -19.76 -10.18 18.64
N PRO B 189 -19.55 -8.95 19.14
CA PRO B 189 -20.54 -8.29 19.99
C PRO B 189 -21.96 -8.44 19.42
N LYS B 190 -22.98 -8.52 20.27
CA LYS B 190 -24.37 -8.95 19.90
C LYS B 190 -25.01 -7.93 18.97
N ASP B 191 -24.59 -6.66 19.01
CA ASP B 191 -25.18 -5.57 18.18
C ASP B 191 -24.39 -5.46 16.87
N LEU B 192 -23.40 -6.32 16.70
CA LEU B 192 -22.64 -6.44 15.43
C LEU B 192 -22.90 -7.82 14.82
N TRP B 193 -24.12 -8.33 14.89
CA TRP B 193 -24.51 -9.64 14.30
C TRP B 193 -25.26 -9.36 12.99
N PRO B 194 -25.21 -10.27 12.00
CA PRO B 194 -26.03 -10.08 10.80
C PRO B 194 -27.49 -9.91 11.22
N GLU B 195 -28.29 -9.26 10.38
CA GLU B 195 -29.77 -9.13 10.54
C GLU B 195 -30.36 -10.54 10.66
N ALA B 196 -31.57 -10.70 11.20
CA ALA B 196 -32.17 -12.01 11.57
C ALA B 196 -32.65 -12.77 10.32
N ASP B 197 -32.94 -12.06 9.23
CA ASP B 197 -33.46 -12.65 7.96
C ASP B 197 -32.32 -13.39 7.26
N PHE B 198 -31.12 -12.79 7.27
CA PHE B 198 -29.88 -13.38 6.72
C PHE B 198 -29.54 -14.65 7.51
N LEU B 199 -29.57 -14.59 8.84
CA LEU B 199 -29.23 -15.78 9.70
C LEU B 199 -30.22 -16.91 9.44
N ALA B 200 -31.45 -16.60 9.05
CA ALA B 200 -32.53 -17.57 8.85
C ALA B 200 -32.22 -18.34 7.56
N THR B 201 -32.05 -17.60 6.45
CA THR B 201 -31.57 -18.13 5.13
C THR B 201 -30.45 -19.15 5.31
N CYS B 202 -29.37 -18.78 6.01
CA CYS B 202 -28.16 -19.61 6.28
C CYS B 202 -28.56 -20.87 7.07
N ALA B 203 -29.40 -20.75 8.10
CA ALA B 203 -29.93 -21.93 8.84
C ALA B 203 -30.66 -22.91 7.91
N ASP B 204 -31.30 -22.41 6.83
CA ASP B 204 -32.03 -23.24 5.83
C ASP B 204 -31.00 -24.04 5.03
N PHE B 205 -29.97 -23.37 4.47
CA PHE B 205 -28.85 -24.08 3.79
C PHE B 205 -28.19 -25.08 4.75
N ALA B 206 -28.01 -24.73 6.02
CA ALA B 206 -27.38 -25.63 7.03
C ALA B 206 -28.18 -26.93 7.19
N LYS B 207 -29.51 -26.83 7.15
CA LYS B 207 -30.43 -27.99 7.35
C LYS B 207 -30.16 -28.99 6.22
N GLU B 208 -30.01 -28.50 4.99
CA GLU B 208 -29.89 -29.34 3.77
C GLU B 208 -28.47 -29.91 3.65
N SER B 209 -27.47 -29.12 4.04
CA SER B 209 -26.03 -29.47 3.88
C SER B 209 -25.51 -30.21 5.10
N GLY B 210 -26.08 -29.98 6.29
CA GLY B 210 -25.56 -30.53 7.55
C GLY B 210 -24.57 -29.59 8.23
N ALA B 211 -24.47 -28.33 7.82
CA ALA B 211 -23.56 -27.37 8.48
C ALA B 211 -24.01 -27.13 9.92
N ARG B 212 -23.04 -27.02 10.82
CA ARG B 212 -23.22 -26.58 12.22
C ARG B 212 -22.97 -25.07 12.20
N LEU B 213 -24.02 -24.25 12.32
CA LEU B 213 -23.96 -22.78 12.45
C LEU B 213 -24.01 -22.38 13.93
N THR B 214 -23.39 -21.24 14.23
CA THR B 214 -23.05 -20.81 15.60
C THR B 214 -22.64 -19.35 15.53
N ILE B 215 -23.43 -18.48 16.20
CA ILE B 215 -23.09 -17.03 16.40
C ILE B 215 -23.21 -16.71 17.89
N THR B 216 -22.14 -16.15 18.46
CA THR B 216 -21.89 -15.93 19.90
C THR B 216 -21.08 -14.66 20.04
N ASP B 217 -21.02 -14.10 21.25
CA ASP B 217 -20.15 -12.96 21.65
C ASP B 217 -19.02 -13.48 22.52
N ASP B 218 -19.03 -14.79 22.84
CA ASP B 218 -18.02 -15.47 23.69
C ASP B 218 -16.85 -16.01 22.83
N VAL B 219 -15.68 -15.41 22.97
CA VAL B 219 -14.48 -15.80 22.19
C VAL B 219 -14.18 -17.27 22.44
N LYS B 220 -14.22 -17.71 23.69
CA LYS B 220 -13.69 -19.04 24.07
C LYS B 220 -14.61 -20.14 23.51
N THR B 221 -15.91 -19.91 23.38
CA THR B 221 -16.86 -20.88 22.80
C THR B 221 -16.63 -21.01 21.28
N ALA B 222 -16.40 -19.90 20.57
CA ALA B 222 -16.22 -19.87 19.10
C ALA B 222 -14.86 -20.45 18.71
N ALA B 223 -13.80 -20.17 19.46
CA ALA B 223 -12.42 -20.68 19.27
C ALA B 223 -12.27 -22.19 19.53
N LYS B 224 -13.10 -22.79 20.35
CA LYS B 224 -12.86 -24.16 20.88
C LYS B 224 -12.72 -25.12 19.69
N ASP B 225 -11.51 -25.62 19.48
CA ASP B 225 -11.24 -26.83 18.66
C ASP B 225 -11.27 -26.54 17.16
N VAL B 226 -11.14 -25.30 16.74
CA VAL B 226 -11.33 -24.94 15.31
C VAL B 226 -10.04 -25.23 14.55
N ASP B 227 -10.19 -25.57 13.28
CA ASP B 227 -9.06 -25.75 12.35
C ASP B 227 -8.49 -24.40 11.96
N PHE B 228 -9.32 -23.36 11.83
CA PHE B 228 -8.88 -22.04 11.32
C PHE B 228 -9.51 -20.88 12.09
N VAL B 229 -8.70 -19.86 12.37
CA VAL B 229 -9.19 -18.55 12.89
C VAL B 229 -9.13 -17.50 11.77
N HIS B 230 -10.24 -16.88 11.43
CA HIS B 230 -10.28 -15.76 10.47
C HIS B 230 -10.56 -14.42 11.16
N THR B 231 -9.95 -13.34 10.71
CA THR B 231 -10.52 -12.00 10.89
C THR B 231 -10.38 -11.20 9.59
N ASP B 232 -11.06 -10.06 9.54
CA ASP B 232 -10.86 -8.97 8.55
C ASP B 232 -10.77 -7.64 9.31
N VAL B 233 -10.22 -6.59 8.68
CA VAL B 233 -10.12 -5.20 9.21
C VAL B 233 -11.53 -4.73 9.61
N TRP B 234 -11.69 -4.20 10.84
CA TRP B 234 -13.02 -3.73 11.35
C TRP B 234 -13.07 -2.23 11.71
N VAL B 235 -11.91 -1.55 11.82
CA VAL B 235 -11.83 -0.06 11.84
C VAL B 235 -12.55 0.50 10.61
N SER B 236 -13.13 1.69 10.73
CA SER B 236 -13.99 2.34 9.71
C SER B 236 -13.16 3.39 8.94
N MET B 237 -12.65 3.01 7.77
CA MET B 237 -11.51 3.70 7.11
C MET B 237 -11.95 5.05 6.53
N GLY B 238 -13.25 5.17 6.19
CA GLY B 238 -13.86 6.38 5.59
C GLY B 238 -14.58 7.24 6.64
N GLU B 239 -14.24 7.07 7.92
CA GLU B 239 -14.51 8.02 9.03
C GLU B 239 -13.15 8.41 9.59
N PRO B 240 -13.02 9.59 10.25
CA PRO B 240 -11.70 10.04 10.73
C PRO B 240 -11.27 9.26 11.99
N ILE B 241 -9.96 9.17 12.19
CA ILE B 241 -9.31 8.26 13.17
C ILE B 241 -9.95 8.48 14.54
N GLU B 242 -10.27 9.71 14.93
CA GLU B 242 -10.61 10.05 16.34
C GLU B 242 -12.07 9.71 16.67
N SER B 243 -12.87 9.11 15.77
CA SER B 243 -14.24 8.59 16.06
C SER B 243 -14.23 7.07 16.33
N TRP B 244 -13.05 6.46 16.39
CA TRP B 244 -12.87 4.99 16.52
C TRP B 244 -12.94 4.54 17.99
N ALA B 245 -12.75 5.46 18.94
CA ALA B 245 -12.90 5.21 20.40
C ALA B 245 -13.93 4.10 20.64
N GLU B 246 -15.17 4.32 20.24
CA GLU B 246 -16.32 3.42 20.50
C GLU B 246 -16.04 2.06 19.82
N ARG B 247 -15.65 2.07 18.54
CA ARG B 247 -15.36 0.87 17.73
C ARG B 247 -14.28 -0.01 18.40
N ILE B 248 -13.10 0.57 18.64
CA ILE B 248 -11.94 -0.09 19.25
C ILE B 248 -12.38 -0.76 20.56
N ASP B 249 -12.96 -0.01 21.49
CA ASP B 249 -13.48 -0.51 22.79
C ASP B 249 -14.30 -1.77 22.54
N ALA B 250 -15.32 -1.65 21.69
CA ALA B 250 -16.28 -2.75 21.38
C ALA B 250 -15.53 -3.99 20.84
N LEU B 251 -14.48 -3.87 20.01
CA LEU B 251 -13.99 -5.06 19.24
C LEU B 251 -12.61 -5.57 19.67
N MET B 252 -11.80 -4.82 20.42
CA MET B 252 -10.42 -5.26 20.78
C MET B 252 -10.44 -6.59 21.54
N ALA B 253 -11.56 -6.94 22.17
CA ALA B 253 -11.74 -8.19 22.92
C ALA B 253 -11.84 -9.37 21.94
N TYR B 254 -12.03 -9.05 20.65
CA TYR B 254 -12.17 -10.00 19.52
C TYR B 254 -10.97 -9.92 18.58
N GLN B 255 -9.88 -9.31 19.05
CA GLN B 255 -8.57 -9.28 18.36
C GLN B 255 -8.07 -10.71 18.31
N VAL B 256 -7.45 -11.09 17.20
CA VAL B 256 -6.76 -12.39 17.08
C VAL B 256 -5.35 -12.18 17.60
N ASN B 257 -5.13 -12.62 18.82
CA ASN B 257 -3.83 -12.53 19.52
C ASN B 257 -3.40 -13.93 19.89
N MET B 258 -2.20 -14.08 20.43
CA MET B 258 -1.66 -15.41 20.75
C MET B 258 -2.47 -16.07 21.88
N ASP B 259 -3.33 -15.35 22.61
CA ASP B 259 -4.21 -15.96 23.67
C ASP B 259 -5.43 -16.63 23.02
N LEU B 260 -5.97 -16.09 21.92
CA LEU B 260 -7.09 -16.70 21.14
C LEU B 260 -6.59 -17.97 20.44
N ILE B 261 -5.43 -17.88 19.78
CA ILE B 261 -4.80 -19.07 19.14
C ILE B 261 -4.75 -20.19 20.19
N LYS B 262 -4.35 -19.84 21.42
CA LYS B 262 -4.14 -20.85 22.50
C LYS B 262 -5.52 -21.26 23.02
N ALA B 263 -6.40 -20.32 23.20
CA ALA B 263 -7.79 -20.63 23.61
C ALA B 263 -8.38 -21.75 22.74
N THR B 264 -8.03 -21.87 21.46
CA THR B 264 -8.61 -22.91 20.54
C THR B 264 -8.22 -24.30 21.04
N GLY B 265 -7.09 -24.36 21.75
CA GLY B 265 -6.50 -25.58 22.32
C GLY B 265 -6.21 -26.59 21.23
N ASN B 266 -5.91 -26.08 20.04
CA ASN B 266 -5.55 -26.94 18.89
C ASN B 266 -4.21 -26.46 18.38
N PRO B 267 -3.13 -27.25 18.58
CA PRO B 267 -1.80 -26.81 18.22
C PRO B 267 -1.60 -26.83 16.69
N ARG B 268 -2.57 -27.40 15.93
CA ARG B 268 -2.55 -27.45 14.42
C ARG B 268 -3.29 -26.24 13.79
N VAL B 269 -3.99 -25.44 14.60
CA VAL B 269 -4.87 -24.31 14.16
C VAL B 269 -4.03 -23.36 13.32
N LYS B 270 -4.67 -22.68 12.37
CA LYS B 270 -3.96 -21.79 11.43
C LYS B 270 -4.77 -20.51 11.32
N PHE B 271 -4.08 -19.40 11.11
CA PHE B 271 -4.73 -18.09 10.96
C PHE B 271 -4.86 -17.71 9.47
N MET B 272 -6.00 -17.18 9.09
CA MET B 272 -6.28 -16.78 7.70
C MET B 272 -6.86 -15.36 7.75
N HIS B 273 -6.75 -14.60 6.65
CA HIS B 273 -7.03 -13.14 6.58
C HIS B 273 -6.99 -12.78 5.08
N CYS B 274 -8.05 -12.15 4.57
CA CYS B 274 -8.16 -11.87 3.11
C CYS B 274 -7.19 -10.74 2.69
N LEU B 275 -6.56 -10.05 3.65
CA LEU B 275 -5.63 -8.92 3.40
C LEU B 275 -6.40 -7.79 2.73
N PRO B 276 -5.97 -6.51 2.86
CA PRO B 276 -4.78 -6.13 3.63
C PRO B 276 -5.11 -6.17 5.12
N ALA B 277 -4.08 -6.44 5.94
CA ALA B 277 -4.22 -6.68 7.40
C ALA B 277 -3.40 -5.66 8.17
N PHE B 278 -4.04 -4.94 9.10
CA PHE B 278 -3.43 -3.94 10.03
C PHE B 278 -2.82 -4.65 11.24
N HIS B 279 -1.55 -5.06 11.17
CA HIS B 279 -0.91 -5.94 12.16
C HIS B 279 0.34 -5.30 12.75
N ASN B 280 0.64 -4.07 12.34
CA ASN B 280 1.86 -3.37 12.82
C ASN B 280 1.82 -1.92 12.32
N SER B 281 2.93 -1.19 12.44
CA SER B 281 2.95 0.28 12.20
C SER B 281 3.59 0.61 10.85
N ASP B 282 4.00 -0.39 10.05
CA ASP B 282 4.89 -0.20 8.87
C ASP B 282 4.25 0.80 7.89
N THR B 283 2.93 0.75 7.69
CA THR B 283 2.16 1.56 6.70
C THR B 283 2.02 3.02 7.15
N GLU B 284 1.67 3.93 6.23
CA GLU B 284 1.30 5.33 6.57
C GLU B 284 0.14 5.26 7.54
N VAL B 285 -1.00 4.77 7.05
CA VAL B 285 -2.29 4.65 7.81
C VAL B 285 -2.04 3.90 9.13
N GLY B 286 -0.98 3.08 9.21
CA GLY B 286 -0.63 2.38 10.44
C GLY B 286 -0.13 3.33 11.49
N LYS B 287 0.80 4.21 11.09
CA LYS B 287 1.51 5.21 11.95
C LYS B 287 0.49 6.24 12.43
N LYS B 288 -0.31 6.81 11.52
CA LYS B 288 -1.37 7.78 11.88
C LYS B 288 -2.31 7.14 12.90
N ILE B 289 -2.54 5.83 12.84
CA ILE B 289 -3.45 5.08 13.76
C ILE B 289 -2.74 4.97 15.10
N THR B 290 -1.58 4.33 15.11
CA THR B 290 -0.72 4.16 16.31
C THR B 290 -0.65 5.47 17.10
N GLU B 291 -0.34 6.59 16.46
CA GLU B 291 -0.13 7.89 17.15
C GLU B 291 -1.36 8.19 18.02
N LYS B 292 -2.56 8.34 17.44
CA LYS B 292 -3.82 8.58 18.20
C LYS B 292 -4.16 7.43 19.17
N TYR B 293 -3.56 6.24 19.04
CA TYR B 293 -3.98 5.02 19.80
C TYR B 293 -2.81 4.06 20.03
N PRO B 294 -1.89 4.36 20.95
CA PRO B 294 -0.57 3.72 20.96
C PRO B 294 -0.54 2.22 21.18
N GLN B 295 -1.67 1.68 21.63
CA GLN B 295 -1.83 0.24 21.97
C GLN B 295 -1.91 -0.57 20.67
N LEU B 296 -2.40 0.07 19.58
CA LEU B 296 -2.53 -0.49 18.20
C LEU B 296 -1.18 -0.51 17.47
N ALA B 297 -0.07 -0.09 18.08
CA ALA B 297 1.26 -0.13 17.41
C ALA B 297 1.56 -1.52 16.85
N ASP B 298 1.23 -2.56 17.60
CA ASP B 298 1.61 -3.93 17.21
C ASP B 298 0.34 -4.66 16.70
N GLY B 299 -0.59 -3.92 16.07
CA GLY B 299 -1.71 -4.49 15.32
C GLY B 299 -3.09 -4.26 15.93
N ILE B 300 -4.11 -4.23 15.07
CA ILE B 300 -5.55 -4.02 15.40
C ILE B 300 -6.30 -5.35 15.42
N GLU B 301 -6.82 -5.84 14.29
CA GLU B 301 -7.63 -7.07 14.26
C GLU B 301 -6.75 -8.32 14.43
N VAL B 302 -5.42 -8.20 14.31
CA VAL B 302 -4.47 -9.32 14.58
C VAL B 302 -3.12 -8.72 14.97
N THR B 303 -2.35 -9.41 15.80
CA THR B 303 -1.08 -8.89 16.35
C THR B 303 0.14 -9.28 15.51
N GLU B 304 1.22 -8.49 15.55
CA GLU B 304 2.54 -8.82 14.96
C GLU B 304 2.93 -10.23 15.41
N GLU B 305 2.73 -10.55 16.68
CA GLU B 305 3.10 -11.88 17.25
C GLU B 305 2.50 -13.00 16.39
N VAL B 306 1.18 -12.95 16.13
CA VAL B 306 0.46 -13.98 15.32
C VAL B 306 0.81 -13.85 13.83
N PHE B 307 0.79 -12.66 13.24
CA PHE B 307 0.89 -12.47 11.77
C PHE B 307 2.29 -12.89 11.29
N GLU B 308 3.32 -12.74 12.12
CA GLU B 308 4.71 -13.14 11.78
C GLU B 308 4.99 -14.46 12.48
N SER B 309 4.04 -15.35 12.56
CA SER B 309 4.28 -16.68 13.18
C SER B 309 3.99 -17.79 12.17
N PRO B 310 4.39 -19.04 12.49
CA PRO B 310 4.08 -20.17 11.64
C PRO B 310 2.59 -20.48 11.65
N TYR B 311 1.81 -19.89 12.57
CA TYR B 311 0.32 -20.00 12.57
C TYR B 311 -0.29 -19.29 11.34
N ASN B 312 0.42 -18.32 10.75
CA ASN B 312 -0.17 -17.46 9.68
C ASN B 312 -0.08 -18.13 8.31
N ILE B 313 -1.20 -18.23 7.58
CA ILE B 313 -1.20 -18.81 6.21
C ILE B 313 -1.87 -17.86 5.23
N ALA B 314 -2.00 -16.59 5.57
CA ALA B 314 -2.64 -15.57 4.73
C ALA B 314 -1.96 -15.51 3.36
N PHE B 315 -0.64 -15.63 3.29
CA PHE B 315 0.11 -15.52 2.03
C PHE B 315 -0.24 -16.69 1.07
N GLU B 316 -0.23 -17.93 1.56
CA GLU B 316 -0.75 -19.08 0.79
C GLU B 316 -2.19 -18.79 0.38
N GLN B 317 -2.99 -18.28 1.31
CA GLN B 317 -4.43 -18.05 1.07
C GLN B 317 -4.57 -17.04 -0.08
N ALA B 318 -3.64 -16.12 -0.23
CA ALA B 318 -3.70 -15.03 -1.23
C ALA B 318 -3.23 -15.56 -2.59
N GLU B 319 -2.25 -16.44 -2.57
CA GLU B 319 -1.87 -17.30 -3.72
C GLU B 319 -3.10 -18.06 -4.18
N ASN B 320 -3.86 -18.70 -3.29
CA ASN B 320 -4.99 -19.56 -3.74
C ASN B 320 -6.03 -18.73 -4.48
N ARG B 321 -6.04 -17.42 -4.30
CA ARG B 321 -6.92 -16.46 -5.01
C ARG B 321 -6.59 -16.49 -6.51
N MET B 322 -5.31 -16.57 -6.84
CA MET B 322 -4.84 -16.61 -8.25
C MET B 322 -5.32 -17.91 -8.91
N HIS B 323 -5.10 -19.07 -8.26
CA HIS B 323 -5.60 -20.38 -8.71
C HIS B 323 -7.12 -20.33 -8.87
N THR B 324 -7.80 -19.65 -7.98
CA THR B 324 -9.27 -19.59 -7.99
C THR B 324 -9.74 -18.74 -9.18
N ILE B 325 -9.11 -17.58 -9.40
CA ILE B 325 -9.41 -16.75 -10.60
C ILE B 325 -9.11 -17.57 -11.85
N LYS B 326 -7.95 -18.22 -11.85
CA LYS B 326 -7.61 -19.10 -12.98
C LYS B 326 -8.76 -20.08 -13.21
N ALA B 327 -9.35 -20.64 -12.16
CA ALA B 327 -10.41 -21.67 -12.32
C ALA B 327 -11.63 -21.03 -12.94
N VAL B 328 -11.94 -19.78 -12.60
CA VAL B 328 -13.08 -19.02 -13.20
C VAL B 328 -12.81 -18.75 -14.69
N LEU B 329 -11.69 -18.12 -15.00
CA LEU B 329 -11.25 -17.82 -16.39
C LEU B 329 -11.29 -19.07 -17.25
N VAL B 330 -10.79 -20.19 -16.76
CA VAL B 330 -10.71 -21.43 -17.58
C VAL B 330 -12.12 -21.97 -17.81
N SER B 331 -12.99 -21.95 -16.79
CA SER B 331 -14.39 -22.42 -16.88
C SER B 331 -15.18 -21.55 -17.88
N ALA B 332 -14.90 -20.25 -17.92
CA ALA B 332 -15.61 -19.25 -18.74
C ALA B 332 -15.07 -19.16 -20.18
N LEU B 333 -13.75 -19.20 -20.42
CA LEU B 333 -13.15 -18.84 -21.73
C LEU B 333 -12.44 -20.02 -22.40
N GLY B 334 -12.17 -21.11 -21.69
CA GLY B 334 -11.14 -22.08 -22.07
C GLY B 334 -11.71 -23.23 -22.89
N ASN B 335 -13.05 -23.30 -23.04
CA ASN B 335 -13.71 -24.55 -23.46
C ASN B 335 -13.32 -25.62 -22.43
N ILE B 336 -12.95 -26.83 -22.86
CA ILE B 336 -12.58 -27.97 -21.97
C ILE B 336 -11.21 -27.68 -21.30
N ASP C 9 27.56 2.15 -1.31
CA ASP C 9 26.46 1.71 -2.21
C ASP C 9 26.92 0.48 -3.02
N LEU C 10 28.15 0.49 -3.55
CA LEU C 10 28.60 -0.36 -4.70
C LEU C 10 29.55 -1.49 -4.24
N LEU C 11 29.21 -2.20 -3.16
CA LEU C 11 30.06 -3.26 -2.57
C LEU C 11 29.78 -4.61 -3.25
N SER C 12 28.57 -4.82 -3.81
CA SER C 12 28.18 -6.04 -4.57
C SER C 12 29.18 -6.31 -5.68
N LEU C 13 29.46 -5.26 -6.46
CA LEU C 13 30.41 -5.22 -7.61
C LEU C 13 31.84 -5.57 -7.17
N MET C 14 32.14 -5.50 -5.87
CA MET C 14 33.50 -5.74 -5.33
C MET C 14 33.73 -7.24 -5.09
N HIS C 15 32.65 -8.02 -4.90
CA HIS C 15 32.71 -9.43 -4.42
C HIS C 15 32.81 -10.45 -5.56
N HIS C 16 32.65 -10.03 -6.83
CA HIS C 16 32.72 -10.90 -8.03
C HIS C 16 34.17 -10.96 -8.56
N SER C 17 34.72 -12.17 -8.81
CA SER C 17 36.10 -12.38 -9.34
C SER C 17 36.23 -11.95 -10.81
N GLU C 18 37.44 -11.88 -11.35
CA GLU C 18 37.70 -11.51 -12.76
C GLU C 18 36.87 -12.43 -13.66
N ARG C 19 37.06 -13.75 -13.50
CA ARG C 19 36.38 -14.80 -14.32
C ARG C 19 34.85 -14.71 -14.17
N GLU C 20 34.32 -14.28 -13.02
CA GLU C 20 32.85 -14.09 -12.84
C GLU C 20 32.36 -12.99 -13.78
N LEU C 21 32.94 -11.80 -13.75
CA LEU C 21 32.38 -10.65 -14.51
C LEU C 21 32.43 -10.97 -16.00
N THR C 22 33.46 -11.70 -16.47
CA THR C 22 33.71 -11.94 -17.91
C THR C 22 32.63 -12.94 -18.38
N TYR C 23 32.49 -14.04 -17.65
CA TYR C 23 31.39 -15.03 -17.86
C TYR C 23 30.08 -14.31 -18.20
N LEU C 24 29.76 -13.19 -17.55
CA LEU C 24 28.56 -12.35 -17.83
C LEU C 24 28.75 -11.50 -19.08
N LEU C 25 29.97 -11.04 -19.34
CA LEU C 25 30.25 -10.15 -20.52
C LEU C 25 30.12 -11.02 -21.78
N ASP C 26 30.69 -12.22 -21.74
CA ASP C 26 30.62 -13.31 -22.75
C ASP C 26 29.14 -13.67 -23.04
N MET C 27 28.30 -13.85 -22.00
CA MET C 27 26.87 -14.15 -22.13
C MET C 27 26.18 -13.03 -22.92
N ALA C 28 26.26 -11.80 -22.44
CA ALA C 28 25.61 -10.60 -23.05
C ALA C 28 26.05 -10.47 -24.50
N ARG C 29 27.30 -10.79 -24.81
CA ARG C 29 27.88 -10.65 -26.16
C ARG C 29 27.27 -11.71 -27.07
N ASP C 30 27.16 -12.96 -26.62
CA ASP C 30 26.54 -14.06 -27.38
C ASP C 30 25.04 -13.85 -27.51
N LEU C 31 24.36 -13.29 -26.51
CA LEU C 31 22.91 -13.04 -26.60
C LEU C 31 22.67 -11.89 -27.57
N LYS C 32 23.58 -10.92 -27.60
CA LYS C 32 23.48 -9.78 -28.53
C LYS C 32 23.64 -10.36 -29.94
N ARG C 33 24.59 -11.26 -30.11
CA ARG C 33 24.92 -11.79 -31.45
C ARG C 33 23.73 -12.66 -31.90
N ALA C 34 23.21 -13.52 -31.03
CA ALA C 34 22.05 -14.38 -31.29
C ALA C 34 20.81 -13.54 -31.60
N LYS C 35 20.56 -12.43 -30.93
CA LYS C 35 19.32 -11.68 -31.27
C LYS C 35 19.47 -11.20 -32.73
N TYR C 36 20.63 -10.64 -33.04
CA TYR C 36 20.95 -9.95 -34.32
C TYR C 36 20.98 -10.99 -35.46
N SER C 37 21.39 -12.23 -35.20
CA SER C 37 21.41 -13.40 -36.14
C SER C 37 20.04 -14.13 -36.25
N GLY C 38 19.07 -13.83 -35.38
CA GLY C 38 17.87 -14.65 -35.11
C GLY C 38 18.18 -16.11 -34.75
N THR C 39 19.29 -16.42 -34.11
CA THR C 39 19.54 -17.75 -33.49
C THR C 39 19.06 -17.78 -32.02
N GLU C 40 18.46 -16.70 -31.48
CA GLU C 40 18.14 -16.55 -30.04
C GLU C 40 17.06 -17.55 -29.66
N GLN C 41 17.35 -18.47 -28.73
CA GLN C 41 16.36 -19.41 -28.14
C GLN C 41 15.74 -18.73 -26.91
N LYS C 42 14.43 -18.92 -26.72
CA LYS C 42 13.65 -18.44 -25.56
C LYS C 42 13.87 -19.40 -24.39
N HIS C 43 14.62 -18.97 -23.36
CA HIS C 43 14.90 -19.74 -22.13
C HIS C 43 14.03 -19.33 -20.95
N LEU C 44 13.18 -18.31 -21.09
CA LEU C 44 12.29 -17.87 -19.97
C LEU C 44 10.83 -18.10 -20.34
N LEU C 45 10.57 -18.93 -21.34
CA LEU C 45 9.20 -19.19 -21.85
C LEU C 45 8.30 -19.54 -20.67
N GLY C 46 7.19 -18.81 -20.53
CA GLY C 46 6.16 -19.07 -19.49
C GLY C 46 6.48 -18.47 -18.14
N LYS C 47 7.65 -17.85 -17.97
CA LYS C 47 8.05 -17.25 -16.68
C LYS C 47 7.36 -15.91 -16.51
N ASN C 48 6.80 -15.70 -15.32
CA ASN C 48 6.15 -14.43 -14.98
C ASN C 48 7.11 -13.68 -14.06
N ILE C 49 7.37 -12.43 -14.43
CA ILE C 49 8.31 -11.49 -13.77
C ILE C 49 7.55 -10.24 -13.39
N ALA C 50 7.59 -9.83 -12.13
CA ALA C 50 6.99 -8.53 -11.69
C ALA C 50 8.09 -7.50 -11.63
N LEU C 51 7.82 -6.36 -12.26
CA LEU C 51 8.76 -5.22 -12.36
C LEU C 51 8.16 -4.10 -11.52
N ILE C 52 8.68 -3.92 -10.30
CA ILE C 52 8.03 -3.02 -9.28
C ILE C 52 8.91 -1.78 -9.10
N PHE C 53 8.34 -0.63 -9.49
CA PHE C 53 9.05 0.66 -9.62
C PHE C 53 8.42 1.66 -8.63
N GLU C 54 9.24 2.19 -7.72
CA GLU C 54 8.87 3.34 -6.83
C GLU C 54 8.88 4.63 -7.66
N LYS C 55 10.00 4.92 -8.32
CA LYS C 55 10.14 6.08 -9.24
C LYS C 55 10.16 5.52 -10.67
N THR C 56 9.39 6.11 -11.59
CA THR C 56 9.30 5.69 -13.03
C THR C 56 10.58 6.07 -13.78
N SER C 57 11.18 5.12 -14.51
CA SER C 57 12.43 5.30 -15.29
C SER C 57 12.34 4.50 -16.60
N THR C 58 11.58 4.99 -17.57
CA THR C 58 11.19 4.26 -18.80
C THR C 58 12.43 3.66 -19.50
N ARG C 59 13.56 4.34 -19.58
CA ARG C 59 14.74 3.79 -20.28
C ARG C 59 15.01 2.39 -19.72
N THR C 60 15.21 2.25 -18.41
CA THR C 60 15.67 0.97 -17.80
C THR C 60 14.48 0.01 -17.61
N ARG C 61 13.24 0.49 -17.52
CA ARG C 61 12.03 -0.37 -17.58
C ARG C 61 12.08 -1.14 -18.91
N CYS C 62 12.01 -0.38 -20.01
CA CYS C 62 12.13 -0.84 -21.42
C CYS C 62 13.28 -1.82 -21.59
N ALA C 63 14.48 -1.52 -21.14
CA ALA C 63 15.58 -2.49 -21.25
C ALA C 63 15.16 -3.76 -20.51
N PHE C 64 14.40 -3.63 -19.43
CA PHE C 64 13.94 -4.81 -18.66
C PHE C 64 12.88 -5.60 -19.47
N GLU C 65 11.81 -4.94 -19.90
CA GLU C 65 10.67 -5.58 -20.57
C GLU C 65 11.17 -6.29 -21.83
N VAL C 66 12.01 -5.64 -22.61
CA VAL C 66 12.42 -6.16 -23.92
C VAL C 66 13.30 -7.40 -23.70
N ALA C 67 14.20 -7.36 -22.74
CA ALA C 67 15.04 -8.55 -22.45
C ALA C 67 14.14 -9.73 -22.08
N ALA C 68 13.11 -9.49 -21.28
CA ALA C 68 12.17 -10.53 -20.83
C ALA C 68 11.40 -11.07 -22.04
N TYR C 69 10.83 -10.19 -22.86
CA TYR C 69 9.97 -10.59 -23.99
C TYR C 69 10.80 -11.39 -25.01
N ASP C 70 12.00 -10.95 -25.35
CA ASP C 70 12.86 -11.70 -26.31
C ASP C 70 13.05 -13.11 -25.74
N GLN C 71 13.17 -13.27 -24.41
CA GLN C 71 13.48 -14.61 -23.82
C GLN C 71 12.16 -15.36 -23.51
N GLY C 72 11.02 -14.75 -23.82
CA GLY C 72 9.72 -15.40 -23.87
C GLY C 72 8.90 -15.17 -22.61
N ALA C 73 9.26 -14.24 -21.74
CA ALA C 73 8.68 -14.15 -20.38
C ALA C 73 7.52 -13.17 -20.42
N ASN C 74 6.66 -13.18 -19.42
CA ASN C 74 5.55 -12.20 -19.34
C ASN C 74 5.96 -11.17 -18.31
N VAL C 75 5.43 -9.96 -18.35
CA VAL C 75 5.89 -8.94 -17.39
C VAL C 75 4.72 -8.15 -16.85
N THR C 76 4.77 -7.86 -15.55
CA THR C 76 3.75 -7.03 -14.87
C THR C 76 4.51 -5.81 -14.35
N PHE C 77 4.15 -4.66 -14.89
CA PHE C 77 4.78 -3.37 -14.55
C PHE C 77 3.90 -2.66 -13.52
N ILE C 78 4.42 -2.54 -12.30
CA ILE C 78 3.76 -1.78 -11.19
C ILE C 78 4.59 -0.52 -10.91
N GLY C 79 4.10 0.62 -11.43
CA GLY C 79 4.67 1.94 -11.16
C GLY C 79 3.88 2.68 -10.08
N PRO C 80 4.42 3.79 -9.56
CA PRO C 80 3.74 4.58 -8.53
C PRO C 80 2.46 5.20 -9.08
N ASN C 81 2.39 5.33 -10.41
CA ASN C 81 1.19 5.72 -11.18
C ASN C 81 -0.05 4.96 -10.68
N SER C 82 0.05 3.64 -10.47
CA SER C 82 -1.10 2.71 -10.32
C SER C 82 -1.05 1.92 -9.01
N SER C 83 -0.03 2.14 -8.17
CA SER C 83 0.28 1.36 -6.94
C SER C 83 0.52 2.30 -5.74
N GLN C 84 -0.33 2.19 -4.71
CA GLN C 84 -0.19 2.93 -3.42
C GLN C 84 0.62 2.08 -2.42
N ILE C 85 1.65 1.36 -2.88
CA ILE C 85 2.46 0.47 -2.01
C ILE C 85 2.91 1.31 -0.81
N GLY C 86 2.80 0.76 0.41
CA GLY C 86 3.32 1.35 1.65
C GLY C 86 2.30 2.22 2.36
N TYR C 87 1.07 2.38 1.80
CA TYR C 87 -0.03 3.27 2.29
C TYR C 87 -0.90 2.53 3.31
N LYS C 88 -1.80 1.64 2.85
CA LYS C 88 -2.66 0.80 3.74
C LYS C 88 -2.08 -0.61 3.80
N GLU C 89 -1.12 -0.96 2.93
CA GLU C 89 -0.56 -2.34 2.86
C GLU C 89 0.97 -2.34 2.87
N SER C 90 1.57 -3.07 3.79
CA SER C 90 3.05 -3.16 3.96
C SER C 90 3.69 -3.53 2.62
N MET C 91 4.82 -2.96 2.26
CA MET C 91 5.57 -3.47 1.09
C MET C 91 6.06 -4.89 1.41
N LYS C 92 6.44 -5.16 2.66
CA LYS C 92 6.89 -6.48 3.13
C LYS C 92 5.76 -7.51 2.95
N ASP C 93 4.50 -7.09 3.07
CA ASP C 93 3.30 -7.97 2.88
C ASP C 93 3.08 -8.21 1.37
N THR C 94 3.16 -7.14 0.56
CA THR C 94 2.76 -7.11 -0.86
C THR C 94 3.77 -7.98 -1.63
N ALA C 95 5.04 -7.71 -1.42
CA ALA C 95 6.16 -8.58 -1.86
C ALA C 95 5.83 -10.06 -1.60
N ARG C 96 5.50 -10.40 -0.36
CA ARG C 96 5.48 -11.82 0.05
C ARG C 96 4.32 -12.51 -0.71
N VAL C 97 3.25 -11.80 -1.06
CA VAL C 97 2.18 -12.41 -1.91
C VAL C 97 2.71 -12.67 -3.35
N LEU C 98 3.09 -11.61 -4.07
CA LEU C 98 3.72 -11.65 -5.40
C LEU C 98 4.88 -12.68 -5.42
N SER C 99 5.69 -12.82 -4.38
CA SER C 99 6.81 -13.80 -4.38
C SER C 99 6.28 -15.22 -4.62
N ARG C 100 5.01 -15.49 -4.26
CA ARG C 100 4.35 -16.79 -4.40
C ARG C 100 3.66 -16.96 -5.75
N MET C 101 3.44 -15.87 -6.50
CA MET C 101 2.76 -15.89 -7.82
C MET C 101 3.73 -15.70 -9.02
N TYR C 102 4.75 -14.84 -8.92
CA TYR C 102 5.77 -14.60 -9.96
C TYR C 102 6.94 -15.54 -9.77
N ASP C 103 7.73 -15.72 -10.83
CA ASP C 103 8.94 -16.56 -10.84
C ASP C 103 10.18 -15.75 -10.47
N ALA C 104 10.12 -14.43 -10.62
CA ALA C 104 11.19 -13.50 -10.19
C ALA C 104 10.59 -12.11 -9.96
N ILE C 105 11.22 -11.30 -9.11
CA ILE C 105 10.80 -9.89 -8.90
C ILE C 105 11.99 -8.95 -8.99
N GLU C 106 11.76 -7.80 -9.62
CA GLU C 106 12.72 -6.67 -9.64
C GLU C 106 12.11 -5.49 -8.88
N TYR C 107 12.93 -4.79 -8.08
CA TYR C 107 12.58 -3.61 -7.25
C TYR C 107 13.49 -2.41 -7.56
N ARG C 108 12.94 -1.26 -7.92
CA ARG C 108 13.75 -0.05 -8.25
C ARG C 108 13.24 1.16 -7.46
N GLY C 109 14.16 1.84 -6.77
CA GLY C 109 13.91 2.83 -5.71
C GLY C 109 13.92 2.12 -4.35
N PHE C 110 13.14 2.62 -3.39
CA PHE C 110 12.82 2.00 -2.08
C PHE C 110 14.02 2.03 -1.13
N GLY C 111 15.10 1.31 -1.46
CA GLY C 111 16.36 1.31 -0.70
C GLY C 111 16.91 -0.10 -0.50
N GLN C 112 18.23 -0.25 -0.60
CA GLN C 112 19.00 -1.53 -0.52
C GLN C 112 18.79 -2.21 0.84
N GLU C 113 17.91 -1.66 1.70
CA GLU C 113 17.64 -2.14 3.08
C GLU C 113 16.43 -3.09 3.07
N ILE C 114 15.25 -2.59 2.67
CA ILE C 114 13.95 -3.34 2.74
C ILE C 114 14.00 -4.55 1.78
N VAL C 115 14.50 -4.35 0.55
CA VAL C 115 14.49 -5.38 -0.54
C VAL C 115 15.11 -6.70 -0.02
N ASN C 116 16.33 -6.63 0.52
CA ASN C 116 17.05 -7.74 1.20
C ASN C 116 16.10 -8.55 2.07
N GLU C 117 15.10 -7.88 2.68
CA GLU C 117 14.19 -8.48 3.70
C GLU C 117 13.24 -9.46 3.01
N LEU C 118 12.67 -9.08 1.85
CA LEU C 118 11.83 -9.99 1.02
C LEU C 118 12.67 -11.14 0.47
N ALA C 119 13.91 -10.85 0.07
CA ALA C 119 14.86 -11.81 -0.55
C ALA C 119 14.86 -13.16 0.20
N GLU C 120 14.61 -13.16 1.52
CA GLU C 120 14.80 -14.35 2.41
C GLU C 120 13.51 -15.21 2.49
N TYR C 121 12.30 -14.65 2.63
CA TYR C 121 11.01 -15.36 2.37
C TYR C 121 10.70 -15.26 0.88
N ALA C 122 11.32 -16.15 0.09
CA ALA C 122 11.22 -16.16 -1.39
C ALA C 122 11.78 -17.49 -1.92
N ASP C 123 10.90 -18.34 -2.45
CA ASP C 123 11.20 -19.51 -3.30
C ASP C 123 11.88 -19.04 -4.61
N ILE C 124 12.11 -17.72 -4.81
CA ILE C 124 12.37 -17.05 -6.12
C ILE C 124 13.54 -16.06 -6.01
N PRO C 125 14.23 -15.78 -7.13
CA PRO C 125 15.13 -14.63 -7.22
C PRO C 125 14.40 -13.29 -7.11
N VAL C 126 14.75 -12.51 -6.08
CA VAL C 126 14.42 -11.07 -6.02
C VAL C 126 15.65 -10.30 -6.46
N PHE C 127 15.48 -9.27 -7.28
CA PHE C 127 16.61 -8.47 -7.80
C PHE C 127 16.56 -7.13 -7.07
N ASN C 128 17.66 -6.83 -6.39
CA ASN C 128 17.90 -5.54 -5.70
C ASN C 128 18.26 -4.48 -6.74
N GLY C 129 17.26 -3.85 -7.36
CA GLY C 129 17.47 -2.76 -8.35
C GLY C 129 18.37 -3.17 -9.51
N LEU C 130 18.12 -4.32 -10.15
CA LEU C 130 18.70 -4.78 -11.45
C LEU C 130 18.70 -3.63 -12.45
N THR C 131 17.77 -2.69 -12.29
CA THR C 131 17.56 -1.50 -13.13
C THR C 131 17.84 -0.21 -12.32
N ASN C 132 18.59 -0.32 -11.21
CA ASN C 132 19.11 0.85 -10.44
C ASN C 132 20.31 1.39 -11.23
N GLU C 133 20.37 2.71 -11.38
CA GLU C 133 21.18 3.44 -12.40
C GLU C 133 22.68 3.20 -12.16
N PHE C 134 23.07 2.63 -11.01
CA PHE C 134 24.49 2.35 -10.67
C PHE C 134 24.65 0.89 -10.23
N HIS C 135 23.74 0.01 -10.66
CA HIS C 135 23.87 -1.47 -10.56
C HIS C 135 25.16 -1.90 -11.26
N PRO C 136 25.80 -3.05 -10.91
CA PRO C 136 26.87 -3.63 -11.72
C PRO C 136 26.53 -3.92 -13.19
N THR C 137 25.26 -4.00 -13.55
CA THR C 137 24.83 -4.30 -14.94
C THR C 137 25.33 -3.13 -15.78
N GLN C 138 25.11 -1.91 -15.27
CA GLN C 138 25.57 -0.62 -15.89
C GLN C 138 27.08 -0.67 -16.23
N MET C 139 27.88 -1.33 -15.40
CA MET C 139 29.33 -1.50 -15.61
C MET C 139 29.63 -2.57 -16.65
N LEU C 140 28.88 -3.66 -16.65
CA LEU C 140 29.02 -4.71 -17.69
C LEU C 140 28.58 -4.09 -19.02
N ALA C 141 27.48 -3.35 -19.04
CA ALA C 141 27.09 -2.65 -20.27
C ALA C 141 28.35 -1.98 -20.82
N ASP C 142 29.00 -1.17 -19.97
CA ASP C 142 30.07 -0.21 -20.37
C ASP C 142 31.29 -0.99 -20.88
N VAL C 143 31.72 -2.00 -20.15
CA VAL C 143 32.88 -2.81 -20.60
C VAL C 143 32.51 -3.47 -21.94
N MET C 144 31.35 -4.12 -22.01
CA MET C 144 30.84 -4.83 -23.21
C MET C 144 30.86 -3.85 -24.39
N THR C 145 30.26 -2.66 -24.22
CA THR C 145 30.24 -1.58 -25.23
C THR C 145 31.66 -1.28 -25.72
N MET C 146 32.65 -1.24 -24.81
CA MET C 146 34.05 -0.79 -25.06
C MET C 146 34.85 -1.92 -25.69
N ARG C 147 34.51 -3.15 -25.35
CA ARG C 147 35.23 -4.36 -25.87
C ARG C 147 34.82 -4.57 -27.32
N GLU C 148 33.61 -4.12 -27.68
CA GLU C 148 33.01 -4.45 -28.99
C GLU C 148 33.36 -3.33 -29.98
N HIS C 149 33.71 -2.13 -29.50
CA HIS C 149 34.10 -0.99 -30.38
C HIS C 149 35.62 -0.92 -30.58
N THR C 150 36.40 -1.81 -29.96
CA THR C 150 37.87 -1.91 -30.11
C THR C 150 38.32 -3.31 -30.53
N ASP C 151 37.48 -4.34 -30.39
CA ASP C 151 37.83 -5.69 -30.91
C ASP C 151 39.24 -6.07 -30.44
N LYS C 152 39.67 -5.58 -29.26
CA LYS C 152 40.96 -6.01 -28.64
C LYS C 152 40.67 -6.54 -27.23
N SER C 153 41.66 -7.22 -26.65
CA SER C 153 41.57 -7.83 -25.29
C SER C 153 41.21 -6.72 -24.29
N THR C 154 40.54 -7.09 -23.20
CA THR C 154 39.83 -6.16 -22.28
C THR C 154 40.89 -5.33 -21.52
N HIS C 155 41.93 -5.99 -21.02
CA HIS C 155 42.98 -5.36 -20.17
C HIS C 155 43.71 -4.23 -20.93
N GLN C 156 43.81 -4.29 -22.26
CA GLN C 156 44.52 -3.27 -23.08
C GLN C 156 43.61 -2.06 -23.37
N ILE C 157 42.41 -2.00 -22.80
CA ILE C 157 41.47 -0.90 -23.13
C ILE C 157 41.77 0.29 -22.22
N LYS C 158 41.73 1.50 -22.77
CA LYS C 158 42.10 2.74 -22.06
C LYS C 158 40.89 3.66 -22.11
N TYR C 159 40.40 4.08 -20.95
CA TYR C 159 39.29 5.07 -20.84
C TYR C 159 39.56 5.98 -19.65
N ALA C 160 38.80 7.08 -19.60
CA ALA C 160 38.91 8.16 -18.60
C ALA C 160 37.53 8.75 -18.30
N TYR C 161 37.23 8.97 -17.00
CA TYR C 161 36.00 9.67 -16.55
C TYR C 161 36.34 11.14 -16.22
N PHE C 162 35.53 12.07 -16.73
CA PHE C 162 35.70 13.54 -16.70
C PHE C 162 34.42 14.17 -16.13
N GLY C 163 34.58 14.88 -15.01
CA GLY C 163 33.49 15.43 -14.18
C GLY C 163 33.77 15.09 -12.73
N ASP C 164 32.72 15.03 -11.91
CA ASP C 164 32.83 14.78 -10.44
C ASP C 164 33.22 13.31 -10.16
N ALA C 165 34.51 13.03 -9.98
CA ALA C 165 35.08 11.68 -9.74
C ALA C 165 34.51 11.00 -8.48
N ARG C 166 33.68 11.69 -7.70
CA ARG C 166 33.13 11.13 -6.43
C ARG C 166 31.85 10.31 -6.71
N ASN C 167 30.95 10.73 -7.62
CA ASN C 167 29.66 10.03 -7.87
C ASN C 167 29.94 8.66 -8.51
N ASN C 168 28.91 7.80 -8.56
CA ASN C 168 29.02 6.31 -8.64
C ASN C 168 29.59 5.85 -9.99
N MET C 169 29.35 6.60 -11.07
CA MET C 169 29.93 6.22 -12.39
C MET C 169 31.46 6.15 -12.21
N GLY C 170 32.04 7.29 -11.82
CA GLY C 170 33.47 7.44 -11.47
C GLY C 170 33.97 6.28 -10.63
N ARG C 171 33.31 6.06 -9.49
CA ARG C 171 33.77 5.04 -8.54
C ARG C 171 33.75 3.68 -9.25
N SER C 172 32.61 3.38 -9.90
CA SER C 172 32.37 2.08 -10.58
C SER C 172 33.38 1.92 -11.72
N LEU C 173 33.45 2.93 -12.59
CA LEU C 173 34.36 2.88 -13.75
C LEU C 173 35.77 2.52 -13.28
N TYR C 174 36.18 3.06 -12.11
CA TYR C 174 37.53 2.88 -11.53
C TYR C 174 37.66 1.44 -11.04
N LEU C 175 36.70 1.01 -10.22
CA LEU C 175 36.68 -0.32 -9.57
C LEU C 175 36.56 -1.41 -10.65
N MET C 176 35.69 -1.18 -11.65
CA MET C 176 35.56 -2.10 -12.80
C MET C 176 36.93 -2.25 -13.50
N GLY C 177 37.51 -1.12 -13.95
CA GLY C 177 38.89 -1.07 -14.49
C GLY C 177 39.83 -1.89 -13.64
N ALA C 178 39.91 -1.54 -12.36
CA ALA C 178 40.66 -2.28 -11.31
C ALA C 178 40.41 -3.78 -11.43
N LYS C 179 39.15 -4.20 -11.26
CA LYS C 179 38.74 -5.63 -11.23
C LYS C 179 39.18 -6.32 -12.52
N MET C 180 38.94 -5.67 -13.67
CA MET C 180 39.06 -6.25 -15.04
C MET C 180 40.50 -6.25 -15.56
N GLY C 181 41.37 -5.38 -15.02
CA GLY C 181 42.80 -5.29 -15.38
C GLY C 181 43.03 -4.28 -16.47
N MET C 182 42.13 -3.29 -16.60
CA MET C 182 42.09 -2.28 -17.69
C MET C 182 42.83 -1.01 -17.24
N ASP C 183 43.01 -0.08 -18.16
CA ASP C 183 43.76 1.19 -17.98
C ASP C 183 42.73 2.33 -17.79
N VAL C 184 42.38 2.60 -16.53
CA VAL C 184 41.33 3.61 -16.22
C VAL C 184 41.98 4.90 -15.68
N ARG C 185 41.31 6.05 -15.89
CA ARG C 185 41.78 7.40 -15.51
C ARG C 185 40.60 8.24 -15.05
N LEU C 186 40.47 8.39 -13.73
CA LEU C 186 39.62 9.46 -13.13
C LEU C 186 40.32 10.80 -13.30
N CYS C 187 39.58 11.84 -13.66
CA CYS C 187 40.13 13.18 -13.94
C CYS C 187 39.17 14.23 -13.38
N ALA C 188 39.54 14.85 -12.24
CA ALA C 188 38.71 15.85 -11.52
C ALA C 188 39.54 16.71 -10.54
N PRO C 189 39.05 17.92 -10.20
CA PRO C 189 39.58 18.70 -9.07
C PRO C 189 39.87 17.79 -7.86
N LYS C 190 40.82 18.19 -7.01
CA LYS C 190 41.48 17.32 -5.99
C LYS C 190 40.60 17.16 -4.73
N ASP C 191 39.65 18.07 -4.50
CA ASP C 191 38.73 18.01 -3.32
C ASP C 191 37.56 17.06 -3.62
N LEU C 192 37.14 16.99 -4.90
CA LEU C 192 36.22 15.96 -5.47
C LEU C 192 37.06 14.83 -6.09
N TRP C 193 37.78 14.07 -5.28
CA TRP C 193 38.31 12.71 -5.59
C TRP C 193 37.58 11.79 -4.62
N PRO C 194 37.51 10.46 -4.87
CA PRO C 194 36.89 9.56 -3.89
C PRO C 194 37.64 9.63 -2.54
N GLU C 195 37.04 9.15 -1.44
CA GLU C 195 37.71 8.93 -0.12
C GLU C 195 38.71 7.77 -0.24
N ALA C 196 39.96 8.01 0.15
CA ALA C 196 41.17 7.34 -0.41
C ALA C 196 41.48 6.00 0.27
N ASP C 197 40.51 5.38 0.96
CA ASP C 197 40.57 3.96 1.41
C ASP C 197 39.84 3.09 0.39
N PHE C 198 38.79 3.66 -0.23
CA PHE C 198 38.19 3.15 -1.50
C PHE C 198 39.34 3.02 -2.50
N LEU C 199 39.93 4.16 -2.87
CA LEU C 199 41.03 4.26 -3.87
C LEU C 199 42.16 3.31 -3.47
N ALA C 200 42.35 3.10 -2.16
CA ALA C 200 43.34 2.15 -1.62
C ALA C 200 42.94 0.72 -2.03
N THR C 201 41.71 0.31 -1.67
CA THR C 201 41.15 -1.05 -1.85
C THR C 201 41.19 -1.41 -3.35
N CYS C 202 40.71 -0.49 -4.20
CA CYS C 202 40.77 -0.56 -5.68
C CYS C 202 42.16 -1.05 -6.14
N ALA C 203 43.23 -0.41 -5.65
CA ALA C 203 44.63 -0.64 -6.07
C ALA C 203 45.13 -2.03 -5.60
N ASP C 204 44.49 -2.64 -4.59
CA ASP C 204 44.84 -3.99 -4.07
C ASP C 204 44.53 -5.04 -5.13
N PHE C 205 43.49 -4.79 -5.93
CA PHE C 205 42.99 -5.62 -7.07
C PHE C 205 43.89 -5.43 -8.29
N ALA C 206 44.09 -4.17 -8.69
CA ALA C 206 44.97 -3.72 -9.80
C ALA C 206 46.31 -4.46 -9.77
N LYS C 207 46.62 -5.22 -8.73
CA LYS C 207 47.96 -5.82 -8.49
C LYS C 207 47.96 -7.28 -8.93
N GLU C 208 46.96 -8.07 -8.53
CA GLU C 208 46.77 -9.46 -9.02
C GLU C 208 46.21 -9.39 -10.44
N SER C 209 45.42 -8.36 -10.72
CA SER C 209 44.81 -8.10 -12.05
C SER C 209 45.93 -7.74 -13.04
N GLY C 210 46.20 -6.45 -13.21
CA GLY C 210 47.29 -5.94 -14.08
C GLY C 210 47.06 -4.48 -14.40
N ALA C 211 46.05 -3.87 -13.80
CA ALA C 211 45.44 -2.61 -14.28
C ALA C 211 46.41 -1.44 -14.11
N ARG C 212 46.09 -0.33 -14.77
CA ARG C 212 46.71 1.00 -14.58
C ARG C 212 45.68 1.93 -13.92
N LEU C 213 45.62 1.87 -12.59
CA LEU C 213 45.01 2.94 -11.76
C LEU C 213 45.81 4.22 -12.00
N THR C 214 45.13 5.33 -12.25
CA THR C 214 45.72 6.66 -12.56
C THR C 214 44.65 7.72 -12.33
N ILE C 215 44.97 8.72 -11.50
CA ILE C 215 44.03 9.79 -11.07
C ILE C 215 44.77 11.13 -11.04
N THR C 216 44.13 12.18 -11.55
CA THR C 216 44.72 13.52 -11.75
C THR C 216 43.59 14.53 -11.99
N ASP C 217 43.97 15.81 -12.02
CA ASP C 217 43.08 16.98 -12.28
C ASP C 217 43.52 17.64 -13.59
N ASP C 218 44.64 17.20 -14.19
CA ASP C 218 45.14 17.65 -15.51
C ASP C 218 44.42 16.84 -16.62
N VAL C 219 43.48 17.49 -17.28
CA VAL C 219 42.70 16.95 -18.43
C VAL C 219 43.67 16.10 -19.29
N LYS C 220 44.74 16.72 -19.81
CA LYS C 220 45.52 16.19 -20.96
C LYS C 220 46.36 14.95 -20.60
N THR C 221 46.56 14.59 -19.34
CA THR C 221 47.41 13.41 -18.98
C THR C 221 46.55 12.15 -18.82
N ALA C 222 45.28 12.33 -18.47
CA ALA C 222 44.26 11.25 -18.42
C ALA C 222 43.83 10.91 -19.86
N ALA C 223 43.46 11.95 -20.64
CA ALA C 223 42.95 11.90 -22.03
C ALA C 223 44.00 11.36 -23.01
N LYS C 224 45.27 11.27 -22.65
CA LYS C 224 46.35 10.87 -23.59
C LYS C 224 46.09 9.43 -24.04
N ASP C 225 45.78 9.23 -25.33
CA ASP C 225 45.78 7.91 -26.02
C ASP C 225 44.68 6.97 -25.50
N VAL C 226 43.55 7.53 -25.06
CA VAL C 226 42.41 6.77 -24.48
C VAL C 226 41.55 6.25 -25.63
N ASP C 227 40.95 5.08 -25.43
CA ASP C 227 39.98 4.46 -26.35
C ASP C 227 38.62 5.11 -26.14
N PHE C 228 38.27 5.57 -24.93
CA PHE C 228 36.94 6.18 -24.66
C PHE C 228 36.98 7.21 -23.52
N VAL C 229 36.12 8.24 -23.66
CA VAL C 229 36.01 9.32 -22.64
C VAL C 229 34.58 9.29 -22.09
N HIS C 230 34.47 8.99 -20.79
CA HIS C 230 33.20 8.99 -20.03
C HIS C 230 33.02 10.29 -19.22
N THR C 231 31.84 10.91 -19.33
CA THR C 231 31.30 11.88 -18.33
C THR C 231 29.97 11.35 -17.78
N ASP C 232 29.36 12.16 -16.92
CA ASP C 232 28.10 11.87 -16.18
C ASP C 232 27.72 13.17 -15.44
N VAL C 233 26.44 13.57 -15.54
CA VAL C 233 25.88 14.74 -14.81
C VAL C 233 26.59 14.90 -13.45
N TRP C 234 27.08 16.11 -13.16
CA TRP C 234 27.74 16.48 -11.87
C TRP C 234 26.87 17.48 -11.10
N VAL C 235 26.12 18.34 -11.80
CA VAL C 235 25.15 19.30 -11.19
C VAL C 235 24.17 18.49 -10.30
N SER C 236 23.73 19.05 -9.16
CA SER C 236 22.68 18.46 -8.28
C SER C 236 21.33 19.13 -8.56
N MET C 237 20.33 18.30 -8.93
CA MET C 237 18.93 18.68 -9.27
C MET C 237 18.13 18.90 -7.99
N GLY C 238 18.51 18.21 -6.91
CA GLY C 238 18.01 18.41 -5.54
C GLY C 238 18.03 19.86 -5.12
N GLU C 239 19.22 20.49 -5.11
CA GLU C 239 19.43 21.92 -4.74
C GLU C 239 18.58 22.80 -5.65
N PRO C 240 18.16 24.01 -5.19
CA PRO C 240 17.48 24.94 -6.07
C PRO C 240 18.47 25.33 -7.18
N ILE C 241 17.98 25.96 -8.24
CA ILE C 241 18.75 26.22 -9.50
C ILE C 241 19.93 27.18 -9.23
N GLU C 242 19.84 28.05 -8.21
CA GLU C 242 20.74 29.23 -8.03
C GLU C 242 22.06 28.84 -7.34
N SER C 243 22.02 27.94 -6.36
CA SER C 243 23.18 27.59 -5.49
C SER C 243 24.23 26.79 -6.28
N TRP C 244 24.21 26.87 -7.62
CA TRP C 244 24.98 26.02 -8.56
C TRP C 244 26.30 26.69 -8.94
N ALA C 245 26.29 28.03 -9.06
CA ALA C 245 27.38 28.88 -9.63
C ALA C 245 28.77 28.35 -9.24
N GLU C 246 28.92 27.81 -8.03
CA GLU C 246 30.23 27.42 -7.43
C GLU C 246 30.65 26.02 -7.88
N ARG C 247 29.71 25.07 -7.91
CA ARG C 247 29.86 23.67 -8.40
C ARG C 247 30.44 23.70 -9.83
N ILE C 248 29.79 24.51 -10.67
CA ILE C 248 30.08 24.79 -12.11
C ILE C 248 31.59 25.04 -12.33
N ASP C 249 32.17 26.01 -11.62
CA ASP C 249 33.50 26.64 -11.91
C ASP C 249 34.64 25.62 -11.74
N ALA C 250 34.63 24.87 -10.63
CA ALA C 250 35.68 23.89 -10.28
C ALA C 250 35.64 22.69 -11.24
N LEU C 251 34.54 22.51 -11.98
CA LEU C 251 34.34 21.34 -12.89
C LEU C 251 34.23 21.76 -14.37
N MET C 252 33.56 22.87 -14.71
CA MET C 252 33.40 23.33 -16.12
C MET C 252 34.74 23.29 -16.86
N ALA C 253 35.85 22.98 -16.17
CA ALA C 253 37.20 22.75 -16.75
C ALA C 253 37.30 21.33 -17.31
N TYR C 254 36.29 20.50 -17.06
CA TYR C 254 36.27 19.05 -17.33
C TYR C 254 35.11 18.65 -18.25
N GLN C 255 34.16 19.57 -18.48
CA GLN C 255 33.20 19.53 -19.62
C GLN C 255 33.90 18.83 -20.78
N VAL C 256 33.21 17.86 -21.37
CA VAL C 256 33.67 17.14 -22.59
C VAL C 256 33.19 17.95 -23.80
N ASN C 257 34.16 18.48 -24.56
CA ASN C 257 33.97 19.22 -25.83
C ASN C 257 35.00 18.69 -26.84
N MET C 258 34.83 19.12 -28.09
CA MET C 258 35.66 18.73 -29.26
C MET C 258 37.14 18.77 -28.87
N ASP C 259 37.54 19.77 -28.07
CA ASP C 259 38.93 20.01 -27.60
C ASP C 259 39.40 18.83 -26.73
N LEU C 260 38.51 18.27 -25.90
CA LEU C 260 38.81 17.06 -25.07
C LEU C 260 39.02 15.85 -25.98
N ILE C 261 38.11 15.62 -26.94
CA ILE C 261 38.19 14.46 -27.88
C ILE C 261 39.50 14.63 -28.68
N LYS C 262 39.84 15.88 -29.04
CA LYS C 262 41.02 16.22 -29.87
C LYS C 262 42.30 15.94 -29.08
N ALA C 263 42.33 16.32 -27.80
CA ALA C 263 43.47 16.12 -26.87
C ALA C 263 43.93 14.66 -26.84
N THR C 264 43.01 13.73 -27.07
CA THR C 264 43.17 12.26 -26.91
C THR C 264 44.27 11.74 -27.84
N GLY C 265 44.35 12.32 -29.05
CA GLY C 265 45.31 11.92 -30.10
C GLY C 265 44.92 10.60 -30.76
N ASN C 266 43.71 10.11 -30.48
CA ASN C 266 43.06 8.98 -31.20
C ASN C 266 41.92 9.60 -32.00
N PRO C 267 41.93 9.51 -33.34
CA PRO C 267 40.79 9.98 -34.13
C PRO C 267 39.66 8.91 -34.15
N ARG C 268 39.96 7.71 -33.63
CA ARG C 268 39.06 6.54 -33.40
C ARG C 268 38.39 6.56 -32.00
N VAL C 269 38.69 7.56 -31.16
CA VAL C 269 38.17 7.66 -29.76
C VAL C 269 36.65 7.73 -29.82
N LYS C 270 35.97 7.17 -28.82
CA LYS C 270 34.49 7.29 -28.75
C LYS C 270 34.12 7.85 -27.38
N PHE C 271 33.00 8.57 -27.34
CA PHE C 271 32.36 9.20 -26.15
C PHE C 271 31.15 8.39 -25.61
N MET C 272 31.30 7.95 -24.36
CA MET C 272 30.28 7.20 -23.57
C MET C 272 29.84 8.03 -22.35
N HIS C 273 28.52 8.24 -22.21
CA HIS C 273 27.85 8.91 -21.08
C HIS C 273 26.67 8.05 -20.63
N CYS C 274 26.69 7.58 -19.38
CA CYS C 274 25.69 6.60 -18.83
C CYS C 274 24.24 7.08 -19.05
N LEU C 275 23.98 8.39 -19.06
CA LEU C 275 22.65 9.00 -19.34
C LEU C 275 21.82 9.05 -18.06
N PRO C 276 20.87 10.01 -17.92
CA PRO C 276 20.60 11.04 -18.95
C PRO C 276 21.60 12.20 -18.96
N ALA C 277 21.56 13.01 -20.03
CA ALA C 277 22.62 13.97 -20.44
C ALA C 277 22.08 15.39 -20.59
N PHE C 278 22.77 16.36 -20.01
CA PHE C 278 22.58 17.81 -20.29
C PHE C 278 23.56 18.23 -21.38
N HIS C 279 23.01 18.55 -22.56
CA HIS C 279 23.78 18.86 -23.80
C HIS C 279 23.11 19.98 -24.63
N ASN C 280 22.01 20.59 -24.16
CA ASN C 280 21.34 21.69 -24.90
C ASN C 280 20.16 22.27 -24.10
N SER C 281 19.32 23.09 -24.76
CA SER C 281 18.21 23.88 -24.18
C SER C 281 16.85 23.26 -24.54
N ASP C 282 16.79 21.93 -24.67
CA ASP C 282 15.68 21.16 -25.31
C ASP C 282 14.71 20.61 -24.24
N THR C 283 15.17 20.47 -23.00
CA THR C 283 14.40 19.96 -21.85
C THR C 283 13.80 21.16 -21.07
N GLU C 284 12.92 20.90 -20.10
CA GLU C 284 12.36 21.91 -19.15
C GLU C 284 13.49 22.49 -18.31
N VAL C 285 14.38 21.59 -17.86
CA VAL C 285 15.58 21.84 -17.00
C VAL C 285 16.72 22.35 -17.89
N GLY C 286 16.64 22.10 -19.21
CA GLY C 286 17.50 22.71 -20.23
C GLY C 286 17.16 24.17 -20.48
N LYS C 287 15.94 24.60 -20.10
CA LYS C 287 15.50 26.03 -20.13
C LYS C 287 15.92 26.72 -18.82
N LYS C 288 15.56 26.14 -17.67
CA LYS C 288 15.72 26.75 -16.31
C LYS C 288 17.20 26.85 -15.88
N ILE C 289 18.13 26.28 -16.66
CA ILE C 289 19.60 26.45 -16.44
C ILE C 289 20.11 27.57 -17.35
N THR C 290 19.60 27.64 -18.58
CA THR C 290 20.09 28.60 -19.63
C THR C 290 19.61 30.02 -19.30
N GLU C 291 18.36 30.17 -18.85
CA GLU C 291 17.76 31.48 -18.44
C GLU C 291 18.60 32.10 -17.30
N LYS C 292 19.07 31.29 -16.34
CA LYS C 292 19.94 31.74 -15.22
C LYS C 292 21.38 31.84 -15.75
N TYR C 293 22.09 30.71 -15.87
CA TYR C 293 23.48 30.65 -16.38
C TYR C 293 23.43 30.58 -17.90
N PRO C 294 23.80 31.66 -18.64
CA PRO C 294 23.77 31.60 -20.10
C PRO C 294 24.95 30.81 -20.69
N GLN C 295 26.04 30.60 -19.92
CA GLN C 295 27.33 30.01 -20.36
C GLN C 295 27.25 28.48 -20.45
N LEU C 296 26.05 27.89 -20.41
CA LEU C 296 25.80 26.43 -20.48
C LEU C 296 24.51 26.14 -21.28
N ALA C 297 24.22 26.95 -22.31
CA ALA C 297 22.99 26.85 -23.12
C ALA C 297 23.14 25.76 -24.18
N ASP C 298 24.40 25.35 -24.43
CA ASP C 298 24.79 24.39 -25.48
C ASP C 298 25.61 23.25 -24.86
N GLY C 299 25.47 23.01 -23.54
CA GLY C 299 25.94 21.78 -22.86
C GLY C 299 26.69 22.04 -21.56
N ILE C 300 26.62 21.07 -20.62
CA ILE C 300 27.19 21.13 -19.24
C ILE C 300 28.32 20.09 -19.11
N GLU C 301 28.03 18.80 -18.93
CA GLU C 301 29.11 17.77 -18.78
C GLU C 301 29.63 17.35 -20.17
N VAL C 302 28.93 17.74 -21.24
CA VAL C 302 29.34 17.48 -22.65
C VAL C 302 28.56 18.44 -23.56
N THR C 303 29.15 18.83 -24.69
CA THR C 303 28.62 19.88 -25.61
C THR C 303 27.74 19.23 -26.68
N GLU C 304 26.68 19.93 -27.08
CA GLU C 304 25.86 19.56 -28.25
C GLU C 304 26.79 18.95 -29.31
N GLU C 305 27.85 19.67 -29.67
CA GLU C 305 28.75 19.33 -30.80
C GLU C 305 29.27 17.90 -30.65
N VAL C 306 29.68 17.47 -29.45
CA VAL C 306 30.14 16.07 -29.22
C VAL C 306 28.91 15.15 -29.25
N PHE C 307 27.80 15.54 -28.63
CA PHE C 307 26.62 14.65 -28.49
C PHE C 307 26.01 14.32 -29.85
N GLU C 308 26.06 15.24 -30.82
CA GLU C 308 25.48 15.02 -32.17
C GLU C 308 26.58 14.69 -33.17
N SER C 309 27.72 14.20 -32.70
CA SER C 309 28.87 13.77 -33.55
C SER C 309 28.92 12.25 -33.66
N PRO C 310 29.54 11.75 -34.74
CA PRO C 310 30.06 10.38 -34.77
C PRO C 310 30.93 9.94 -33.59
N TYR C 311 31.29 10.83 -32.66
CA TYR C 311 32.13 10.47 -31.48
C TYR C 311 31.30 9.78 -30.38
N ASN C 312 29.98 10.02 -30.41
CA ASN C 312 29.01 9.65 -29.35
C ASN C 312 28.36 8.28 -29.61
N ILE C 313 28.80 7.24 -28.88
CA ILE C 313 28.19 5.88 -28.90
C ILE C 313 27.39 5.59 -27.62
N ALA C 314 26.56 6.50 -27.13
CA ALA C 314 25.90 6.36 -25.81
C ALA C 314 24.53 5.69 -25.99
N PHE C 315 23.93 5.82 -27.16
CA PHE C 315 22.72 5.08 -27.55
C PHE C 315 23.04 3.57 -27.76
N GLU C 316 24.23 3.23 -28.25
CA GLU C 316 24.64 1.81 -28.33
C GLU C 316 24.81 1.31 -26.91
N GLN C 317 25.48 2.11 -26.08
CA GLN C 317 25.86 1.78 -24.67
C GLN C 317 24.58 1.53 -23.87
N ALA C 318 23.54 2.33 -24.08
CA ALA C 318 22.20 2.15 -23.47
C ALA C 318 21.63 0.78 -23.86
N GLU C 319 21.61 0.47 -25.15
CA GLU C 319 21.11 -0.81 -25.70
C GLU C 319 21.86 -1.94 -25.01
N ASN C 320 23.14 -1.78 -24.69
CA ASN C 320 23.92 -2.92 -24.13
C ASN C 320 23.43 -3.22 -22.71
N ARG C 321 22.68 -2.29 -22.13
CA ARG C 321 22.09 -2.46 -20.79
C ARG C 321 21.01 -3.55 -20.92
N MET C 322 20.24 -3.52 -22.00
CA MET C 322 19.17 -4.52 -22.33
C MET C 322 19.82 -5.92 -22.43
N HIS C 323 20.97 -6.06 -23.08
CA HIS C 323 21.63 -7.38 -23.24
C HIS C 323 22.27 -7.83 -21.93
N THR C 324 22.65 -6.92 -21.06
CA THR C 324 23.39 -7.33 -19.84
C THR C 324 22.34 -7.77 -18.85
N ILE C 325 21.30 -6.95 -18.72
CA ILE C 325 20.11 -7.36 -17.93
C ILE C 325 19.73 -8.77 -18.42
N LYS C 326 19.47 -8.91 -19.73
CA LYS C 326 19.00 -10.17 -20.33
C LYS C 326 19.91 -11.29 -19.84
N ALA C 327 21.21 -11.07 -19.81
CA ALA C 327 22.19 -12.11 -19.44
C ALA C 327 22.03 -12.49 -17.97
N VAL C 328 21.59 -11.54 -17.15
CA VAL C 328 21.35 -11.78 -15.71
C VAL C 328 20.08 -12.63 -15.56
N LEU C 329 18.98 -12.12 -16.12
CA LEU C 329 17.68 -12.83 -16.23
C LEU C 329 17.94 -14.26 -16.70
N VAL C 330 18.81 -14.46 -17.67
CA VAL C 330 18.97 -15.82 -18.25
C VAL C 330 19.76 -16.68 -17.25
N SER C 331 20.72 -16.13 -16.51
CA SER C 331 21.59 -16.94 -15.60
C SER C 331 20.79 -17.37 -14.36
N ALA C 332 19.93 -16.51 -13.85
CA ALA C 332 19.03 -16.80 -12.72
C ALA C 332 17.95 -17.81 -13.13
N LEU C 333 16.89 -17.33 -13.80
CA LEU C 333 15.62 -18.00 -14.17
C LEU C 333 15.72 -18.99 -15.35
N GLY C 334 16.80 -19.03 -16.12
CA GLY C 334 16.81 -19.71 -17.44
C GLY C 334 17.00 -21.23 -17.42
N ASN C 335 17.61 -21.82 -16.38
CA ASN C 335 18.34 -23.11 -16.49
C ASN C 335 19.44 -22.84 -17.53
N ILE C 336 19.98 -23.85 -18.23
CA ILE C 336 21.17 -23.62 -19.12
C ILE C 336 20.76 -22.78 -20.33
N SER D 12 -0.37 13.16 -46.30
CA SER D 12 -0.26 11.76 -45.78
C SER D 12 -1.30 10.87 -46.49
N LEU D 13 -2.58 11.13 -46.23
CA LEU D 13 -3.75 10.57 -46.98
C LEU D 13 -3.85 11.29 -48.34
N MET D 14 -3.25 12.48 -48.47
CA MET D 14 -3.21 13.21 -49.76
C MET D 14 -2.42 12.35 -50.75
N HIS D 15 -1.33 11.73 -50.32
CA HIS D 15 -0.30 11.13 -51.21
C HIS D 15 -0.71 9.75 -51.77
N HIS D 16 -1.28 8.85 -50.95
CA HIS D 16 -1.60 7.45 -51.35
C HIS D 16 -2.64 7.43 -52.47
N SER D 17 -2.44 6.60 -53.49
CA SER D 17 -3.41 6.38 -54.60
C SER D 17 -4.60 5.55 -54.13
N GLU D 18 -5.64 5.48 -54.96
CA GLU D 18 -6.77 4.54 -54.80
C GLU D 18 -6.23 3.11 -54.63
N ARG D 19 -5.40 2.63 -55.57
CA ARG D 19 -4.91 1.22 -55.55
C ARG D 19 -4.14 0.98 -54.23
N GLU D 20 -3.29 1.91 -53.78
CA GLU D 20 -2.57 1.83 -52.47
C GLU D 20 -3.61 1.65 -51.35
N LEU D 21 -4.53 2.58 -51.19
CA LEU D 21 -5.53 2.52 -50.10
C LEU D 21 -6.37 1.24 -50.22
N THR D 22 -6.81 0.86 -51.43
CA THR D 22 -7.67 -0.35 -51.66
C THR D 22 -6.91 -1.60 -51.17
N TYR D 23 -5.58 -1.57 -51.23
CA TYR D 23 -4.71 -2.70 -50.80
C TYR D 23 -4.87 -2.89 -49.28
N LEU D 24 -4.85 -1.79 -48.51
CA LEU D 24 -5.00 -1.80 -47.03
C LEU D 24 -6.45 -2.14 -46.70
N LEU D 25 -7.40 -1.61 -47.43
CA LEU D 25 -8.81 -1.96 -47.14
C LEU D 25 -8.91 -3.46 -47.26
N ASP D 26 -8.40 -4.00 -48.38
CA ASP D 26 -8.35 -5.46 -48.69
C ASP D 26 -7.56 -6.24 -47.58
N MET D 27 -6.36 -5.82 -47.19
CA MET D 27 -5.66 -6.45 -46.05
C MET D 27 -6.58 -6.52 -44.80
N ALA D 28 -7.09 -5.37 -44.35
CA ALA D 28 -7.99 -5.24 -43.20
C ALA D 28 -9.26 -6.13 -43.35
N ARG D 29 -9.96 -6.07 -44.48
CA ARG D 29 -11.13 -6.98 -44.67
C ARG D 29 -10.69 -8.43 -44.42
N ASP D 30 -9.50 -8.80 -44.89
CA ASP D 30 -9.07 -10.22 -44.95
C ASP D 30 -8.61 -10.66 -43.56
N LEU D 31 -7.88 -9.80 -42.84
CA LEU D 31 -7.45 -10.03 -41.43
C LEU D 31 -8.67 -10.15 -40.53
N LYS D 32 -9.68 -9.32 -40.72
CA LYS D 32 -10.90 -9.44 -39.88
C LYS D 32 -11.49 -10.82 -40.16
N ARG D 33 -11.58 -11.20 -41.43
CA ARG D 33 -12.28 -12.43 -41.83
C ARG D 33 -11.54 -13.65 -41.29
N ALA D 34 -10.20 -13.57 -41.22
CA ALA D 34 -9.32 -14.61 -40.66
C ALA D 34 -9.57 -14.78 -39.15
N LYS D 35 -9.54 -13.68 -38.41
CA LYS D 35 -9.78 -13.68 -36.95
C LYS D 35 -11.08 -14.42 -36.67
N TYR D 36 -12.15 -13.92 -37.25
CA TYR D 36 -13.54 -14.39 -37.02
C TYR D 36 -13.64 -15.89 -37.35
N SER D 37 -12.85 -16.41 -38.28
CA SER D 37 -12.98 -17.80 -38.77
C SER D 37 -11.84 -18.67 -38.21
N GLY D 38 -11.02 -18.10 -37.33
CA GLY D 38 -9.90 -18.78 -36.66
C GLY D 38 -8.67 -19.06 -37.54
N THR D 39 -8.70 -18.74 -38.83
CA THR D 39 -7.56 -18.94 -39.77
C THR D 39 -6.43 -17.91 -39.61
N GLU D 40 -6.49 -16.96 -38.67
CA GLU D 40 -5.44 -15.91 -38.54
C GLU D 40 -4.10 -16.62 -38.34
N GLN D 41 -3.03 -16.09 -38.94
CA GLN D 41 -1.64 -16.51 -38.70
C GLN D 41 -0.90 -15.35 -38.01
N LYS D 42 -0.10 -15.63 -36.98
CA LYS D 42 0.73 -14.59 -36.34
C LYS D 42 1.96 -14.23 -37.18
N HIS D 43 2.01 -13.05 -37.80
CA HIS D 43 3.16 -12.54 -38.59
C HIS D 43 4.12 -11.65 -37.78
N LEU D 44 3.75 -11.21 -36.56
CA LEU D 44 4.56 -10.26 -35.76
C LEU D 44 5.09 -10.96 -34.53
N LEU D 45 5.06 -12.30 -34.53
CA LEU D 45 5.58 -13.21 -33.48
C LEU D 45 6.97 -12.76 -33.06
N GLY D 46 7.15 -12.45 -31.77
CA GLY D 46 8.45 -12.06 -31.18
C GLY D 46 8.88 -10.64 -31.48
N LYS D 47 8.03 -9.82 -32.07
CA LYS D 47 8.26 -8.37 -32.26
C LYS D 47 7.85 -7.62 -31.01
N ASN D 48 8.69 -6.67 -30.59
CA ASN D 48 8.43 -5.77 -29.45
C ASN D 48 8.08 -4.38 -29.99
N ILE D 49 6.94 -3.87 -29.57
CA ILE D 49 6.34 -2.60 -30.02
C ILE D 49 6.16 -1.71 -28.79
N ALA D 50 6.79 -0.54 -28.76
CA ALA D 50 6.64 0.48 -27.68
C ALA D 50 5.49 1.42 -28.03
N LEU D 51 4.45 1.47 -27.20
CA LEU D 51 3.37 2.47 -27.29
C LEU D 51 3.72 3.62 -26.34
N ILE D 52 4.02 4.81 -26.87
CA ILE D 52 4.31 5.99 -26.03
C ILE D 52 3.19 7.01 -26.25
N PHE D 53 2.45 7.28 -25.18
CA PHE D 53 1.21 8.08 -25.20
C PHE D 53 1.38 9.31 -24.30
N GLU D 54 1.21 10.51 -24.89
CA GLU D 54 1.18 11.83 -24.20
C GLU D 54 -0.09 11.94 -23.35
N LYS D 55 -1.21 11.44 -23.86
CA LYS D 55 -2.58 11.61 -23.30
C LYS D 55 -3.29 10.25 -23.24
N THR D 56 -3.97 9.96 -22.13
CA THR D 56 -5.09 8.97 -22.07
C THR D 56 -5.79 8.92 -23.42
N SER D 57 -6.10 7.72 -23.92
CA SER D 57 -7.00 7.49 -25.09
C SER D 57 -7.26 5.99 -25.24
N THR D 58 -7.85 5.37 -24.21
CA THR D 58 -7.87 3.90 -24.03
C THR D 58 -8.52 3.18 -25.22
N ARG D 59 -9.56 3.76 -25.82
CA ARG D 59 -10.35 3.13 -26.92
C ARG D 59 -9.43 2.71 -28.09
N THR D 60 -8.39 3.50 -28.38
CA THR D 60 -7.47 3.31 -29.55
C THR D 60 -6.17 2.66 -29.09
N ARG D 61 -5.71 2.94 -27.88
CA ARG D 61 -4.65 2.15 -27.21
C ARG D 61 -5.02 0.67 -27.27
N CYS D 62 -6.24 0.37 -26.84
CA CYS D 62 -6.79 -1.01 -26.82
C CYS D 62 -6.79 -1.55 -28.25
N ALA D 63 -7.30 -0.80 -29.19
CA ALA D 63 -7.32 -1.18 -30.62
C ALA D 63 -5.90 -1.61 -31.01
N PHE D 64 -4.90 -0.95 -30.46
CA PHE D 64 -3.50 -1.17 -30.85
C PHE D 64 -2.99 -2.45 -30.20
N GLU D 65 -3.14 -2.55 -28.86
CA GLU D 65 -2.71 -3.72 -28.05
C GLU D 65 -3.29 -4.99 -28.72
N VAL D 66 -4.58 -5.01 -29.01
CA VAL D 66 -5.29 -6.22 -29.50
C VAL D 66 -4.72 -6.56 -30.89
N ALA D 67 -4.64 -5.59 -31.80
CA ALA D 67 -4.07 -5.81 -33.14
C ALA D 67 -2.72 -6.53 -32.99
N ALA D 68 -1.88 -6.04 -32.09
CA ALA D 68 -0.50 -6.49 -31.91
C ALA D 68 -0.48 -7.91 -31.30
N TYR D 69 -1.32 -8.16 -30.30
CA TYR D 69 -1.43 -9.47 -29.60
C TYR D 69 -1.91 -10.56 -30.56
N ASP D 70 -2.97 -10.27 -31.31
CA ASP D 70 -3.57 -11.20 -32.29
C ASP D 70 -2.45 -11.73 -33.20
N GLN D 71 -1.48 -10.89 -33.51
CA GLN D 71 -0.43 -11.12 -34.53
C GLN D 71 0.88 -11.55 -33.87
N GLY D 72 0.86 -11.80 -32.56
CA GLY D 72 1.96 -12.46 -31.81
C GLY D 72 2.97 -11.50 -31.20
N ALA D 73 2.68 -10.20 -31.17
CA ALA D 73 3.66 -9.16 -30.80
C ALA D 73 3.64 -8.91 -29.29
N ASN D 74 4.72 -8.39 -28.73
CA ASN D 74 4.72 -7.88 -27.34
C ASN D 74 4.54 -6.36 -27.36
N VAL D 75 4.13 -5.79 -26.24
CA VAL D 75 3.67 -4.38 -26.16
C VAL D 75 4.04 -3.75 -24.82
N THR D 76 4.77 -2.63 -24.86
CA THR D 76 5.07 -1.79 -23.68
C THR D 76 4.16 -0.56 -23.76
N PHE D 77 3.20 -0.44 -22.86
CA PHE D 77 2.41 0.81 -22.74
C PHE D 77 3.19 1.78 -21.85
N ILE D 78 3.49 2.97 -22.39
CA ILE D 78 4.13 4.11 -21.66
C ILE D 78 3.21 5.35 -21.82
N GLY D 79 2.24 5.51 -20.90
CA GLY D 79 1.23 6.57 -20.91
C GLY D 79 1.68 7.79 -20.10
N PRO D 80 0.88 8.88 -20.09
CA PRO D 80 1.30 10.15 -19.49
C PRO D 80 1.70 10.06 -18.01
N ASN D 81 0.87 9.37 -17.21
CA ASN D 81 1.09 8.97 -15.79
C ASN D 81 2.54 8.50 -15.58
N SER D 82 3.01 7.55 -16.38
CA SER D 82 4.28 6.77 -16.19
C SER D 82 5.45 7.37 -16.97
N SER D 83 5.27 8.56 -17.57
CA SER D 83 6.27 9.23 -18.44
C SER D 83 6.44 10.71 -18.05
N GLN D 84 7.68 11.10 -17.74
CA GLN D 84 8.14 12.51 -17.67
C GLN D 84 9.10 12.77 -18.83
N ILE D 85 8.57 12.98 -20.05
CA ILE D 85 9.35 13.06 -21.33
C ILE D 85 9.54 14.54 -21.71
N GLY D 86 10.80 15.00 -21.74
CA GLY D 86 11.20 16.40 -21.92
C GLY D 86 11.20 17.18 -20.59
N TYR D 87 11.23 16.48 -19.44
CA TYR D 87 11.37 17.06 -18.08
C TYR D 87 12.86 17.22 -17.72
N LYS D 88 13.60 16.11 -17.60
CA LYS D 88 15.09 16.08 -17.54
C LYS D 88 15.66 15.23 -18.69
N GLU D 89 14.89 14.25 -19.19
CA GLU D 89 15.17 13.39 -20.40
C GLU D 89 14.46 13.98 -21.63
N SER D 90 15.22 14.43 -22.63
CA SER D 90 14.65 14.89 -23.93
C SER D 90 13.92 13.72 -24.61
N MET D 91 12.86 14.02 -25.36
CA MET D 91 12.02 13.00 -26.06
C MET D 91 12.87 12.36 -27.17
N LYS D 92 13.53 13.21 -27.96
CA LYS D 92 14.62 12.88 -28.93
C LYS D 92 15.60 11.89 -28.28
N ASP D 93 16.21 12.22 -27.14
CA ASP D 93 17.21 11.35 -26.46
C ASP D 93 16.60 9.95 -26.20
N THR D 94 15.35 9.87 -25.69
CA THR D 94 14.75 8.61 -25.19
C THR D 94 14.31 7.77 -26.38
N ALA D 95 13.63 8.42 -27.31
CA ALA D 95 13.17 7.88 -28.61
C ALA D 95 14.31 7.14 -29.30
N ARG D 96 15.52 7.62 -29.15
CA ARG D 96 16.68 7.06 -29.89
C ARG D 96 17.21 5.83 -29.16
N VAL D 97 17.07 5.78 -27.83
CA VAL D 97 17.45 4.58 -27.01
C VAL D 97 16.45 3.45 -27.30
N LEU D 98 15.16 3.79 -27.34
CA LEU D 98 14.05 2.85 -27.53
C LEU D 98 14.12 2.28 -28.95
N SER D 99 14.36 3.12 -29.97
CA SER D 99 14.44 2.70 -31.38
C SER D 99 15.47 1.57 -31.56
N ARG D 100 16.36 1.36 -30.59
CA ARG D 100 17.40 0.32 -30.71
C ARG D 100 17.03 -0.97 -29.97
N MET D 101 15.87 -1.04 -29.31
CA MET D 101 15.48 -2.23 -28.51
C MET D 101 14.14 -2.77 -29.04
N TYR D 102 13.26 -1.86 -29.48
CA TYR D 102 11.89 -2.09 -30.00
C TYR D 102 11.89 -2.07 -31.53
N ASP D 103 10.98 -2.83 -32.13
CA ASP D 103 10.88 -3.09 -33.59
C ASP D 103 9.92 -2.06 -34.24
N ALA D 104 9.10 -1.39 -33.43
CA ALA D 104 8.17 -0.32 -33.88
C ALA D 104 7.86 0.57 -32.70
N ILE D 105 7.60 1.85 -32.97
CA ILE D 105 7.15 2.82 -31.94
C ILE D 105 5.98 3.60 -32.51
N GLU D 106 4.99 3.83 -31.67
CA GLU D 106 3.83 4.68 -31.99
C GLU D 106 3.77 5.76 -30.91
N TYR D 107 3.53 7.02 -31.30
CA TYR D 107 3.30 8.21 -30.44
C TYR D 107 1.89 8.77 -30.66
N ARG D 108 1.09 8.99 -29.60
CA ARG D 108 -0.24 9.65 -29.70
C ARG D 108 -0.18 11.02 -29.02
N GLY D 109 -0.63 12.07 -29.73
CA GLY D 109 -0.48 13.48 -29.33
C GLY D 109 0.93 13.99 -29.57
N PHE D 110 1.46 14.79 -28.66
CA PHE D 110 2.81 15.42 -28.68
C PHE D 110 2.89 16.47 -29.81
N GLY D 111 1.76 16.77 -30.45
CA GLY D 111 1.72 17.52 -31.73
C GLY D 111 2.60 16.85 -32.78
N GLN D 112 2.19 16.94 -34.06
CA GLN D 112 2.83 16.25 -35.21
C GLN D 112 4.26 16.77 -35.43
N GLU D 113 4.72 17.78 -34.66
CA GLU D 113 5.94 18.60 -34.96
C GLU D 113 7.13 18.19 -34.07
N ILE D 114 7.17 16.97 -33.51
CA ILE D 114 8.39 16.41 -32.87
C ILE D 114 8.59 14.92 -33.22
N VAL D 115 7.52 14.20 -33.59
CA VAL D 115 7.52 12.72 -33.88
C VAL D 115 8.52 12.38 -35.00
N ASN D 116 8.70 13.29 -35.97
CA ASN D 116 9.49 13.07 -37.23
C ASN D 116 10.99 13.18 -36.95
N GLU D 117 11.38 13.69 -35.77
CA GLU D 117 12.79 13.83 -35.34
C GLU D 117 13.41 12.44 -35.10
N LEU D 118 12.62 11.45 -34.65
CA LEU D 118 13.07 10.05 -34.39
C LEU D 118 13.11 9.23 -35.69
N ALA D 119 12.15 9.43 -36.58
CA ALA D 119 12.14 8.86 -37.95
C ALA D 119 13.52 9.08 -38.58
N GLU D 120 14.13 10.25 -38.31
CA GLU D 120 15.57 10.55 -38.61
C GLU D 120 16.44 9.86 -37.53
N TYR D 121 17.09 8.74 -37.89
CA TYR D 121 18.00 7.87 -37.07
C TYR D 121 17.47 6.42 -37.03
N ALA D 122 16.14 6.26 -37.10
CA ALA D 122 15.38 5.00 -36.92
C ALA D 122 15.84 3.92 -37.91
N ASP D 123 16.29 2.77 -37.38
CA ASP D 123 16.59 1.49 -38.10
C ASP D 123 15.29 0.66 -38.20
N ILE D 124 14.12 1.31 -37.98
CA ILE D 124 12.79 0.65 -37.74
C ILE D 124 11.67 1.66 -38.00
N PRO D 125 10.43 1.16 -38.26
CA PRO D 125 9.27 2.04 -38.39
C PRO D 125 8.94 2.82 -37.11
N VAL D 126 8.33 3.99 -37.31
CA VAL D 126 7.90 4.95 -36.28
C VAL D 126 6.64 5.64 -36.78
N PHE D 127 5.48 5.06 -36.54
CA PHE D 127 4.19 5.65 -36.96
C PHE D 127 4.04 7.03 -36.30
N ASN D 128 3.66 8.03 -37.10
CA ASN D 128 3.27 9.38 -36.64
C ASN D 128 1.78 9.34 -36.38
N GLY D 129 1.35 9.34 -35.11
CA GLY D 129 -0.07 9.42 -34.72
C GLY D 129 -0.96 8.53 -35.57
N LEU D 130 -0.80 7.21 -35.41
CA LEU D 130 -1.66 6.14 -36.00
C LEU D 130 -2.84 5.86 -35.06
N THR D 131 -2.73 6.26 -33.78
CA THR D 131 -3.81 6.19 -32.76
C THR D 131 -4.45 7.57 -32.58
N ASN D 132 -3.67 8.65 -32.66
CA ASN D 132 -4.18 10.03 -32.86
C ASN D 132 -5.05 10.03 -34.12
N GLU D 133 -4.53 9.40 -35.19
CA GLU D 133 -5.13 9.21 -36.54
C GLU D 133 -6.57 9.69 -36.59
N PHE D 134 -6.78 10.99 -36.36
CA PHE D 134 -8.03 11.74 -36.66
C PHE D 134 -8.22 11.68 -38.17
N HIS D 135 -7.11 11.40 -38.89
CA HIS D 135 -6.98 11.33 -40.37
C HIS D 135 -6.91 9.86 -40.84
N PRO D 136 -5.72 9.22 -40.88
CA PRO D 136 -5.45 8.14 -41.83
C PRO D 136 -6.23 6.84 -41.54
N THR D 137 -5.84 6.14 -40.47
CA THR D 137 -6.38 4.84 -40.05
C THR D 137 -7.91 4.98 -39.99
N GLN D 138 -8.37 6.10 -39.43
CA GLN D 138 -9.83 6.35 -39.23
C GLN D 138 -10.55 6.22 -40.57
N MET D 139 -9.98 6.72 -41.68
CA MET D 139 -10.70 6.75 -42.99
C MET D 139 -10.79 5.36 -43.59
N LEU D 140 -9.76 4.52 -43.35
CA LEU D 140 -9.77 3.11 -43.83
C LEU D 140 -10.87 2.36 -43.10
N ALA D 141 -10.96 2.54 -41.78
CA ALA D 141 -12.03 2.00 -40.90
C ALA D 141 -13.44 2.36 -41.43
N ASP D 142 -13.67 3.65 -41.70
CA ASP D 142 -15.00 4.17 -42.11
C ASP D 142 -15.38 3.57 -43.47
N VAL D 143 -14.44 3.57 -44.43
CA VAL D 143 -14.73 3.04 -45.79
C VAL D 143 -14.91 1.51 -45.67
N MET D 144 -14.03 0.88 -44.89
CA MET D 144 -14.11 -0.58 -44.58
C MET D 144 -15.52 -0.88 -44.10
N THR D 145 -15.96 -0.11 -43.10
CA THR D 145 -17.28 -0.29 -42.46
C THR D 145 -18.39 -0.09 -43.50
N MET D 146 -18.31 0.97 -44.32
CA MET D 146 -19.38 1.27 -45.32
C MET D 146 -19.37 0.18 -46.38
N ARG D 147 -18.18 -0.17 -46.87
CA ARG D 147 -17.96 -1.27 -47.84
C ARG D 147 -18.61 -2.55 -47.35
N GLU D 148 -18.40 -2.92 -46.07
CA GLU D 148 -18.87 -4.23 -45.53
C GLU D 148 -20.41 -4.20 -45.35
N HIS D 149 -20.99 -3.08 -44.92
CA HIS D 149 -22.46 -3.01 -44.64
C HIS D 149 -23.26 -2.94 -45.95
N THR D 150 -22.68 -2.41 -47.04
CA THR D 150 -23.39 -2.25 -48.34
C THR D 150 -23.21 -3.44 -49.28
N ASP D 151 -22.06 -4.13 -49.23
CA ASP D 151 -21.73 -5.29 -50.12
C ASP D 151 -21.95 -4.87 -51.59
N LYS D 152 -21.39 -3.73 -51.98
CA LYS D 152 -21.41 -3.15 -53.35
C LYS D 152 -20.16 -2.28 -53.46
N SER D 153 -19.70 -1.96 -54.67
CA SER D 153 -18.34 -1.37 -54.89
C SER D 153 -18.18 -0.03 -54.14
N THR D 154 -17.05 0.15 -53.45
CA THR D 154 -16.68 1.39 -52.74
C THR D 154 -17.28 2.60 -53.45
N HIS D 155 -17.12 2.69 -54.77
CA HIS D 155 -17.28 3.94 -55.57
C HIS D 155 -18.76 4.33 -55.66
N GLN D 156 -19.69 3.36 -55.62
CA GLN D 156 -21.16 3.58 -55.65
C GLN D 156 -21.76 3.83 -54.24
N ILE D 157 -20.97 4.26 -53.26
CA ILE D 157 -21.47 4.37 -51.86
C ILE D 157 -21.77 5.85 -51.63
N LYS D 158 -23.05 6.17 -51.43
CA LYS D 158 -23.51 7.55 -51.14
C LYS D 158 -23.47 7.74 -49.64
N TYR D 159 -22.84 8.82 -49.16
CA TYR D 159 -22.76 9.07 -47.70
C TYR D 159 -22.57 10.57 -47.42
N ALA D 160 -23.10 11.02 -46.28
CA ALA D 160 -23.16 12.45 -45.87
C ALA D 160 -22.62 12.64 -44.44
N TYR D 161 -21.73 13.62 -44.26
CA TYR D 161 -21.32 14.22 -42.97
C TYR D 161 -22.29 15.36 -42.59
N PHE D 162 -22.35 15.71 -41.30
CA PHE D 162 -23.13 16.85 -40.72
C PHE D 162 -22.35 17.45 -39.55
N GLY D 163 -22.60 18.73 -39.27
CA GLY D 163 -21.85 19.49 -38.26
C GLY D 163 -20.74 20.27 -38.92
N ASP D 164 -19.76 20.70 -38.11
CA ASP D 164 -18.68 21.62 -38.53
C ASP D 164 -17.86 20.92 -39.62
N ALA D 165 -18.16 21.20 -40.89
CA ALA D 165 -17.50 20.57 -42.07
C ALA D 165 -16.07 21.10 -42.25
N ARG D 166 -15.47 21.66 -41.20
CA ARG D 166 -14.10 22.26 -41.22
C ARG D 166 -13.19 21.57 -40.19
N ASN D 167 -13.71 20.68 -39.34
CA ASN D 167 -12.88 19.81 -38.45
C ASN D 167 -12.47 18.56 -39.26
N ASN D 168 -11.41 17.90 -38.80
CA ASN D 168 -10.64 16.87 -39.54
C ASN D 168 -11.57 15.77 -40.10
N MET D 169 -12.53 15.28 -39.32
CA MET D 169 -13.48 14.24 -39.81
C MET D 169 -14.15 14.73 -41.09
N GLY D 170 -14.66 15.96 -41.10
CA GLY D 170 -15.34 16.58 -42.25
C GLY D 170 -14.43 16.67 -43.47
N ARG D 171 -13.19 17.14 -43.27
CA ARG D 171 -12.17 17.26 -44.34
C ARG D 171 -11.72 15.87 -44.81
N SER D 172 -11.55 14.92 -43.87
CA SER D 172 -11.14 13.52 -44.18
C SER D 172 -12.28 12.81 -44.91
N LEU D 173 -13.48 12.74 -44.33
CA LEU D 173 -14.61 12.04 -45.00
C LEU D 173 -14.71 12.48 -46.48
N TYR D 174 -14.53 13.78 -46.75
CA TYR D 174 -14.66 14.43 -48.09
C TYR D 174 -13.51 13.96 -48.99
N LEU D 175 -12.27 14.18 -48.53
CA LEU D 175 -10.99 13.87 -49.23
C LEU D 175 -11.01 12.39 -49.65
N MET D 176 -11.01 11.52 -48.64
CA MET D 176 -11.15 10.07 -48.79
C MET D 176 -12.20 9.81 -49.87
N GLY D 177 -13.41 10.35 -49.70
CA GLY D 177 -14.54 10.12 -50.63
C GLY D 177 -14.14 10.39 -52.08
N ALA D 178 -13.13 11.26 -52.26
CA ALA D 178 -12.66 11.77 -53.56
C ALA D 178 -11.57 10.86 -54.13
N LYS D 179 -10.63 10.43 -53.29
CA LYS D 179 -9.62 9.37 -53.61
C LYS D 179 -10.29 8.09 -54.15
N MET D 180 -11.49 7.72 -53.67
CA MET D 180 -12.11 6.38 -53.82
C MET D 180 -13.32 6.42 -54.78
N GLY D 181 -13.53 7.56 -55.45
CA GLY D 181 -14.61 7.72 -56.44
C GLY D 181 -15.97 7.55 -55.82
N MET D 182 -16.17 8.10 -54.61
CA MET D 182 -17.39 7.89 -53.79
C MET D 182 -18.28 9.15 -53.86
N ASP D 183 -19.58 8.99 -53.60
CA ASP D 183 -20.59 10.08 -53.49
C ASP D 183 -20.64 10.64 -52.06
N VAL D 184 -19.64 11.47 -51.71
CA VAL D 184 -19.52 12.18 -50.39
C VAL D 184 -20.27 13.52 -50.49
N ARG D 185 -20.74 14.05 -49.33
CA ARG D 185 -21.56 15.29 -49.18
C ARG D 185 -21.36 15.90 -47.80
N LEU D 186 -20.51 16.92 -47.68
CA LEU D 186 -20.51 17.83 -46.51
C LEU D 186 -21.82 18.63 -46.49
N CYS D 187 -22.36 18.92 -45.31
CA CYS D 187 -23.66 19.64 -45.14
C CYS D 187 -23.62 20.39 -43.83
N ALA D 188 -23.37 21.70 -43.91
CA ALA D 188 -23.06 22.59 -42.76
C ALA D 188 -23.56 24.01 -43.07
N PRO D 189 -23.85 24.82 -42.02
CA PRO D 189 -24.07 26.24 -42.21
C PRO D 189 -23.04 26.84 -43.19
N LYS D 190 -23.52 27.61 -44.18
CA LYS D 190 -22.73 28.44 -45.12
C LYS D 190 -21.38 28.86 -44.49
N ASP D 191 -21.40 29.45 -43.28
CA ASP D 191 -20.20 30.09 -42.68
C ASP D 191 -19.21 29.01 -42.21
N LEU D 192 -19.65 27.75 -42.21
CA LEU D 192 -18.90 26.59 -41.66
C LEU D 192 -18.46 25.66 -42.79
N TRP D 193 -17.73 26.20 -43.77
CA TRP D 193 -17.15 25.48 -44.93
C TRP D 193 -15.63 25.61 -44.89
N PRO D 194 -14.89 24.73 -45.62
CA PRO D 194 -13.43 24.73 -45.59
C PRO D 194 -12.78 25.65 -46.65
N GLU D 195 -11.61 26.20 -46.34
CA GLU D 195 -10.76 27.08 -47.20
C GLU D 195 -10.64 26.47 -48.61
N ALA D 196 -11.16 27.17 -49.62
CA ALA D 196 -11.57 26.60 -50.93
C ALA D 196 -10.40 26.03 -51.74
N ASP D 197 -9.13 26.30 -51.36
CA ASP D 197 -7.94 25.72 -52.03
C ASP D 197 -7.89 24.21 -51.73
N PHE D 198 -8.26 23.80 -50.50
CA PHE D 198 -8.53 22.38 -50.15
C PHE D 198 -9.60 21.87 -51.12
N LEU D 199 -10.76 22.54 -51.15
CA LEU D 199 -11.97 22.08 -51.90
C LEU D 199 -11.65 21.91 -53.40
N ALA D 200 -10.58 22.59 -53.85
CA ALA D 200 -10.03 22.52 -55.23
C ALA D 200 -9.44 21.14 -55.47
N THR D 201 -8.38 20.79 -54.71
CA THR D 201 -7.62 19.51 -54.77
C THR D 201 -8.59 18.33 -54.77
N CYS D 202 -9.53 18.30 -53.83
CA CYS D 202 -10.57 17.24 -53.75
C CYS D 202 -11.33 17.13 -55.09
N ALA D 203 -11.59 18.25 -55.78
CA ALA D 203 -12.30 18.25 -57.07
C ALA D 203 -11.39 17.74 -58.19
N ASP D 204 -10.06 17.99 -58.10
CA ASP D 204 -9.00 17.42 -58.99
C ASP D 204 -9.07 15.88 -58.93
N PHE D 205 -8.93 15.33 -57.71
CA PHE D 205 -9.03 13.89 -57.36
C PHE D 205 -10.40 13.32 -57.80
N ALA D 206 -11.51 14.04 -57.58
CA ALA D 206 -12.88 13.61 -57.96
C ALA D 206 -13.02 13.42 -59.47
N LYS D 207 -12.23 14.15 -60.25
CA LYS D 207 -12.30 14.10 -61.73
C LYS D 207 -11.68 12.79 -62.19
N GLU D 208 -10.45 12.51 -61.72
CA GLU D 208 -9.73 11.22 -61.92
C GLU D 208 -10.57 10.05 -61.39
N SER D 209 -10.94 10.11 -60.11
CA SER D 209 -11.59 8.99 -59.39
C SER D 209 -13.04 8.82 -59.85
N GLY D 210 -13.66 9.88 -60.41
CA GLY D 210 -15.10 9.93 -60.76
C GLY D 210 -15.98 10.21 -59.56
N ALA D 211 -15.44 10.88 -58.54
CA ALA D 211 -16.17 11.18 -57.29
C ALA D 211 -17.29 12.20 -57.61
N ARG D 212 -18.49 11.94 -57.09
CA ARG D 212 -19.62 12.91 -56.98
C ARG D 212 -19.47 13.67 -55.65
N LEU D 213 -18.62 14.71 -55.59
CA LEU D 213 -18.54 15.70 -54.46
C LEU D 213 -19.79 16.60 -54.41
N THR D 214 -20.10 17.16 -53.23
CA THR D 214 -21.33 17.93 -52.90
C THR D 214 -21.19 18.58 -51.52
N ILE D 215 -21.28 19.91 -51.46
CA ILE D 215 -21.15 20.69 -50.18
C ILE D 215 -22.21 21.80 -50.17
N THR D 216 -23.06 21.78 -49.14
CA THR D 216 -24.39 22.41 -49.10
C THR D 216 -24.60 23.04 -47.73
N ASP D 217 -25.79 23.60 -47.46
CA ASP D 217 -26.28 23.84 -46.07
C ASP D 217 -27.71 23.27 -45.94
N ASP D 218 -28.26 22.70 -47.01
CA ASP D 218 -29.62 22.08 -47.05
C ASP D 218 -29.53 20.61 -46.64
N VAL D 219 -29.55 20.37 -45.32
CA VAL D 219 -29.69 19.03 -44.67
C VAL D 219 -30.46 18.08 -45.60
N LYS D 220 -31.66 18.45 -46.02
CA LYS D 220 -32.70 17.54 -46.60
C LYS D 220 -32.29 16.99 -47.97
N THR D 221 -31.39 17.69 -48.69
CA THR D 221 -30.85 17.30 -50.03
C THR D 221 -29.52 16.55 -49.85
N ALA D 222 -28.70 16.94 -48.86
CA ALA D 222 -27.42 16.26 -48.48
C ALA D 222 -27.68 14.83 -47.96
N ALA D 223 -28.87 14.49 -47.47
CA ALA D 223 -29.21 13.16 -46.95
C ALA D 223 -30.14 12.41 -47.91
N LYS D 224 -30.04 12.65 -49.22
CA LYS D 224 -31.13 12.28 -50.17
C LYS D 224 -31.33 10.76 -50.16
N ASP D 225 -30.53 9.97 -50.89
CA ASP D 225 -30.63 8.49 -50.80
C ASP D 225 -29.34 7.88 -50.25
N VAL D 226 -28.64 8.59 -49.35
CA VAL D 226 -27.32 8.18 -48.78
C VAL D 226 -27.46 6.84 -48.06
N ASP D 227 -26.34 6.13 -47.97
CA ASP D 227 -26.17 4.80 -47.33
C ASP D 227 -25.74 5.00 -45.88
N PHE D 228 -25.01 6.09 -45.58
CA PHE D 228 -24.34 6.32 -44.29
C PHE D 228 -24.35 7.80 -43.92
N VAL D 229 -24.59 8.05 -42.64
CA VAL D 229 -24.72 9.40 -42.04
C VAL D 229 -23.63 9.53 -41.00
N HIS D 230 -22.76 10.53 -41.09
CA HIS D 230 -21.65 10.75 -40.12
C HIS D 230 -21.83 12.08 -39.39
N THR D 231 -21.36 12.19 -38.14
CA THR D 231 -20.88 13.46 -37.53
C THR D 231 -19.77 13.13 -36.54
N ASP D 232 -18.98 14.13 -36.16
CA ASP D 232 -18.11 14.10 -34.97
C ASP D 232 -18.72 15.08 -33.93
N VAL D 233 -18.12 15.15 -32.74
CA VAL D 233 -18.28 16.26 -31.75
C VAL D 233 -17.77 17.56 -32.38
N TRP D 234 -18.60 18.61 -32.36
CA TRP D 234 -18.29 19.95 -32.93
C TRP D 234 -18.07 21.00 -31.85
N VAL D 235 -18.70 20.86 -30.69
CA VAL D 235 -18.57 21.80 -29.54
C VAL D 235 -17.13 21.71 -29.02
N SER D 236 -16.32 22.75 -29.24
CA SER D 236 -14.89 22.80 -28.84
C SER D 236 -14.80 22.72 -27.31
N MET D 237 -14.21 21.63 -26.78
CA MET D 237 -14.04 21.43 -25.32
C MET D 237 -12.97 22.38 -24.77
N GLY D 238 -12.07 22.91 -25.62
CA GLY D 238 -10.97 23.82 -25.25
C GLY D 238 -11.46 25.08 -24.55
N GLU D 239 -12.65 25.59 -24.92
CA GLU D 239 -13.24 26.90 -24.51
C GLU D 239 -13.82 26.83 -23.11
N PRO D 240 -14.54 27.87 -22.61
CA PRO D 240 -15.44 27.71 -21.47
C PRO D 240 -16.67 26.90 -21.90
N ILE D 241 -17.63 26.77 -21.00
CA ILE D 241 -18.83 25.87 -21.13
C ILE D 241 -20.05 26.71 -21.55
N GLU D 242 -19.89 28.03 -21.62
CA GLU D 242 -20.99 29.05 -21.79
C GLU D 242 -20.95 29.66 -23.20
N SER D 243 -19.75 29.76 -23.79
CA SER D 243 -19.48 30.35 -25.14
C SER D 243 -20.41 29.74 -26.20
N TRP D 244 -20.96 28.56 -25.94
CA TRP D 244 -21.48 27.61 -26.95
C TRP D 244 -22.88 28.03 -27.44
N ALA D 245 -23.65 28.82 -26.68
CA ALA D 245 -25.07 29.16 -26.98
C ALA D 245 -25.23 29.72 -28.42
N GLU D 246 -24.19 30.41 -28.93
CA GLU D 246 -24.08 30.94 -30.33
C GLU D 246 -23.63 29.79 -31.26
N ARG D 247 -22.49 29.17 -30.93
CA ARG D 247 -21.97 27.91 -31.53
C ARG D 247 -23.13 26.91 -31.75
N ILE D 248 -23.84 26.57 -30.67
CA ILE D 248 -25.00 25.61 -30.63
C ILE D 248 -26.11 26.09 -31.57
N ASP D 249 -26.43 27.40 -31.49
CA ASP D 249 -27.53 28.11 -32.21
C ASP D 249 -27.42 27.81 -33.70
N ALA D 250 -26.21 27.96 -34.27
CA ALA D 250 -25.89 27.69 -35.69
C ALA D 250 -26.16 26.22 -36.01
N LEU D 251 -25.58 25.30 -35.23
CA LEU D 251 -25.37 23.87 -35.64
C LEU D 251 -26.60 23.01 -35.33
N MET D 252 -27.31 23.30 -34.24
CA MET D 252 -28.42 22.45 -33.71
C MET D 252 -29.47 22.16 -34.81
N ALA D 253 -29.45 22.87 -35.93
CA ALA D 253 -30.27 22.55 -37.13
C ALA D 253 -29.70 21.30 -37.83
N TYR D 254 -28.44 20.96 -37.55
CA TYR D 254 -27.63 19.90 -38.22
C TYR D 254 -27.23 18.80 -37.23
N GLN D 255 -28.02 18.61 -36.17
CA GLN D 255 -27.93 17.42 -35.29
C GLN D 255 -28.47 16.24 -36.09
N VAL D 256 -28.17 15.01 -35.63
CA VAL D 256 -28.68 13.74 -36.25
C VAL D 256 -29.78 13.14 -35.38
N ASN D 257 -31.03 13.14 -35.90
CA ASN D 257 -32.26 12.69 -35.19
C ASN D 257 -33.12 11.89 -36.16
N MET D 258 -34.16 11.22 -35.68
CA MET D 258 -34.92 10.22 -36.47
C MET D 258 -35.66 10.88 -37.66
N ASP D 259 -35.60 12.20 -37.80
CA ASP D 259 -36.10 12.94 -39.00
C ASP D 259 -35.03 12.91 -40.09
N LEU D 260 -33.78 13.25 -39.73
CA LEU D 260 -32.54 13.18 -40.57
C LEU D 260 -32.33 11.76 -41.11
N ILE D 261 -32.63 10.75 -40.29
CA ILE D 261 -32.55 9.32 -40.68
C ILE D 261 -33.76 8.98 -41.57
N LYS D 262 -34.94 9.52 -41.24
CA LYS D 262 -36.20 9.28 -42.01
C LYS D 262 -36.13 10.12 -43.30
N ALA D 263 -35.37 11.23 -43.27
CA ALA D 263 -35.22 12.17 -44.40
C ALA D 263 -34.75 11.41 -45.63
N THR D 264 -33.70 10.61 -45.49
CA THR D 264 -33.20 9.66 -46.51
C THR D 264 -34.40 8.80 -46.95
N GLY D 265 -34.56 8.59 -48.25
CA GLY D 265 -35.64 7.70 -48.74
C GLY D 265 -35.37 6.27 -48.33
N ASN D 266 -34.39 6.09 -47.42
CA ASN D 266 -33.55 4.87 -47.27
C ASN D 266 -33.75 4.28 -45.87
N PRO D 267 -34.53 3.18 -45.79
CA PRO D 267 -34.75 2.49 -44.53
C PRO D 267 -33.51 1.70 -44.06
N ARG D 268 -32.59 1.39 -45.00
CA ARG D 268 -31.35 0.59 -44.77
C ARG D 268 -30.18 1.49 -44.37
N VAL D 269 -30.41 2.79 -44.23
CA VAL D 269 -29.33 3.78 -43.91
C VAL D 269 -28.78 3.41 -42.55
N LYS D 270 -27.60 3.91 -42.22
CA LYS D 270 -26.97 3.64 -40.91
C LYS D 270 -26.21 4.88 -40.51
N PHE D 271 -25.98 5.01 -39.19
CA PHE D 271 -25.31 6.14 -38.52
C PHE D 271 -23.93 5.65 -38.10
N MET D 272 -22.94 6.55 -38.21
CA MET D 272 -21.52 6.33 -37.94
C MET D 272 -21.03 7.53 -37.14
N HIS D 273 -19.93 7.41 -36.41
CA HIS D 273 -19.35 8.44 -35.53
C HIS D 273 -17.98 7.92 -35.06
N CYS D 274 -16.97 8.77 -35.07
CA CYS D 274 -15.58 8.39 -34.76
C CYS D 274 -15.35 8.29 -33.23
N LEU D 275 -16.35 8.63 -32.41
CA LEU D 275 -16.32 8.74 -30.92
C LEU D 275 -15.11 9.54 -30.44
N PRO D 276 -15.17 10.15 -29.22
CA PRO D 276 -16.36 10.06 -28.35
C PRO D 276 -17.54 10.89 -28.88
N ALA D 277 -18.74 10.54 -28.44
CA ALA D 277 -20.02 11.16 -28.83
C ALA D 277 -20.80 11.60 -27.57
N PHE D 278 -21.24 12.88 -27.54
CA PHE D 278 -22.25 13.43 -26.58
C PHE D 278 -23.67 13.22 -27.15
N HIS D 279 -24.30 12.11 -26.75
CA HIS D 279 -25.53 11.54 -27.36
C HIS D 279 -26.64 11.48 -26.30
N ASN D 280 -26.28 11.86 -25.07
CA ASN D 280 -27.12 11.71 -23.85
C ASN D 280 -26.47 12.49 -22.70
N SER D 281 -27.19 12.56 -21.58
CA SER D 281 -26.68 13.00 -20.26
C SER D 281 -26.26 11.74 -19.50
N ASP D 282 -24.95 11.58 -19.30
CA ASP D 282 -24.34 10.37 -18.66
C ASP D 282 -22.93 10.69 -18.13
N THR D 283 -22.11 11.39 -18.93
CA THR D 283 -20.70 11.72 -18.60
C THR D 283 -20.68 12.86 -17.56
N GLU D 284 -19.49 13.18 -17.02
CA GLU D 284 -19.22 14.37 -16.17
C GLU D 284 -19.43 15.64 -16.99
N VAL D 285 -19.16 15.54 -18.30
CA VAL D 285 -19.33 16.62 -19.31
C VAL D 285 -20.76 16.57 -19.87
N GLY D 286 -21.39 15.40 -19.95
CA GLY D 286 -22.78 15.19 -20.39
C GLY D 286 -23.80 15.49 -19.30
N LYS D 287 -23.34 15.69 -18.05
CA LYS D 287 -24.11 16.29 -16.93
C LYS D 287 -23.92 17.82 -16.96
N LYS D 288 -22.66 18.30 -16.98
CA LYS D 288 -22.29 19.73 -16.81
C LYS D 288 -22.25 20.45 -18.17
N ILE D 289 -23.21 20.13 -19.04
CA ILE D 289 -23.54 20.86 -20.30
C ILE D 289 -25.07 20.95 -20.39
N THR D 290 -25.75 19.82 -20.18
CA THR D 290 -27.22 19.69 -20.23
C THR D 290 -27.86 20.57 -19.14
N GLU D 291 -27.11 20.84 -18.07
CA GLU D 291 -27.43 21.80 -16.97
C GLU D 291 -27.56 23.22 -17.52
N LYS D 292 -26.71 23.61 -18.48
CA LYS D 292 -26.63 24.97 -19.08
C LYS D 292 -27.76 25.14 -20.11
N TYR D 293 -27.80 24.29 -21.14
CA TYR D 293 -28.78 24.33 -22.27
C TYR D 293 -29.68 23.11 -22.12
N PRO D 294 -30.98 23.28 -21.76
CA PRO D 294 -31.81 22.16 -21.31
C PRO D 294 -32.35 21.30 -22.46
N GLN D 295 -32.19 21.78 -23.69
CA GLN D 295 -32.68 21.13 -24.95
C GLN D 295 -31.61 20.14 -25.45
N LEU D 296 -30.39 20.20 -24.92
CA LEU D 296 -29.26 19.29 -25.26
C LEU D 296 -29.20 18.08 -24.31
N ALA D 297 -30.25 17.83 -23.53
CA ALA D 297 -30.32 16.74 -22.53
C ALA D 297 -30.39 15.39 -23.23
N ASP D 298 -31.05 15.34 -24.39
CA ASP D 298 -31.19 14.13 -25.23
C ASP D 298 -30.14 14.16 -26.36
N GLY D 299 -29.03 14.88 -26.19
CA GLY D 299 -27.79 14.73 -27.00
C GLY D 299 -27.58 15.79 -28.08
N ILE D 300 -26.34 16.30 -28.15
CA ILE D 300 -25.84 17.47 -28.95
C ILE D 300 -25.85 17.20 -30.47
N GLU D 301 -24.88 16.43 -31.00
CA GLU D 301 -24.64 16.20 -32.47
C GLU D 301 -25.46 15.00 -32.99
N VAL D 302 -25.95 14.20 -32.04
CA VAL D 302 -26.82 13.02 -32.29
C VAL D 302 -27.73 12.78 -31.06
N THR D 303 -28.98 12.39 -31.32
CA THR D 303 -30.01 12.11 -30.28
C THR D 303 -29.81 10.68 -29.77
N GLU D 304 -29.80 10.49 -28.44
CA GLU D 304 -29.96 9.16 -27.80
C GLU D 304 -30.93 8.31 -28.63
N GLU D 305 -31.99 8.87 -29.19
CA GLU D 305 -33.03 8.07 -29.88
C GLU D 305 -32.39 7.18 -30.95
N VAL D 306 -31.50 7.72 -31.80
CA VAL D 306 -30.87 7.02 -32.98
C VAL D 306 -29.65 6.19 -32.50
N PHE D 307 -28.74 6.79 -31.74
CA PHE D 307 -27.52 6.16 -31.16
C PHE D 307 -27.89 4.84 -30.45
N GLU D 308 -29.08 4.74 -29.86
CA GLU D 308 -29.57 3.51 -29.17
C GLU D 308 -30.68 2.89 -30.03
N SER D 309 -30.46 2.84 -31.34
CA SER D 309 -31.35 2.18 -32.32
C SER D 309 -30.54 1.31 -33.27
N PRO D 310 -31.20 0.39 -34.01
CA PRO D 310 -30.57 -0.33 -35.12
C PRO D 310 -29.80 0.48 -36.18
N TYR D 311 -30.02 1.79 -36.25
CA TYR D 311 -29.34 2.70 -37.20
C TYR D 311 -27.87 2.90 -36.78
N ASN D 312 -27.52 2.69 -35.51
CA ASN D 312 -26.16 3.05 -34.99
C ASN D 312 -25.16 1.89 -35.17
N ILE D 313 -24.01 2.15 -35.80
CA ILE D 313 -22.96 1.11 -36.05
C ILE D 313 -21.56 1.62 -35.68
N ALA D 314 -21.44 2.70 -34.92
CA ALA D 314 -20.16 3.37 -34.60
C ALA D 314 -19.26 2.41 -33.86
N PHE D 315 -19.86 1.38 -33.26
CA PHE D 315 -19.20 0.35 -32.42
C PHE D 315 -18.51 -0.70 -33.32
N GLU D 316 -19.24 -1.33 -34.25
CA GLU D 316 -18.62 -2.09 -35.39
C GLU D 316 -17.48 -1.23 -35.96
N GLN D 317 -17.72 0.06 -36.17
CA GLN D 317 -16.79 0.97 -36.89
C GLN D 317 -15.57 1.17 -36.03
N ALA D 318 -15.68 1.07 -34.71
CA ALA D 318 -14.54 1.40 -33.82
C ALA D 318 -13.67 0.14 -33.68
N GLU D 319 -14.30 -1.04 -33.74
CA GLU D 319 -13.67 -2.37 -33.90
C GLU D 319 -12.84 -2.35 -35.19
N ASN D 320 -13.46 -1.89 -36.30
CA ASN D 320 -12.86 -1.90 -37.65
C ASN D 320 -11.60 -1.05 -37.64
N ARG D 321 -11.43 -0.19 -36.64
CA ARG D 321 -10.14 0.50 -36.36
C ARG D 321 -9.06 -0.50 -35.93
N MET D 322 -9.39 -1.53 -35.15
CA MET D 322 -8.42 -2.58 -34.67
C MET D 322 -7.83 -3.31 -35.91
N HIS D 323 -8.69 -3.86 -36.76
CA HIS D 323 -8.34 -4.55 -38.03
C HIS D 323 -7.49 -3.66 -38.93
N THR D 324 -7.80 -2.36 -38.98
CA THR D 324 -7.12 -1.43 -39.89
C THR D 324 -5.70 -1.20 -39.39
N ILE D 325 -5.58 -0.97 -38.08
CA ILE D 325 -4.25 -0.82 -37.43
C ILE D 325 -3.49 -2.14 -37.62
N LYS D 326 -4.18 -3.28 -37.52
CA LYS D 326 -3.54 -4.59 -37.73
C LYS D 326 -2.92 -4.56 -39.12
N ALA D 327 -3.73 -4.18 -40.12
CA ALA D 327 -3.31 -4.15 -41.54
C ALA D 327 -2.07 -3.26 -41.73
N VAL D 328 -1.93 -2.17 -40.98
CA VAL D 328 -0.75 -1.27 -41.08
C VAL D 328 0.43 -1.93 -40.37
N LEU D 329 0.19 -2.59 -39.24
CA LEU D 329 1.27 -3.27 -38.47
C LEU D 329 1.79 -4.46 -39.28
N VAL D 330 0.89 -5.19 -39.94
CA VAL D 330 1.28 -6.40 -40.70
C VAL D 330 2.04 -5.91 -41.94
N SER D 331 1.50 -4.93 -42.66
CA SER D 331 2.15 -4.33 -43.86
C SER D 331 3.52 -3.73 -43.55
N ALA D 332 3.82 -3.32 -42.33
CA ALA D 332 5.07 -2.62 -42.02
C ALA D 332 6.08 -3.54 -41.35
N LEU D 333 5.66 -4.57 -40.59
CA LEU D 333 6.57 -5.39 -39.73
C LEU D 333 6.48 -6.88 -40.05
N GLY D 334 5.51 -7.33 -40.83
CA GLY D 334 5.20 -8.77 -40.91
C GLY D 334 6.01 -9.58 -41.92
N ASN D 335 6.78 -8.92 -42.82
CA ASN D 335 7.19 -9.55 -44.11
C ASN D 335 5.88 -9.94 -44.82
N ILE D 336 5.77 -11.08 -45.51
CA ILE D 336 4.51 -11.44 -46.28
C ILE D 336 3.33 -11.68 -45.33
S SO4 E . -14.46 -8.96 70.07
O1 SO4 E . -14.05 -8.47 68.79
O2 SO4 E . -13.35 -9.72 70.62
O3 SO4 E . -14.75 -7.87 70.97
O4 SO4 E . -15.66 -9.73 69.92
#